data_1B5L
# 
_entry.id   1B5L 
# 
_audit_conform.dict_name       mmcif_pdbx.dic 
_audit_conform.dict_version    5.397 
_audit_conform.dict_location   http://mmcif.pdb.org/dictionaries/ascii/mmcif_pdbx.dic 
# 
loop_
_database_2.database_id 
_database_2.database_code 
_database_2.pdbx_database_accession 
_database_2.pdbx_DOI 
PDB   1B5L         pdb_00001b5l 10.2210/pdb1b5l/pdb 
WWPDB D_1000171490 ?            ?                   
# 
loop_
_pdbx_audit_revision_history.ordinal 
_pdbx_audit_revision_history.data_content_type 
_pdbx_audit_revision_history.major_revision 
_pdbx_audit_revision_history.minor_revision 
_pdbx_audit_revision_history.revision_date 
1 'Structure model' 1 0 1999-05-18 
2 'Structure model' 1 1 2008-03-24 
3 'Structure model' 1 2 2011-07-13 
4 'Structure model' 1 3 2024-06-05 
5 'Structure model' 1 4 2024-10-30 
# 
_pdbx_audit_revision_details.ordinal             1 
_pdbx_audit_revision_details.revision_ordinal    1 
_pdbx_audit_revision_details.data_content_type   'Structure model' 
_pdbx_audit_revision_details.provider            repository 
_pdbx_audit_revision_details.type                'Initial release' 
_pdbx_audit_revision_details.description         ? 
_pdbx_audit_revision_details.details             ? 
# 
loop_
_pdbx_audit_revision_group.ordinal 
_pdbx_audit_revision_group.revision_ordinal 
_pdbx_audit_revision_group.data_content_type 
_pdbx_audit_revision_group.group 
1 2 'Structure model' 'Version format compliance' 
2 3 'Structure model' 'Version format compliance' 
3 4 'Structure model' 'Data collection'           
4 4 'Structure model' 'Database references'       
5 4 'Structure model' 'Derived calculations'      
6 4 'Structure model' Other                       
7 5 'Structure model' 'Structure summary'         
# 
loop_
_pdbx_audit_revision_category.ordinal 
_pdbx_audit_revision_category.revision_ordinal 
_pdbx_audit_revision_category.data_content_type 
_pdbx_audit_revision_category.category 
1 4 'Structure model' chem_comp_atom            
2 4 'Structure model' chem_comp_bond            
3 4 'Structure model' database_2                
4 4 'Structure model' pdbx_database_status      
5 4 'Structure model' struct_site               
6 5 'Structure model' pdbx_entry_details        
7 5 'Structure model' pdbx_modification_feature 
# 
loop_
_pdbx_audit_revision_item.ordinal 
_pdbx_audit_revision_item.revision_ordinal 
_pdbx_audit_revision_item.data_content_type 
_pdbx_audit_revision_item.item 
1 4 'Structure model' '_database_2.pdbx_DOI'                
2 4 'Structure model' '_database_2.pdbx_database_accession' 
3 4 'Structure model' '_pdbx_database_status.process_site'  
4 4 'Structure model' '_struct_site.pdbx_auth_asym_id'      
5 4 'Structure model' '_struct_site.pdbx_auth_comp_id'      
6 4 'Structure model' '_struct_site.pdbx_auth_seq_id'       
# 
_pdbx_database_status.status_code                     REL 
_pdbx_database_status.entry_id                        1B5L 
_pdbx_database_status.recvd_initial_deposition_date   1999-01-07 
_pdbx_database_status.deposit_site                    ? 
_pdbx_database_status.process_site                    BNL 
_pdbx_database_status.status_code_sf                  REL 
_pdbx_database_status.status_code_mr                  ? 
_pdbx_database_status.SG_entry                        ? 
_pdbx_database_status.pdb_format_compatible           Y 
_pdbx_database_status.status_code_cs                  ? 
_pdbx_database_status.status_code_nmr_data            ? 
_pdbx_database_status.methods_development_category    ? 
# 
loop_
_audit_author.name 
_audit_author.pdbx_ordinal 
'Radhakrishnan, R.' 1 
'Walter, L.J.'      2 
'Subramaniam, P.S.' 3 
'Johnson, H.J.'     4 
'Walter, M.R.'      5 
# 
_citation.id                        primary 
_citation.title                     'Crystal structure of ovine interferon-tau at 2.1 A resolution.' 
_citation.journal_abbrev            J.Mol.Biol. 
_citation.journal_volume            286 
_citation.page_first                151 
_citation.page_last                 162 
_citation.year                      1999 
_citation.journal_id_ASTM           JMOBAK 
_citation.country                   UK 
_citation.journal_id_ISSN           0022-2836 
_citation.journal_id_CSD            0070 
_citation.book_publisher            ? 
_citation.pdbx_database_id_PubMed   9931256 
_citation.pdbx_database_id_DOI      10.1006/jmbi.1998.2480 
# 
loop_
_citation_author.citation_id 
_citation_author.name 
_citation_author.ordinal 
_citation_author.identifier_ORCID 
primary 'Radhakrishnan, R.' 1 ? 
primary 'Walter, L.J.'      2 ? 
primary 'Subramaniam, P.S.' 3 ? 
primary 'Johnson, H.M.'     4 ? 
primary 'Walter, M.R.'      5 ? 
# 
loop_
_entity.id 
_entity.type 
_entity.src_method 
_entity.pdbx_description 
_entity.formula_weight 
_entity.pdbx_number_of_molecules 
_entity.pdbx_ec 
_entity.pdbx_mutation 
_entity.pdbx_fragment 
_entity.details 
1 polymer     man 'INTERFERON TAU' 19935.689 1  ? ? ? ? 
2 non-polymer syn 'SULFATE ION'    96.063    2  ? ? ? ? 
3 water       nat water            18.015    87 ? ? ? ? 
# 
_entity_poly.entity_id                      1 
_entity_poly.type                           'polypeptide(L)' 
_entity_poly.nstd_linkage                   no 
_entity_poly.nstd_monomer                   no 
_entity_poly.pdbx_seq_one_letter_code       
;CYLSRKLMLDARENLKLLDRMNRLSPHSCLQDRKDFGLPQEMVEGDQLQKDQAFPVLYEMLQQSFNLFYTEHSSAAWDTT
LLEQLCTGLQQQLDHLDTCRGQVMGEEDSELGNMDPIVTVKKYFQGIYDYLQEKGYSDCAWEIVRVEMMRALTVSTTLQK
RLTKMGGDLNSP
;
_entity_poly.pdbx_seq_one_letter_code_can   
;CYLSRKLMLDARENLKLLDRMNRLSPHSCLQDRKDFGLPQEMVEGDQLQKDQAFPVLYEMLQQSFNLFYTEHSSAAWDTT
LLEQLCTGLQQQLDHLDTCRGQVMGEEDSELGNMDPIVTVKKYFQGIYDYLQEKGYSDCAWEIVRVEMMRALTVSTTLQK
RLTKMGGDLNSP
;
_entity_poly.pdbx_strand_id                 A 
_entity_poly.pdbx_target_identifier         ? 
# 
loop_
_pdbx_entity_nonpoly.entity_id 
_pdbx_entity_nonpoly.name 
_pdbx_entity_nonpoly.comp_id 
2 'SULFATE ION' SO4 
3 water         HOH 
# 
loop_
_entity_poly_seq.entity_id 
_entity_poly_seq.num 
_entity_poly_seq.mon_id 
_entity_poly_seq.hetero 
1 1   CYS n 
1 2   TYR n 
1 3   LEU n 
1 4   SER n 
1 5   ARG n 
1 6   LYS n 
1 7   LEU n 
1 8   MET n 
1 9   LEU n 
1 10  ASP n 
1 11  ALA n 
1 12  ARG n 
1 13  GLU n 
1 14  ASN n 
1 15  LEU n 
1 16  LYS n 
1 17  LEU n 
1 18  LEU n 
1 19  ASP n 
1 20  ARG n 
1 21  MET n 
1 22  ASN n 
1 23  ARG n 
1 24  LEU n 
1 25  SER n 
1 26  PRO n 
1 27  HIS n 
1 28  SER n 
1 29  CYS n 
1 30  LEU n 
1 31  GLN n 
1 32  ASP n 
1 33  ARG n 
1 34  LYS n 
1 35  ASP n 
1 36  PHE n 
1 37  GLY n 
1 38  LEU n 
1 39  PRO n 
1 40  GLN n 
1 41  GLU n 
1 42  MET n 
1 43  VAL n 
1 44  GLU n 
1 45  GLY n 
1 46  ASP n 
1 47  GLN n 
1 48  LEU n 
1 49  GLN n 
1 50  LYS n 
1 51  ASP n 
1 52  GLN n 
1 53  ALA n 
1 54  PHE n 
1 55  PRO n 
1 56  VAL n 
1 57  LEU n 
1 58  TYR n 
1 59  GLU n 
1 60  MET n 
1 61  LEU n 
1 62  GLN n 
1 63  GLN n 
1 64  SER n 
1 65  PHE n 
1 66  ASN n 
1 67  LEU n 
1 68  PHE n 
1 69  TYR n 
1 70  THR n 
1 71  GLU n 
1 72  HIS n 
1 73  SER n 
1 74  SER n 
1 75  ALA n 
1 76  ALA n 
1 77  TRP n 
1 78  ASP n 
1 79  THR n 
1 80  THR n 
1 81  LEU n 
1 82  LEU n 
1 83  GLU n 
1 84  GLN n 
1 85  LEU n 
1 86  CYS n 
1 87  THR n 
1 88  GLY n 
1 89  LEU n 
1 90  GLN n 
1 91  GLN n 
1 92  GLN n 
1 93  LEU n 
1 94  ASP n 
1 95  HIS n 
1 96  LEU n 
1 97  ASP n 
1 98  THR n 
1 99  CYS n 
1 100 ARG n 
1 101 GLY n 
1 102 GLN n 
1 103 VAL n 
1 104 MET n 
1 105 GLY n 
1 106 GLU n 
1 107 GLU n 
1 108 ASP n 
1 109 SER n 
1 110 GLU n 
1 111 LEU n 
1 112 GLY n 
1 113 ASN n 
1 114 MET n 
1 115 ASP n 
1 116 PRO n 
1 117 ILE n 
1 118 VAL n 
1 119 THR n 
1 120 VAL n 
1 121 LYS n 
1 122 LYS n 
1 123 TYR n 
1 124 PHE n 
1 125 GLN n 
1 126 GLY n 
1 127 ILE n 
1 128 TYR n 
1 129 ASP n 
1 130 TYR n 
1 131 LEU n 
1 132 GLN n 
1 133 GLU n 
1 134 LYS n 
1 135 GLY n 
1 136 TYR n 
1 137 SER n 
1 138 ASP n 
1 139 CYS n 
1 140 ALA n 
1 141 TRP n 
1 142 GLU n 
1 143 ILE n 
1 144 VAL n 
1 145 ARG n 
1 146 VAL n 
1 147 GLU n 
1 148 MET n 
1 149 MET n 
1 150 ARG n 
1 151 ALA n 
1 152 LEU n 
1 153 THR n 
1 154 VAL n 
1 155 SER n 
1 156 THR n 
1 157 THR n 
1 158 LEU n 
1 159 GLN n 
1 160 LYS n 
1 161 ARG n 
1 162 LEU n 
1 163 THR n 
1 164 LYS n 
1 165 MET n 
1 166 GLY n 
1 167 GLY n 
1 168 ASP n 
1 169 LEU n 
1 170 ASN n 
1 171 SER n 
1 172 PRO n 
# 
_entity_src_gen.entity_id                          1 
_entity_src_gen.pdbx_src_id                        1 
_entity_src_gen.pdbx_alt_source_flag               sample 
_entity_src_gen.pdbx_seq_type                      ? 
_entity_src_gen.pdbx_beg_seq_num                   ? 
_entity_src_gen.pdbx_end_seq_num                   ? 
_entity_src_gen.gene_src_common_name               ? 
_entity_src_gen.gene_src_genus                     Pichia 
_entity_src_gen.pdbx_gene_src_gene                 ? 
_entity_src_gen.gene_src_species                   ? 
_entity_src_gen.gene_src_strain                    ? 
_entity_src_gen.gene_src_tissue                    ? 
_entity_src_gen.gene_src_tissue_fraction           ? 
_entity_src_gen.gene_src_details                   ? 
_entity_src_gen.pdbx_gene_src_fragment             ? 
_entity_src_gen.pdbx_gene_src_scientific_name      'Pichia pastoris' 
_entity_src_gen.pdbx_gene_src_ncbi_taxonomy_id     4922 
_entity_src_gen.pdbx_gene_src_variant              ? 
_entity_src_gen.pdbx_gene_src_cell_line            ? 
_entity_src_gen.pdbx_gene_src_atcc                 ? 
_entity_src_gen.pdbx_gene_src_organ                ? 
_entity_src_gen.pdbx_gene_src_organelle            ? 
_entity_src_gen.pdbx_gene_src_cell                 ? 
_entity_src_gen.pdbx_gene_src_cellular_location    ? 
_entity_src_gen.host_org_common_name               ? 
_entity_src_gen.pdbx_host_org_scientific_name      'Pichia pastoris' 
_entity_src_gen.pdbx_host_org_ncbi_taxonomy_id     4922 
_entity_src_gen.host_org_genus                     Pichia 
_entity_src_gen.pdbx_host_org_gene                 ? 
_entity_src_gen.pdbx_host_org_organ                ? 
_entity_src_gen.host_org_species                   ? 
_entity_src_gen.pdbx_host_org_tissue               ? 
_entity_src_gen.pdbx_host_org_tissue_fraction      ? 
_entity_src_gen.pdbx_host_org_strain               ? 
_entity_src_gen.pdbx_host_org_variant              ? 
_entity_src_gen.pdbx_host_org_cell_line            ? 
_entity_src_gen.pdbx_host_org_atcc                 ? 
_entity_src_gen.pdbx_host_org_culture_collection   ? 
_entity_src_gen.pdbx_host_org_cell                 ? 
_entity_src_gen.pdbx_host_org_organelle            ? 
_entity_src_gen.pdbx_host_org_cellular_location    ? 
_entity_src_gen.pdbx_host_org_vector_type          ? 
_entity_src_gen.pdbx_host_org_vector               ? 
_entity_src_gen.host_org_details                   ? 
_entity_src_gen.expression_system_id               ? 
_entity_src_gen.plasmid_name                       ? 
_entity_src_gen.plasmid_details                    ? 
_entity_src_gen.pdbx_description                   ? 
# 
loop_
_chem_comp.id 
_chem_comp.type 
_chem_comp.mon_nstd_flag 
_chem_comp.name 
_chem_comp.pdbx_synonyms 
_chem_comp.formula 
_chem_comp.formula_weight 
ALA 'L-peptide linking' y ALANINE         ? 'C3 H7 N O2'     89.093  
ARG 'L-peptide linking' y ARGININE        ? 'C6 H15 N4 O2 1' 175.209 
ASN 'L-peptide linking' y ASPARAGINE      ? 'C4 H8 N2 O3'    132.118 
ASP 'L-peptide linking' y 'ASPARTIC ACID' ? 'C4 H7 N O4'     133.103 
CYS 'L-peptide linking' y CYSTEINE        ? 'C3 H7 N O2 S'   121.158 
GLN 'L-peptide linking' y GLUTAMINE       ? 'C5 H10 N2 O3'   146.144 
GLU 'L-peptide linking' y 'GLUTAMIC ACID' ? 'C5 H9 N O4'     147.129 
GLY 'peptide linking'   y GLYCINE         ? 'C2 H5 N O2'     75.067  
HIS 'L-peptide linking' y HISTIDINE       ? 'C6 H10 N3 O2 1' 156.162 
HOH non-polymer         . WATER           ? 'H2 O'           18.015  
ILE 'L-peptide linking' y ISOLEUCINE      ? 'C6 H13 N O2'    131.173 
LEU 'L-peptide linking' y LEUCINE         ? 'C6 H13 N O2'    131.173 
LYS 'L-peptide linking' y LYSINE          ? 'C6 H15 N2 O2 1' 147.195 
MET 'L-peptide linking' y METHIONINE      ? 'C5 H11 N O2 S'  149.211 
PHE 'L-peptide linking' y PHENYLALANINE   ? 'C9 H11 N O2'    165.189 
PRO 'L-peptide linking' y PROLINE         ? 'C5 H9 N O2'     115.130 
SER 'L-peptide linking' y SERINE          ? 'C3 H7 N O3'     105.093 
SO4 non-polymer         . 'SULFATE ION'   ? 'O4 S -2'        96.063  
THR 'L-peptide linking' y THREONINE       ? 'C4 H9 N O3'     119.119 
TRP 'L-peptide linking' y TRYPTOPHAN      ? 'C11 H12 N2 O2'  204.225 
TYR 'L-peptide linking' y TYROSINE        ? 'C9 H11 N O3'    181.189 
VAL 'L-peptide linking' y VALINE          ? 'C5 H11 N O2'    117.146 
# 
loop_
_pdbx_poly_seq_scheme.asym_id 
_pdbx_poly_seq_scheme.entity_id 
_pdbx_poly_seq_scheme.seq_id 
_pdbx_poly_seq_scheme.mon_id 
_pdbx_poly_seq_scheme.ndb_seq_num 
_pdbx_poly_seq_scheme.pdb_seq_num 
_pdbx_poly_seq_scheme.auth_seq_num 
_pdbx_poly_seq_scheme.pdb_mon_id 
_pdbx_poly_seq_scheme.auth_mon_id 
_pdbx_poly_seq_scheme.pdb_strand_id 
_pdbx_poly_seq_scheme.pdb_ins_code 
_pdbx_poly_seq_scheme.hetero 
A 1 1   CYS 1   1   1   CYS CYS A . n 
A 1 2   TYR 2   2   2   TYR TYR A . n 
A 1 3   LEU 3   3   3   LEU LEU A . n 
A 1 4   SER 4   4   4   SER SER A . n 
A 1 5   ARG 5   5   5   ARG ARG A . n 
A 1 6   LYS 6   6   6   LYS LYS A . n 
A 1 7   LEU 7   7   7   LEU LEU A . n 
A 1 8   MET 8   8   8   MET MET A . n 
A 1 9   LEU 9   9   9   LEU LEU A . n 
A 1 10  ASP 10  10  10  ASP ASP A . n 
A 1 11  ALA 11  11  11  ALA ALA A . n 
A 1 12  ARG 12  12  12  ARG ARG A . n 
A 1 13  GLU 13  13  13  GLU GLU A . n 
A 1 14  ASN 14  14  14  ASN ASN A . n 
A 1 15  LEU 15  15  15  LEU LEU A . n 
A 1 16  LYS 16  16  16  LYS LYS A . n 
A 1 17  LEU 17  17  17  LEU LEU A . n 
A 1 18  LEU 18  18  18  LEU LEU A . n 
A 1 19  ASP 19  19  19  ASP ASP A . n 
A 1 20  ARG 20  20  20  ARG ARG A . n 
A 1 21  MET 21  21  21  MET MET A . n 
A 1 22  ASN 22  22  22  ASN ASN A . n 
A 1 23  ARG 23  23  23  ARG ARG A . n 
A 1 24  LEU 24  24  24  LEU LEU A . n 
A 1 25  SER 25  25  25  SER SER A . n 
A 1 26  PRO 26  26  26  PRO PRO A . n 
A 1 27  HIS 27  27  27  HIS HIS A . n 
A 1 28  SER 28  28  28  SER SER A . n 
A 1 29  CYS 29  29  29  CYS CYS A . n 
A 1 30  LEU 30  30  30  LEU LEU A . n 
A 1 31  GLN 31  31  31  GLN GLN A . n 
A 1 32  ASP 32  32  32  ASP ASP A . n 
A 1 33  ARG 33  33  33  ARG ARG A . n 
A 1 34  LYS 34  34  34  LYS LYS A . n 
A 1 35  ASP 35  35  35  ASP ASP A . n 
A 1 36  PHE 36  36  36  PHE PHE A . n 
A 1 37  GLY 37  37  37  GLY GLY A . n 
A 1 38  LEU 38  38  38  LEU LEU A . n 
A 1 39  PRO 39  39  39  PRO PRO A . n 
A 1 40  GLN 40  40  40  GLN GLN A . n 
A 1 41  GLU 41  41  41  GLU GLU A . n 
A 1 42  MET 42  42  42  MET MET A . n 
A 1 43  VAL 43  43  43  VAL VAL A . n 
A 1 44  GLU 44  44  44  GLU GLU A . n 
A 1 45  GLY 45  45  45  GLY GLY A . n 
A 1 46  ASP 46  46  46  ASP ASP A . n 
A 1 47  GLN 47  47  47  GLN GLN A . n 
A 1 48  LEU 48  48  48  LEU LEU A . n 
A 1 49  GLN 49  49  49  GLN GLN A . n 
A 1 50  LYS 50  50  50  LYS LYS A . n 
A 1 51  ASP 51  51  51  ASP ASP A . n 
A 1 52  GLN 52  52  52  GLN GLN A . n 
A 1 53  ALA 53  53  53  ALA ALA A . n 
A 1 54  PHE 54  54  54  PHE PHE A . n 
A 1 55  PRO 55  55  55  PRO PRO A . n 
A 1 56  VAL 56  56  56  VAL VAL A . n 
A 1 57  LEU 57  57  57  LEU LEU A . n 
A 1 58  TYR 58  58  58  TYR TYR A . n 
A 1 59  GLU 59  59  59  GLU GLU A . n 
A 1 60  MET 60  60  60  MET MET A . n 
A 1 61  LEU 61  61  61  LEU LEU A . n 
A 1 62  GLN 62  62  62  GLN GLN A . n 
A 1 63  GLN 63  63  63  GLN GLN A . n 
A 1 64  SER 64  64  64  SER SER A . n 
A 1 65  PHE 65  65  65  PHE PHE A . n 
A 1 66  ASN 66  66  66  ASN ASN A . n 
A 1 67  LEU 67  67  67  LEU LEU A . n 
A 1 68  PHE 68  68  68  PHE PHE A . n 
A 1 69  TYR 69  69  69  TYR TYR A . n 
A 1 70  THR 70  70  70  THR THR A . n 
A 1 71  GLU 71  71  71  GLU GLU A . n 
A 1 72  HIS 72  72  72  HIS HIS A . n 
A 1 73  SER 73  73  73  SER SER A . n 
A 1 74  SER 74  74  74  SER SER A . n 
A 1 75  ALA 75  75  75  ALA ALA A . n 
A 1 76  ALA 76  76  76  ALA ALA A . n 
A 1 77  TRP 77  77  77  TRP TRP A . n 
A 1 78  ASP 78  78  78  ASP ASP A . n 
A 1 79  THR 79  79  79  THR THR A . n 
A 1 80  THR 80  80  80  THR THR A . n 
A 1 81  LEU 81  81  81  LEU LEU A . n 
A 1 82  LEU 82  82  82  LEU LEU A . n 
A 1 83  GLU 83  83  83  GLU GLU A . n 
A 1 84  GLN 84  84  84  GLN GLN A . n 
A 1 85  LEU 85  85  85  LEU LEU A . n 
A 1 86  CYS 86  86  86  CYS CYS A . n 
A 1 87  THR 87  87  87  THR THR A . n 
A 1 88  GLY 88  88  88  GLY GLY A . n 
A 1 89  LEU 89  89  89  LEU LEU A . n 
A 1 90  GLN 90  90  90  GLN GLN A . n 
A 1 91  GLN 91  91  91  GLN GLN A . n 
A 1 92  GLN 92  92  92  GLN GLN A . n 
A 1 93  LEU 93  93  93  LEU LEU A . n 
A 1 94  ASP 94  94  94  ASP ASP A . n 
A 1 95  HIS 95  95  95  HIS HIS A . n 
A 1 96  LEU 96  96  96  LEU LEU A . n 
A 1 97  ASP 97  97  97  ASP ASP A . n 
A 1 98  THR 98  98  98  THR THR A . n 
A 1 99  CYS 99  99  99  CYS CYS A . n 
A 1 100 ARG 100 100 100 ARG ARG A . n 
A 1 101 GLY 101 101 101 GLY GLY A . n 
A 1 102 GLN 102 102 ?   ?   ?   A . n 
A 1 103 VAL 103 103 ?   ?   ?   A . n 
A 1 104 MET 104 104 ?   ?   ?   A . n 
A 1 105 GLY 105 105 ?   ?   ?   A . n 
A 1 106 GLU 106 106 ?   ?   ?   A . n 
A 1 107 GLU 107 107 ?   ?   ?   A . n 
A 1 108 ASP 108 108 ?   ?   ?   A . n 
A 1 109 SER 109 109 ?   ?   ?   A . n 
A 1 110 GLU 110 110 ?   ?   ?   A . n 
A 1 111 LEU 111 111 ?   ?   ?   A . n 
A 1 112 GLY 112 112 ?   ?   ?   A . n 
A 1 113 ASN 113 113 ?   ?   ?   A . n 
A 1 114 MET 114 114 114 MET MET A . n 
A 1 115 ASP 115 115 115 ASP ASP A . n 
A 1 116 PRO 116 116 116 PRO PRO A . n 
A 1 117 ILE 117 117 117 ILE ILE A . n 
A 1 118 VAL 118 118 118 VAL VAL A . n 
A 1 119 THR 119 119 119 THR THR A . n 
A 1 120 VAL 120 120 120 VAL VAL A . n 
A 1 121 LYS 121 121 121 LYS LYS A . n 
A 1 122 LYS 122 122 122 LYS LYS A . n 
A 1 123 TYR 123 123 123 TYR TYR A . n 
A 1 124 PHE 124 124 124 PHE PHE A . n 
A 1 125 GLN 125 125 125 GLN GLN A . n 
A 1 126 GLY 126 126 126 GLY GLY A . n 
A 1 127 ILE 127 127 127 ILE ILE A . n 
A 1 128 TYR 128 128 128 TYR TYR A . n 
A 1 129 ASP 129 129 129 ASP ASP A . n 
A 1 130 TYR 130 130 130 TYR TYR A . n 
A 1 131 LEU 131 131 131 LEU LEU A . n 
A 1 132 GLN 132 132 132 GLN GLN A . n 
A 1 133 GLU 133 133 133 GLU GLU A . n 
A 1 134 LYS 134 134 134 LYS LYS A . n 
A 1 135 GLY 135 135 135 GLY GLY A . n 
A 1 136 TYR 136 136 136 TYR TYR A . n 
A 1 137 SER 137 137 137 SER SER A . n 
A 1 138 ASP 138 138 138 ASP ASP A . n 
A 1 139 CYS 139 139 139 CYS CYS A . n 
A 1 140 ALA 140 140 140 ALA ALA A . n 
A 1 141 TRP 141 141 141 TRP TRP A . n 
A 1 142 GLU 142 142 142 GLU GLU A . n 
A 1 143 ILE 143 143 143 ILE ILE A . n 
A 1 144 VAL 144 144 144 VAL VAL A . n 
A 1 145 ARG 145 145 145 ARG ARG A . n 
A 1 146 VAL 146 146 146 VAL VAL A . n 
A 1 147 GLU 147 147 147 GLU GLU A . n 
A 1 148 MET 148 148 148 MET MET A . n 
A 1 149 MET 149 149 149 MET MET A . n 
A 1 150 ARG 150 150 150 ARG ARG A . n 
A 1 151 ALA 151 151 151 ALA ALA A . n 
A 1 152 LEU 152 152 152 LEU LEU A . n 
A 1 153 THR 153 153 153 THR THR A . n 
A 1 154 VAL 154 154 154 VAL VAL A . n 
A 1 155 SER 155 155 155 SER SER A . n 
A 1 156 THR 156 156 156 THR THR A . n 
A 1 157 THR 157 157 157 THR THR A . n 
A 1 158 LEU 158 158 158 LEU LEU A . n 
A 1 159 GLN 159 159 159 GLN GLN A . n 
A 1 160 LYS 160 160 160 LYS LYS A . n 
A 1 161 ARG 161 161 161 ARG ARG A . n 
A 1 162 LEU 162 162 162 LEU LEU A . n 
A 1 163 THR 163 163 163 THR THR A . n 
A 1 164 LYS 164 164 164 LYS LYS A . n 
A 1 165 MET 165 165 ?   ?   ?   A . n 
A 1 166 GLY 166 166 ?   ?   ?   A . n 
A 1 167 GLY 167 167 ?   ?   ?   A . n 
A 1 168 ASP 168 168 ?   ?   ?   A . n 
A 1 169 LEU 169 169 ?   ?   ?   A . n 
A 1 170 ASN 170 170 ?   ?   ?   A . n 
A 1 171 SER 171 171 ?   ?   ?   A . n 
A 1 172 PRO 172 172 ?   ?   ?   A . n 
# 
loop_
_pdbx_nonpoly_scheme.asym_id 
_pdbx_nonpoly_scheme.entity_id 
_pdbx_nonpoly_scheme.mon_id 
_pdbx_nonpoly_scheme.ndb_seq_num 
_pdbx_nonpoly_scheme.pdb_seq_num 
_pdbx_nonpoly_scheme.auth_seq_num 
_pdbx_nonpoly_scheme.pdb_mon_id 
_pdbx_nonpoly_scheme.auth_mon_id 
_pdbx_nonpoly_scheme.pdb_strand_id 
_pdbx_nonpoly_scheme.pdb_ins_code 
B 2 SO4 1  201 201 SO4 SO4 A . 
C 2 SO4 1  202 202 SO4 SO4 A . 
D 3 HOH 1  301 301 HOH HOH A . 
D 3 HOH 2  302 302 HOH HOH A . 
D 3 HOH 3  304 304 HOH HOH A . 
D 3 HOH 4  305 305 HOH HOH A . 
D 3 HOH 5  306 306 HOH HOH A . 
D 3 HOH 6  307 307 HOH HOH A . 
D 3 HOH 7  308 308 HOH HOH A . 
D 3 HOH 8  309 309 HOH HOH A . 
D 3 HOH 9  310 310 HOH HOH A . 
D 3 HOH 10 311 311 HOH HOH A . 
D 3 HOH 11 312 312 HOH HOH A . 
D 3 HOH 12 314 314 HOH HOH A . 
D 3 HOH 13 316 316 HOH HOH A . 
D 3 HOH 14 402 402 HOH HOH A . 
D 3 HOH 15 403 403 HOH HOH A . 
D 3 HOH 16 404 404 HOH HOH A . 
D 3 HOH 17 408 408 HOH HOH A . 
D 3 HOH 18 414 414 HOH HOH A . 
D 3 HOH 19 419 419 HOH HOH A . 
D 3 HOH 20 423 423 HOH HOH A . 
D 3 HOH 21 426 426 HOH HOH A . 
D 3 HOH 22 427 427 HOH HOH A . 
D 3 HOH 23 428 428 HOH HOH A . 
D 3 HOH 24 431 431 HOH HOH A . 
D 3 HOH 25 432 432 HOH HOH A . 
D 3 HOH 26 437 437 HOH HOH A . 
D 3 HOH 27 438 438 HOH HOH A . 
D 3 HOH 28 439 439 HOH HOH A . 
D 3 HOH 29 440 440 HOH HOH A . 
D 3 HOH 30 444 444 HOH HOH A . 
D 3 HOH 31 445 445 HOH HOH A . 
D 3 HOH 32 450 450 HOH HOH A . 
D 3 HOH 33 453 453 HOH HOH A . 
D 3 HOH 34 464 464 HOH HOH A . 
D 3 HOH 35 468 468 HOH HOH A . 
D 3 HOH 36 470 470 HOH HOH A . 
D 3 HOH 37 475 475 HOH HOH A . 
D 3 HOH 38 477 477 HOH HOH A . 
D 3 HOH 39 479 479 HOH HOH A . 
D 3 HOH 40 486 486 HOH HOH A . 
D 3 HOH 41 489 489 HOH HOH A . 
D 3 HOH 42 493 493 HOH HOH A . 
D 3 HOH 43 497 497 HOH HOH A . 
D 3 HOH 44 502 502 HOH HOH A . 
D 3 HOH 45 503 503 HOH HOH A . 
D 3 HOH 46 505 505 HOH HOH A . 
D 3 HOH 47 508 508 HOH HOH A . 
D 3 HOH 48 511 511 HOH HOH A . 
D 3 HOH 49 515 515 HOH HOH A . 
D 3 HOH 50 536 536 HOH HOH A . 
D 3 HOH 51 540 540 HOH HOH A . 
D 3 HOH 52 542 542 HOH HOH A . 
D 3 HOH 53 544 544 HOH HOH A . 
D 3 HOH 54 545 545 HOH HOH A . 
D 3 HOH 55 548 548 HOH HOH A . 
D 3 HOH 56 549 549 HOH HOH A . 
D 3 HOH 57 552 552 HOH HOH A . 
D 3 HOH 58 556 556 HOH HOH A . 
D 3 HOH 59 560 560 HOH HOH A . 
D 3 HOH 60 561 561 HOH HOH A . 
D 3 HOH 61 564 564 HOH HOH A . 
D 3 HOH 62 565 565 HOH HOH A . 
D 3 HOH 63 566 566 HOH HOH A . 
D 3 HOH 64 571 571 HOH HOH A . 
D 3 HOH 65 573 573 HOH HOH A . 
D 3 HOH 66 574 574 HOH HOH A . 
D 3 HOH 67 575 575 HOH HOH A . 
D 3 HOH 68 585 585 HOH HOH A . 
D 3 HOH 69 594 594 HOH HOH A . 
D 3 HOH 70 596 596 HOH HOH A . 
D 3 HOH 71 601 601 HOH HOH A . 
D 3 HOH 72 626 626 HOH HOH A . 
D 3 HOH 73 632 632 HOH HOH A . 
D 3 HOH 74 634 634 HOH HOH A . 
D 3 HOH 75 639 639 HOH HOH A . 
D 3 HOH 76 640 640 HOH HOH A . 
D 3 HOH 77 650 650 HOH HOH A . 
D 3 HOH 78 651 651 HOH HOH A . 
D 3 HOH 79 657 657 HOH HOH A . 
D 3 HOH 80 662 662 HOH HOH A . 
D 3 HOH 81 664 664 HOH HOH A . 
D 3 HOH 82 666 666 HOH HOH A . 
D 3 HOH 83 675 675 HOH HOH A . 
D 3 HOH 84 676 676 HOH HOH A . 
D 3 HOH 85 684 684 HOH HOH A . 
D 3 HOH 86 687 687 HOH HOH A . 
D 3 HOH 87 717 717 HOH HOH A . 
# 
loop_
_pdbx_unobs_or_zero_occ_atoms.id 
_pdbx_unobs_or_zero_occ_atoms.PDB_model_num 
_pdbx_unobs_or_zero_occ_atoms.polymer_flag 
_pdbx_unobs_or_zero_occ_atoms.occupancy_flag 
_pdbx_unobs_or_zero_occ_atoms.auth_asym_id 
_pdbx_unobs_or_zero_occ_atoms.auth_comp_id 
_pdbx_unobs_or_zero_occ_atoms.auth_seq_id 
_pdbx_unobs_or_zero_occ_atoms.PDB_ins_code 
_pdbx_unobs_or_zero_occ_atoms.auth_atom_id 
_pdbx_unobs_or_zero_occ_atoms.label_alt_id 
_pdbx_unobs_or_zero_occ_atoms.label_asym_id 
_pdbx_unobs_or_zero_occ_atoms.label_comp_id 
_pdbx_unobs_or_zero_occ_atoms.label_seq_id 
_pdbx_unobs_or_zero_occ_atoms.label_atom_id 
1  1 Y 1 A ASP 115 ? CG  ? A ASP 115 CG  
2  1 Y 1 A ASP 115 ? OD1 ? A ASP 115 OD1 
3  1 Y 1 A ASP 115 ? OD2 ? A ASP 115 OD2 
4  1 Y 1 A GLN 125 ? CG  ? A GLN 125 CG  
5  1 Y 1 A GLN 125 ? CD  ? A GLN 125 CD  
6  1 Y 1 A GLN 125 ? OE1 ? A GLN 125 OE1 
7  1 Y 1 A GLN 125 ? NE2 ? A GLN 125 NE2 
8  1 Y 1 A ARG 161 ? CG  ? A ARG 161 CG  
9  1 Y 1 A ARG 161 ? CD  ? A ARG 161 CD  
10 1 Y 1 A ARG 161 ? NE  ? A ARG 161 NE  
11 1 Y 1 A ARG 161 ? CZ  ? A ARG 161 CZ  
12 1 Y 1 A ARG 161 ? NH1 ? A ARG 161 NH1 
13 1 Y 1 A ARG 161 ? NH2 ? A ARG 161 NH2 
# 
_software.name             CNS 
_software.classification   refinement 
_software.version          . 
_software.citation_id      ? 
_software.pdbx_ordinal     1 
# 
_cell.entry_id           1B5L 
_cell.length_a           39.300 
_cell.length_b           45.600 
_cell.length_c           75.840 
_cell.angle_alpha        90.00 
_cell.angle_beta         90.00 
_cell.angle_gamma        90.00 
_cell.Z_PDB              4 
_cell.pdbx_unique_axis   ? 
# 
_symmetry.entry_id                         1B5L 
_symmetry.space_group_name_H-M             'P 21 21 21' 
_symmetry.pdbx_full_space_group_name_H-M   ? 
_symmetry.cell_setting                     ? 
_symmetry.Int_Tables_number                19 
# 
_exptl.entry_id          1B5L 
_exptl.method            'X-RAY DIFFRACTION' 
_exptl.crystals_number   ? 
# 
_exptl_crystal.id                    1 
_exptl_crystal.density_meas          ? 
_exptl_crystal.density_Matthews      1.71 
_exptl_crystal.density_percent_sol   28.0 
_exptl_crystal.description           ? 
# 
_exptl_crystal_grow.crystal_id      1 
_exptl_crystal_grow.method          ? 
_exptl_crystal_grow.temp            ? 
_exptl_crystal_grow.temp_details    ? 
_exptl_crystal_grow.pH              4.8 
_exptl_crystal_grow.pdbx_pH_range   ? 
_exptl_crystal_grow.pdbx_details    'pH 4.8' 
# 
_diffrn.id                     1 
_diffrn.ambient_temp           100 
_diffrn.ambient_temp_details   ? 
_diffrn.crystal_id             1 
# 
_diffrn_radiation.diffrn_id                        1 
_diffrn_radiation.wavelength_id                    1 
_diffrn_radiation.pdbx_monochromatic_or_laue_m_l   M 
_diffrn_radiation.monochromator                    ? 
_diffrn_radiation.pdbx_diffrn_protocol             ? 
_diffrn_radiation.pdbx_scattering_type             x-ray 
# 
_diffrn_radiation_wavelength.id           1 
_diffrn_radiation_wavelength.wavelength   1.5418 
_diffrn_radiation_wavelength.wt           1.0 
# 
_diffrn_source.diffrn_id                   1 
_diffrn_source.source                      ? 
_diffrn_source.type                        ? 
_diffrn_source.pdbx_synchrotron_site       ? 
_diffrn_source.pdbx_synchrotron_beamline   ? 
_diffrn_source.pdbx_wavelength             1.5418 
_diffrn_source.pdbx_wavelength_list        ? 
# 
_reflns.entry_id                     1B5L 
_reflns.observed_criterion_sigma_I   0 
_reflns.observed_criterion_sigma_F   ? 
_reflns.d_resolution_low             15.0 
_reflns.d_resolution_high            2.1 
_reflns.number_obs                   8216 
_reflns.number_all                   ? 
_reflns.percent_possible_obs         97 
_reflns.pdbx_Rmerge_I_obs            0.043 
_reflns.pdbx_Rsym_value              ? 
_reflns.pdbx_netI_over_sigmaI        ? 
_reflns.B_iso_Wilson_estimate        ? 
_reflns.pdbx_redundancy              10 
_reflns.pdbx_diffrn_id               1 
_reflns.pdbx_ordinal                 1 
# 
_refine.entry_id                                 1B5L 
_refine.ls_number_reflns_obs                     8066 
_refine.ls_number_reflns_all                     ? 
_refine.pdbx_ls_sigma_I                          ? 
_refine.pdbx_ls_sigma_F                          0.1 
_refine.pdbx_data_cutoff_high_absF               ? 
_refine.pdbx_data_cutoff_low_absF                ? 
_refine.pdbx_data_cutoff_high_rms_absF           10000 
_refine.ls_d_res_low                             15.0 
_refine.ls_d_res_high                            2.1 
_refine.ls_percent_reflns_obs                    96.4 
_refine.ls_R_factor_obs                          0.214 
_refine.ls_R_factor_all                          ? 
_refine.ls_R_factor_R_work                       0.214 
_refine.ls_R_factor_R_free                       0.25 
_refine.ls_R_factor_R_free_error                 ? 
_refine.ls_R_factor_R_free_error_details         ? 
_refine.ls_percent_reflns_R_free                 10 
_refine.ls_number_reflns_R_free                  865 
_refine.ls_number_parameters                     ? 
_refine.ls_number_restraints                     ? 
_refine.occupancy_min                            ? 
_refine.occupancy_max                            ? 
_refine.B_iso_mean                               ? 
_refine.aniso_B[1][1]                            -8.513 
_refine.aniso_B[2][2]                            5.113 
_refine.aniso_B[3][3]                            3.400 
_refine.aniso_B[1][2]                            0.000 
_refine.aniso_B[1][3]                            0.000 
_refine.aniso_B[2][3]                            0.000 
_refine.solvent_model_details                    'FLAT MODEL' 
_refine.solvent_model_param_ksol                 0.382 
_refine.solvent_model_param_bsol                 83.04 
_refine.pdbx_ls_cross_valid_method               THROUGHOUT 
_refine.details                                  
;SIDE-CHAIN ATOMS OF RESIDUES 115, 125 AND 161 WERE NOT
OBSERVED IN ELECTRON DENSITY MAPS.
;
_refine.pdbx_starting_model                      ? 
_refine.pdbx_method_to_determine_struct          MIR 
_refine.pdbx_isotropic_thermal_model             ? 
_refine.pdbx_stereochemistry_target_values       MLF 
_refine.pdbx_stereochem_target_val_spec_case     ? 
_refine.pdbx_R_Free_selection_details            ? 
_refine.pdbx_overall_ESU_R                       ? 
_refine.pdbx_overall_ESU_R_Free                  ? 
_refine.overall_SU_ML                            ? 
_refine.overall_SU_B                             ? 
_refine.pdbx_refine_id                           'X-RAY DIFFRACTION' 
_refine.pdbx_diffrn_id                           1 
_refine.pdbx_TLS_residual_ADP_flag               ? 
_refine.correlation_coeff_Fo_to_Fc               ? 
_refine.correlation_coeff_Fo_to_Fc_free          ? 
_refine.pdbx_solvent_vdw_probe_radii             ? 
_refine.pdbx_solvent_ion_probe_radii             ? 
_refine.pdbx_solvent_shrinkage_radii             ? 
_refine.pdbx_overall_phase_error                 ? 
_refine.overall_SU_R_Cruickshank_DPI             ? 
_refine.pdbx_overall_SU_R_free_Cruickshank_DPI   ? 
_refine.pdbx_overall_SU_R_Blow_DPI               ? 
_refine.pdbx_overall_SU_R_free_Blow_DPI          ? 
# 
_refine_hist.pdbx_refine_id                   'X-RAY DIFFRACTION' 
_refine_hist.cycle_id                         LAST 
_refine_hist.pdbx_number_atoms_protein        1237 
_refine_hist.pdbx_number_atoms_nucleic_acid   0 
_refine_hist.pdbx_number_atoms_ligand         2 
_refine_hist.number_atoms_solvent             87 
_refine_hist.number_atoms_total               1326 
_refine_hist.d_res_high                       2.1 
_refine_hist.d_res_low                        15.0 
# 
loop_
_refine_ls_restr.type 
_refine_ls_restr.dev_ideal 
_refine_ls_restr.dev_ideal_target 
_refine_ls_restr.weight 
_refine_ls_restr.number 
_refine_ls_restr.pdbx_refine_id 
_refine_ls_restr.pdbx_restraint_function 
c_bond_d                0.01 ? ? ? 'X-RAY DIFFRACTION' ? 
c_bond_d_na             ?    ? ? ? 'X-RAY DIFFRACTION' ? 
c_bond_d_prot           ?    ? ? ? 'X-RAY DIFFRACTION' ? 
c_angle_d               ?    ? ? ? 'X-RAY DIFFRACTION' ? 
c_angle_d_na            ?    ? ? ? 'X-RAY DIFFRACTION' ? 
c_angle_d_prot          ?    ? ? ? 'X-RAY DIFFRACTION' ? 
c_angle_deg             1.4  ? ? ? 'X-RAY DIFFRACTION' ? 
c_angle_deg_na          ?    ? ? ? 'X-RAY DIFFRACTION' ? 
c_angle_deg_prot        ?    ? ? ? 'X-RAY DIFFRACTION' ? 
c_dihedral_angle_d      ?    ? ? ? 'X-RAY DIFFRACTION' ? 
c_dihedral_angle_d_na   ?    ? ? ? 'X-RAY DIFFRACTION' ? 
c_dihedral_angle_d_prot ?    ? ? ? 'X-RAY DIFFRACTION' ? 
c_improper_angle_d      ?    ? ? ? 'X-RAY DIFFRACTION' ? 
c_improper_angle_d_na   ?    ? ? ? 'X-RAY DIFFRACTION' ? 
c_improper_angle_d_prot ?    ? ? ? 'X-RAY DIFFRACTION' ? 
c_mcbond_it             ?    ? ? ? 'X-RAY DIFFRACTION' ? 
c_mcangle_it            ?    ? ? ? 'X-RAY DIFFRACTION' ? 
c_scbond_it             ?    ? ? ? 'X-RAY DIFFRACTION' ? 
c_scangle_it            ?    ? ? ? 'X-RAY DIFFRACTION' ? 
# 
loop_
_pdbx_xplor_file.serial_no 
_pdbx_xplor_file.param_file 
_pdbx_xplor_file.topol_file 
_pdbx_xplor_file.pdbx_refine_id 
1 PARAM.WAT ? 'X-RAY DIFFRACTION' 
2 PARAM.SO4 ? 'X-RAY DIFFRACTION' 
# 
_struct.entry_id                  1B5L 
_struct.title                     'OVINE INTERFERON TAU' 
_struct.pdbx_model_details        ? 
_struct.pdbx_CASP_flag            ? 
_struct.pdbx_model_type_details   ? 
# 
_struct_keywords.entry_id        1B5L 
_struct_keywords.pdbx_keywords   CYTOKINE 
_struct_keywords.text            CYTOKINE 
# 
loop_
_struct_asym.id 
_struct_asym.pdbx_blank_PDB_chainid_flag 
_struct_asym.pdbx_modified 
_struct_asym.entity_id 
_struct_asym.details 
A N N 1 ? 
B N N 2 ? 
C N N 2 ? 
D N N 3 ? 
# 
_struct_ref.id                         1 
_struct_ref.db_name                    UNP 
_struct_ref.db_code                    IFNT1_SHEEP 
_struct_ref.entity_id                  1 
_struct_ref.pdbx_db_accession          P56828 
_struct_ref.pdbx_align_begin           1 
_struct_ref.pdbx_seq_one_letter_code   
;MAFVLSLLMALVLVSYGPGGSLGCYLSRKLMLDARENLKLLDRMNRLSPHSCLQDRKDFGLPQEMVEGDQLQKDQAFPVL
YEMLQQSFNLFYTEHSSAAWDTTLLEQLCTGLQQQLDHLDTCRGQVMGEEDSELGNMDPIVTVKKYFQGIYDYLQEKGYS
DCAWEIVRVEMMRALTVSTTLQKRLTKMGGDLNSP
;
_struct_ref.pdbx_db_isoform            ? 
# 
_struct_ref_seq.align_id                      1 
_struct_ref_seq.ref_id                        1 
_struct_ref_seq.pdbx_PDB_id_code              1B5L 
_struct_ref_seq.pdbx_strand_id                A 
_struct_ref_seq.seq_align_beg                 1 
_struct_ref_seq.pdbx_seq_align_beg_ins_code   ? 
_struct_ref_seq.seq_align_end                 172 
_struct_ref_seq.pdbx_seq_align_end_ins_code   ? 
_struct_ref_seq.pdbx_db_accession             P56828 
_struct_ref_seq.db_align_beg                  24 
_struct_ref_seq.pdbx_db_align_beg_ins_code    ? 
_struct_ref_seq.db_align_end                  195 
_struct_ref_seq.pdbx_db_align_end_ins_code    ? 
_struct_ref_seq.pdbx_auth_seq_align_beg       1 
_struct_ref_seq.pdbx_auth_seq_align_end       172 
# 
_pdbx_struct_assembly.id                   1 
_pdbx_struct_assembly.details              author_defined_assembly 
_pdbx_struct_assembly.method_details       ? 
_pdbx_struct_assembly.oligomeric_details   monomeric 
_pdbx_struct_assembly.oligomeric_count     1 
# 
_pdbx_struct_assembly_gen.assembly_id       1 
_pdbx_struct_assembly_gen.oper_expression   1 
_pdbx_struct_assembly_gen.asym_id_list      A,B,C,D 
# 
_pdbx_struct_oper_list.id                   1 
_pdbx_struct_oper_list.type                 'identity operation' 
_pdbx_struct_oper_list.name                 1_555 
_pdbx_struct_oper_list.symmetry_operation   x,y,z 
_pdbx_struct_oper_list.matrix[1][1]         1.0000000000 
_pdbx_struct_oper_list.matrix[1][2]         0.0000000000 
_pdbx_struct_oper_list.matrix[1][3]         0.0000000000 
_pdbx_struct_oper_list.vector[1]            0.0000000000 
_pdbx_struct_oper_list.matrix[2][1]         0.0000000000 
_pdbx_struct_oper_list.matrix[2][2]         1.0000000000 
_pdbx_struct_oper_list.matrix[2][3]         0.0000000000 
_pdbx_struct_oper_list.vector[2]            0.0000000000 
_pdbx_struct_oper_list.matrix[3][1]         0.0000000000 
_pdbx_struct_oper_list.matrix[3][2]         0.0000000000 
_pdbx_struct_oper_list.matrix[3][3]         1.0000000000 
_pdbx_struct_oper_list.vector[3]            0.0000000000 
# 
_struct_biol.id   1 
# 
loop_
_struct_conf.conf_type_id 
_struct_conf.id 
_struct_conf.pdbx_PDB_helix_id 
_struct_conf.beg_label_comp_id 
_struct_conf.beg_label_asym_id 
_struct_conf.beg_label_seq_id 
_struct_conf.pdbx_beg_PDB_ins_code 
_struct_conf.end_label_comp_id 
_struct_conf.end_label_asym_id 
_struct_conf.end_label_seq_id 
_struct_conf.pdbx_end_PDB_ins_code 
_struct_conf.beg_auth_comp_id 
_struct_conf.beg_auth_asym_id 
_struct_conf.beg_auth_seq_id 
_struct_conf.end_auth_comp_id 
_struct_conf.end_auth_asym_id 
_struct_conf.end_auth_seq_id 
_struct_conf.pdbx_PDB_helix_class 
_struct_conf.details 
_struct_conf.pdbx_PDB_helix_length 
HELX_P HELX_P1 1 SER A 4   ? ARG A 23  ? SER A 4   ARG A 23  1 ? 20 
HELX_P HELX_P2 2 GLN A 40  ? GLY A 45  ? GLN A 40  GLY A 45  5 ? 6  
HELX_P HELX_P3 3 LYS A 50  ? SER A 74  ? LYS A 50  SER A 74  1 ? 25 
HELX_P HELX_P4 4 THR A 80  ? CYS A 99  ? THR A 80  CYS A 99  1 ? 20 
HELX_P HELX_P5 5 ASP A 115 ? GLU A 133 ? ASP A 115 GLU A 133 1 ? 19 
HELX_P HELX_P6 6 ASP A 138 ? LEU A 162 ? ASP A 138 LEU A 162 1 ? 25 
# 
_struct_conf_type.id          HELX_P 
_struct_conf_type.criteria    ? 
_struct_conf_type.reference   ? 
# 
_struct_conn.id                            disulf1 
_struct_conn.conn_type_id                  disulf 
_struct_conn.pdbx_leaving_atom_flag        ? 
_struct_conn.pdbx_PDB_id                   ? 
_struct_conn.ptnr1_label_asym_id           A 
_struct_conn.ptnr1_label_comp_id           CYS 
_struct_conn.ptnr1_label_seq_id            1 
_struct_conn.ptnr1_label_atom_id           SG 
_struct_conn.pdbx_ptnr1_label_alt_id       ? 
_struct_conn.pdbx_ptnr1_PDB_ins_code       ? 
_struct_conn.pdbx_ptnr1_standard_comp_id   ? 
_struct_conn.ptnr1_symmetry                1_555 
_struct_conn.ptnr2_label_asym_id           A 
_struct_conn.ptnr2_label_comp_id           CYS 
_struct_conn.ptnr2_label_seq_id            99 
_struct_conn.ptnr2_label_atom_id           SG 
_struct_conn.pdbx_ptnr2_label_alt_id       ? 
_struct_conn.pdbx_ptnr2_PDB_ins_code       ? 
_struct_conn.ptnr1_auth_asym_id            A 
_struct_conn.ptnr1_auth_comp_id            CYS 
_struct_conn.ptnr1_auth_seq_id             1 
_struct_conn.ptnr2_auth_asym_id            A 
_struct_conn.ptnr2_auth_comp_id            CYS 
_struct_conn.ptnr2_auth_seq_id             99 
_struct_conn.ptnr2_symmetry                1_555 
_struct_conn.pdbx_ptnr3_label_atom_id      ? 
_struct_conn.pdbx_ptnr3_label_seq_id       ? 
_struct_conn.pdbx_ptnr3_label_comp_id      ? 
_struct_conn.pdbx_ptnr3_label_asym_id      ? 
_struct_conn.pdbx_ptnr3_label_alt_id       ? 
_struct_conn.pdbx_ptnr3_PDB_ins_code       ? 
_struct_conn.details                       ? 
_struct_conn.pdbx_dist_value               2.070 
_struct_conn.pdbx_value_order              ? 
_struct_conn.pdbx_role                     ? 
# 
_struct_conn_type.id          disulf 
_struct_conn_type.criteria    ? 
_struct_conn_type.reference   ? 
# 
_pdbx_modification_feature.ordinal                            1 
_pdbx_modification_feature.label_comp_id                      CYS 
_pdbx_modification_feature.label_asym_id                      A 
_pdbx_modification_feature.label_seq_id                       1 
_pdbx_modification_feature.label_alt_id                       ? 
_pdbx_modification_feature.modified_residue_label_comp_id     CYS 
_pdbx_modification_feature.modified_residue_label_asym_id     A 
_pdbx_modification_feature.modified_residue_label_seq_id      99 
_pdbx_modification_feature.modified_residue_label_alt_id      ? 
_pdbx_modification_feature.auth_comp_id                       CYS 
_pdbx_modification_feature.auth_asym_id                       A 
_pdbx_modification_feature.auth_seq_id                        1 
_pdbx_modification_feature.PDB_ins_code                       ? 
_pdbx_modification_feature.symmetry                           1_555 
_pdbx_modification_feature.modified_residue_auth_comp_id      CYS 
_pdbx_modification_feature.modified_residue_auth_asym_id      A 
_pdbx_modification_feature.modified_residue_auth_seq_id       99 
_pdbx_modification_feature.modified_residue_PDB_ins_code      ? 
_pdbx_modification_feature.modified_residue_symmetry          1_555 
_pdbx_modification_feature.comp_id_linking_atom               SG 
_pdbx_modification_feature.modified_residue_id_linking_atom   SG 
_pdbx_modification_feature.modified_residue_id                . 
_pdbx_modification_feature.ref_pcm_id                         . 
_pdbx_modification_feature.ref_comp_id                        . 
_pdbx_modification_feature.type                               None 
_pdbx_modification_feature.category                           'Disulfide bridge' 
# 
loop_
_struct_site.id 
_struct_site.pdbx_evidence_code 
_struct_site.pdbx_auth_asym_id 
_struct_site.pdbx_auth_comp_id 
_struct_site.pdbx_auth_seq_id 
_struct_site.pdbx_auth_ins_code 
_struct_site.pdbx_num_residues 
_struct_site.details 
AC1 Software A SO4 201 ? 5 'BINDING SITE FOR RESIDUE SO4 A 201' 
AC2 Software A SO4 202 ? 6 'BINDING SITE FOR RESIDUE SO4 A 202' 
# 
loop_
_struct_site_gen.id 
_struct_site_gen.site_id 
_struct_site_gen.pdbx_num_res 
_struct_site_gen.label_comp_id 
_struct_site_gen.label_asym_id 
_struct_site_gen.label_seq_id 
_struct_site_gen.pdbx_auth_ins_code 
_struct_site_gen.auth_comp_id 
_struct_site_gen.auth_asym_id 
_struct_site_gen.auth_seq_id 
_struct_site_gen.label_atom_id 
_struct_site_gen.label_alt_id 
_struct_site_gen.symmetry 
_struct_site_gen.details 
1  AC1 5 ARG A 5   ? ARG A 5   . ? 1_555 ? 
2  AC1 5 ARG A 12  ? ARG A 12  . ? 1_555 ? 
3  AC1 5 ARG A 150 ? ARG A 150 . ? 4_545 ? 
4  AC1 5 LYS A 164 ? LYS A 164 . ? 1_555 ? 
5  AC1 5 HOH D .   ? HOH A 662 . ? 1_555 ? 
6  AC2 6 GLU A 13  ? GLU A 13  . ? 1_555 ? 
7  AC2 6 LYS A 16  ? LYS A 16  . ? 1_555 ? 
8  AC2 6 ARG A 20  ? ARG A 20  . ? 1_555 ? 
9  AC2 6 SER A 137 ? SER A 137 . ? 3_545 ? 
10 AC2 6 ASP A 138 ? ASP A 138 . ? 3_545 ? 
11 AC2 6 HOH D .   ? HOH A 556 . ? 3_545 ? 
# 
_pdbx_entry_details.entry_id                   1B5L 
_pdbx_entry_details.compound_details           ? 
_pdbx_entry_details.source_details             ? 
_pdbx_entry_details.nonpolymer_details         ? 
_pdbx_entry_details.sequence_details           ? 
_pdbx_entry_details.has_ligand_of_interest     ? 
_pdbx_entry_details.has_protein_modification   Y 
# 
_pdbx_validate_rmsd_angle.id                         1 
_pdbx_validate_rmsd_angle.PDB_model_num              1 
_pdbx_validate_rmsd_angle.auth_atom_id_1             C 
_pdbx_validate_rmsd_angle.auth_asym_id_1             A 
_pdbx_validate_rmsd_angle.auth_comp_id_1             SER 
_pdbx_validate_rmsd_angle.auth_seq_id_1              25 
_pdbx_validate_rmsd_angle.PDB_ins_code_1             ? 
_pdbx_validate_rmsd_angle.label_alt_id_1             ? 
_pdbx_validate_rmsd_angle.auth_atom_id_2             N 
_pdbx_validate_rmsd_angle.auth_asym_id_2             A 
_pdbx_validate_rmsd_angle.auth_comp_id_2             PRO 
_pdbx_validate_rmsd_angle.auth_seq_id_2              26 
_pdbx_validate_rmsd_angle.PDB_ins_code_2             ? 
_pdbx_validate_rmsd_angle.label_alt_id_2             ? 
_pdbx_validate_rmsd_angle.auth_atom_id_3             CA 
_pdbx_validate_rmsd_angle.auth_asym_id_3             A 
_pdbx_validate_rmsd_angle.auth_comp_id_3             PRO 
_pdbx_validate_rmsd_angle.auth_seq_id_3              26 
_pdbx_validate_rmsd_angle.PDB_ins_code_3             ? 
_pdbx_validate_rmsd_angle.label_alt_id_3             ? 
_pdbx_validate_rmsd_angle.angle_value                128.85 
_pdbx_validate_rmsd_angle.angle_target_value         119.30 
_pdbx_validate_rmsd_angle.angle_deviation            9.55 
_pdbx_validate_rmsd_angle.angle_standard_deviation   1.50 
_pdbx_validate_rmsd_angle.linker_flag                Y 
# 
loop_
_pdbx_validate_torsion.id 
_pdbx_validate_torsion.PDB_model_num 
_pdbx_validate_torsion.auth_comp_id 
_pdbx_validate_torsion.auth_asym_id 
_pdbx_validate_torsion.auth_seq_id 
_pdbx_validate_torsion.PDB_ins_code 
_pdbx_validate_torsion.label_alt_id 
_pdbx_validate_torsion.phi 
_pdbx_validate_torsion.psi 
1 1 PRO A 26 ? ? -59.08  -4.54  
2 1 ASP A 32 ? ? -30.73  109.54 
3 1 ARG A 33 ? ? -19.50  150.42 
4 1 LYS A 34 ? ? -175.95 135.06 
5 1 MET A 42 ? ? -20.30  -66.53 
6 1 GLN A 47 ? ? -89.92  35.50  
# 
loop_
_pdbx_unobs_or_zero_occ_residues.id 
_pdbx_unobs_or_zero_occ_residues.PDB_model_num 
_pdbx_unobs_or_zero_occ_residues.polymer_flag 
_pdbx_unobs_or_zero_occ_residues.occupancy_flag 
_pdbx_unobs_or_zero_occ_residues.auth_asym_id 
_pdbx_unobs_or_zero_occ_residues.auth_comp_id 
_pdbx_unobs_or_zero_occ_residues.auth_seq_id 
_pdbx_unobs_or_zero_occ_residues.PDB_ins_code 
_pdbx_unobs_or_zero_occ_residues.label_asym_id 
_pdbx_unobs_or_zero_occ_residues.label_comp_id 
_pdbx_unobs_or_zero_occ_residues.label_seq_id 
1  1 Y 1 A GLN 102 ? A GLN 102 
2  1 Y 1 A VAL 103 ? A VAL 103 
3  1 Y 1 A MET 104 ? A MET 104 
4  1 Y 1 A GLY 105 ? A GLY 105 
5  1 Y 1 A GLU 106 ? A GLU 106 
6  1 Y 1 A GLU 107 ? A GLU 107 
7  1 Y 1 A ASP 108 ? A ASP 108 
8  1 Y 1 A SER 109 ? A SER 109 
9  1 Y 1 A GLU 110 ? A GLU 110 
10 1 Y 1 A LEU 111 ? A LEU 111 
11 1 Y 1 A GLY 112 ? A GLY 112 
12 1 Y 1 A ASN 113 ? A ASN 113 
13 1 Y 1 A MET 165 ? A MET 165 
14 1 Y 1 A GLY 166 ? A GLY 166 
15 1 Y 1 A GLY 167 ? A GLY 167 
16 1 Y 1 A ASP 168 ? A ASP 168 
17 1 Y 1 A LEU 169 ? A LEU 169 
18 1 Y 1 A ASN 170 ? A ASN 170 
19 1 Y 1 A SER 171 ? A SER 171 
20 1 Y 1 A PRO 172 ? A PRO 172 
# 
loop_
_chem_comp_atom.comp_id 
_chem_comp_atom.atom_id 
_chem_comp_atom.type_symbol 
_chem_comp_atom.pdbx_aromatic_flag 
_chem_comp_atom.pdbx_stereo_config 
_chem_comp_atom.pdbx_ordinal 
ALA N    N N N 1   
ALA CA   C N S 2   
ALA C    C N N 3   
ALA O    O N N 4   
ALA CB   C N N 5   
ALA OXT  O N N 6   
ALA H    H N N 7   
ALA H2   H N N 8   
ALA HA   H N N 9   
ALA HB1  H N N 10  
ALA HB2  H N N 11  
ALA HB3  H N N 12  
ALA HXT  H N N 13  
ARG N    N N N 14  
ARG CA   C N S 15  
ARG C    C N N 16  
ARG O    O N N 17  
ARG CB   C N N 18  
ARG CG   C N N 19  
ARG CD   C N N 20  
ARG NE   N N N 21  
ARG CZ   C N N 22  
ARG NH1  N N N 23  
ARG NH2  N N N 24  
ARG OXT  O N N 25  
ARG H    H N N 26  
ARG H2   H N N 27  
ARG HA   H N N 28  
ARG HB2  H N N 29  
ARG HB3  H N N 30  
ARG HG2  H N N 31  
ARG HG3  H N N 32  
ARG HD2  H N N 33  
ARG HD3  H N N 34  
ARG HE   H N N 35  
ARG HH11 H N N 36  
ARG HH12 H N N 37  
ARG HH21 H N N 38  
ARG HH22 H N N 39  
ARG HXT  H N N 40  
ASN N    N N N 41  
ASN CA   C N S 42  
ASN C    C N N 43  
ASN O    O N N 44  
ASN CB   C N N 45  
ASN CG   C N N 46  
ASN OD1  O N N 47  
ASN ND2  N N N 48  
ASN OXT  O N N 49  
ASN H    H N N 50  
ASN H2   H N N 51  
ASN HA   H N N 52  
ASN HB2  H N N 53  
ASN HB3  H N N 54  
ASN HD21 H N N 55  
ASN HD22 H N N 56  
ASN HXT  H N N 57  
ASP N    N N N 58  
ASP CA   C N S 59  
ASP C    C N N 60  
ASP O    O N N 61  
ASP CB   C N N 62  
ASP CG   C N N 63  
ASP OD1  O N N 64  
ASP OD2  O N N 65  
ASP OXT  O N N 66  
ASP H    H N N 67  
ASP H2   H N N 68  
ASP HA   H N N 69  
ASP HB2  H N N 70  
ASP HB3  H N N 71  
ASP HD2  H N N 72  
ASP HXT  H N N 73  
CYS N    N N N 74  
CYS CA   C N R 75  
CYS C    C N N 76  
CYS O    O N N 77  
CYS CB   C N N 78  
CYS SG   S N N 79  
CYS OXT  O N N 80  
CYS H    H N N 81  
CYS H2   H N N 82  
CYS HA   H N N 83  
CYS HB2  H N N 84  
CYS HB3  H N N 85  
CYS HG   H N N 86  
CYS HXT  H N N 87  
GLN N    N N N 88  
GLN CA   C N S 89  
GLN C    C N N 90  
GLN O    O N N 91  
GLN CB   C N N 92  
GLN CG   C N N 93  
GLN CD   C N N 94  
GLN OE1  O N N 95  
GLN NE2  N N N 96  
GLN OXT  O N N 97  
GLN H    H N N 98  
GLN H2   H N N 99  
GLN HA   H N N 100 
GLN HB2  H N N 101 
GLN HB3  H N N 102 
GLN HG2  H N N 103 
GLN HG3  H N N 104 
GLN HE21 H N N 105 
GLN HE22 H N N 106 
GLN HXT  H N N 107 
GLU N    N N N 108 
GLU CA   C N S 109 
GLU C    C N N 110 
GLU O    O N N 111 
GLU CB   C N N 112 
GLU CG   C N N 113 
GLU CD   C N N 114 
GLU OE1  O N N 115 
GLU OE2  O N N 116 
GLU OXT  O N N 117 
GLU H    H N N 118 
GLU H2   H N N 119 
GLU HA   H N N 120 
GLU HB2  H N N 121 
GLU HB3  H N N 122 
GLU HG2  H N N 123 
GLU HG3  H N N 124 
GLU HE2  H N N 125 
GLU HXT  H N N 126 
GLY N    N N N 127 
GLY CA   C N N 128 
GLY C    C N N 129 
GLY O    O N N 130 
GLY OXT  O N N 131 
GLY H    H N N 132 
GLY H2   H N N 133 
GLY HA2  H N N 134 
GLY HA3  H N N 135 
GLY HXT  H N N 136 
HIS N    N N N 137 
HIS CA   C N S 138 
HIS C    C N N 139 
HIS O    O N N 140 
HIS CB   C N N 141 
HIS CG   C Y N 142 
HIS ND1  N Y N 143 
HIS CD2  C Y N 144 
HIS CE1  C Y N 145 
HIS NE2  N Y N 146 
HIS OXT  O N N 147 
HIS H    H N N 148 
HIS H2   H N N 149 
HIS HA   H N N 150 
HIS HB2  H N N 151 
HIS HB3  H N N 152 
HIS HD1  H N N 153 
HIS HD2  H N N 154 
HIS HE1  H N N 155 
HIS HE2  H N N 156 
HIS HXT  H N N 157 
HOH O    O N N 158 
HOH H1   H N N 159 
HOH H2   H N N 160 
ILE N    N N N 161 
ILE CA   C N S 162 
ILE C    C N N 163 
ILE O    O N N 164 
ILE CB   C N S 165 
ILE CG1  C N N 166 
ILE CG2  C N N 167 
ILE CD1  C N N 168 
ILE OXT  O N N 169 
ILE H    H N N 170 
ILE H2   H N N 171 
ILE HA   H N N 172 
ILE HB   H N N 173 
ILE HG12 H N N 174 
ILE HG13 H N N 175 
ILE HG21 H N N 176 
ILE HG22 H N N 177 
ILE HG23 H N N 178 
ILE HD11 H N N 179 
ILE HD12 H N N 180 
ILE HD13 H N N 181 
ILE HXT  H N N 182 
LEU N    N N N 183 
LEU CA   C N S 184 
LEU C    C N N 185 
LEU O    O N N 186 
LEU CB   C N N 187 
LEU CG   C N N 188 
LEU CD1  C N N 189 
LEU CD2  C N N 190 
LEU OXT  O N N 191 
LEU H    H N N 192 
LEU H2   H N N 193 
LEU HA   H N N 194 
LEU HB2  H N N 195 
LEU HB3  H N N 196 
LEU HG   H N N 197 
LEU HD11 H N N 198 
LEU HD12 H N N 199 
LEU HD13 H N N 200 
LEU HD21 H N N 201 
LEU HD22 H N N 202 
LEU HD23 H N N 203 
LEU HXT  H N N 204 
LYS N    N N N 205 
LYS CA   C N S 206 
LYS C    C N N 207 
LYS O    O N N 208 
LYS CB   C N N 209 
LYS CG   C N N 210 
LYS CD   C N N 211 
LYS CE   C N N 212 
LYS NZ   N N N 213 
LYS OXT  O N N 214 
LYS H    H N N 215 
LYS H2   H N N 216 
LYS HA   H N N 217 
LYS HB2  H N N 218 
LYS HB3  H N N 219 
LYS HG2  H N N 220 
LYS HG3  H N N 221 
LYS HD2  H N N 222 
LYS HD3  H N N 223 
LYS HE2  H N N 224 
LYS HE3  H N N 225 
LYS HZ1  H N N 226 
LYS HZ2  H N N 227 
LYS HZ3  H N N 228 
LYS HXT  H N N 229 
MET N    N N N 230 
MET CA   C N S 231 
MET C    C N N 232 
MET O    O N N 233 
MET CB   C N N 234 
MET CG   C N N 235 
MET SD   S N N 236 
MET CE   C N N 237 
MET OXT  O N N 238 
MET H    H N N 239 
MET H2   H N N 240 
MET HA   H N N 241 
MET HB2  H N N 242 
MET HB3  H N N 243 
MET HG2  H N N 244 
MET HG3  H N N 245 
MET HE1  H N N 246 
MET HE2  H N N 247 
MET HE3  H N N 248 
MET HXT  H N N 249 
PHE N    N N N 250 
PHE CA   C N S 251 
PHE C    C N N 252 
PHE O    O N N 253 
PHE CB   C N N 254 
PHE CG   C Y N 255 
PHE CD1  C Y N 256 
PHE CD2  C Y N 257 
PHE CE1  C Y N 258 
PHE CE2  C Y N 259 
PHE CZ   C Y N 260 
PHE OXT  O N N 261 
PHE H    H N N 262 
PHE H2   H N N 263 
PHE HA   H N N 264 
PHE HB2  H N N 265 
PHE HB3  H N N 266 
PHE HD1  H N N 267 
PHE HD2  H N N 268 
PHE HE1  H N N 269 
PHE HE2  H N N 270 
PHE HZ   H N N 271 
PHE HXT  H N N 272 
PRO N    N N N 273 
PRO CA   C N S 274 
PRO C    C N N 275 
PRO O    O N N 276 
PRO CB   C N N 277 
PRO CG   C N N 278 
PRO CD   C N N 279 
PRO OXT  O N N 280 
PRO H    H N N 281 
PRO HA   H N N 282 
PRO HB2  H N N 283 
PRO HB3  H N N 284 
PRO HG2  H N N 285 
PRO HG3  H N N 286 
PRO HD2  H N N 287 
PRO HD3  H N N 288 
PRO HXT  H N N 289 
SER N    N N N 290 
SER CA   C N S 291 
SER C    C N N 292 
SER O    O N N 293 
SER CB   C N N 294 
SER OG   O N N 295 
SER OXT  O N N 296 
SER H    H N N 297 
SER H2   H N N 298 
SER HA   H N N 299 
SER HB2  H N N 300 
SER HB3  H N N 301 
SER HG   H N N 302 
SER HXT  H N N 303 
SO4 S    S N N 304 
SO4 O1   O N N 305 
SO4 O2   O N N 306 
SO4 O3   O N N 307 
SO4 O4   O N N 308 
THR N    N N N 309 
THR CA   C N S 310 
THR C    C N N 311 
THR O    O N N 312 
THR CB   C N R 313 
THR OG1  O N N 314 
THR CG2  C N N 315 
THR OXT  O N N 316 
THR H    H N N 317 
THR H2   H N N 318 
THR HA   H N N 319 
THR HB   H N N 320 
THR HG1  H N N 321 
THR HG21 H N N 322 
THR HG22 H N N 323 
THR HG23 H N N 324 
THR HXT  H N N 325 
TRP N    N N N 326 
TRP CA   C N S 327 
TRP C    C N N 328 
TRP O    O N N 329 
TRP CB   C N N 330 
TRP CG   C Y N 331 
TRP CD1  C Y N 332 
TRP CD2  C Y N 333 
TRP NE1  N Y N 334 
TRP CE2  C Y N 335 
TRP CE3  C Y N 336 
TRP CZ2  C Y N 337 
TRP CZ3  C Y N 338 
TRP CH2  C Y N 339 
TRP OXT  O N N 340 
TRP H    H N N 341 
TRP H2   H N N 342 
TRP HA   H N N 343 
TRP HB2  H N N 344 
TRP HB3  H N N 345 
TRP HD1  H N N 346 
TRP HE1  H N N 347 
TRP HE3  H N N 348 
TRP HZ2  H N N 349 
TRP HZ3  H N N 350 
TRP HH2  H N N 351 
TRP HXT  H N N 352 
TYR N    N N N 353 
TYR CA   C N S 354 
TYR C    C N N 355 
TYR O    O N N 356 
TYR CB   C N N 357 
TYR CG   C Y N 358 
TYR CD1  C Y N 359 
TYR CD2  C Y N 360 
TYR CE1  C Y N 361 
TYR CE2  C Y N 362 
TYR CZ   C Y N 363 
TYR OH   O N N 364 
TYR OXT  O N N 365 
TYR H    H N N 366 
TYR H2   H N N 367 
TYR HA   H N N 368 
TYR HB2  H N N 369 
TYR HB3  H N N 370 
TYR HD1  H N N 371 
TYR HD2  H N N 372 
TYR HE1  H N N 373 
TYR HE2  H N N 374 
TYR HH   H N N 375 
TYR HXT  H N N 376 
VAL N    N N N 377 
VAL CA   C N S 378 
VAL C    C N N 379 
VAL O    O N N 380 
VAL CB   C N N 381 
VAL CG1  C N N 382 
VAL CG2  C N N 383 
VAL OXT  O N N 384 
VAL H    H N N 385 
VAL H2   H N N 386 
VAL HA   H N N 387 
VAL HB   H N N 388 
VAL HG11 H N N 389 
VAL HG12 H N N 390 
VAL HG13 H N N 391 
VAL HG21 H N N 392 
VAL HG22 H N N 393 
VAL HG23 H N N 394 
VAL HXT  H N N 395 
# 
loop_
_chem_comp_bond.comp_id 
_chem_comp_bond.atom_id_1 
_chem_comp_bond.atom_id_2 
_chem_comp_bond.value_order 
_chem_comp_bond.pdbx_aromatic_flag 
_chem_comp_bond.pdbx_stereo_config 
_chem_comp_bond.pdbx_ordinal 
ALA N   CA   sing N N 1   
ALA N   H    sing N N 2   
ALA N   H2   sing N N 3   
ALA CA  C    sing N N 4   
ALA CA  CB   sing N N 5   
ALA CA  HA   sing N N 6   
ALA C   O    doub N N 7   
ALA C   OXT  sing N N 8   
ALA CB  HB1  sing N N 9   
ALA CB  HB2  sing N N 10  
ALA CB  HB3  sing N N 11  
ALA OXT HXT  sing N N 12  
ARG N   CA   sing N N 13  
ARG N   H    sing N N 14  
ARG N   H2   sing N N 15  
ARG CA  C    sing N N 16  
ARG CA  CB   sing N N 17  
ARG CA  HA   sing N N 18  
ARG C   O    doub N N 19  
ARG C   OXT  sing N N 20  
ARG CB  CG   sing N N 21  
ARG CB  HB2  sing N N 22  
ARG CB  HB3  sing N N 23  
ARG CG  CD   sing N N 24  
ARG CG  HG2  sing N N 25  
ARG CG  HG3  sing N N 26  
ARG CD  NE   sing N N 27  
ARG CD  HD2  sing N N 28  
ARG CD  HD3  sing N N 29  
ARG NE  CZ   sing N N 30  
ARG NE  HE   sing N N 31  
ARG CZ  NH1  sing N N 32  
ARG CZ  NH2  doub N N 33  
ARG NH1 HH11 sing N N 34  
ARG NH1 HH12 sing N N 35  
ARG NH2 HH21 sing N N 36  
ARG NH2 HH22 sing N N 37  
ARG OXT HXT  sing N N 38  
ASN N   CA   sing N N 39  
ASN N   H    sing N N 40  
ASN N   H2   sing N N 41  
ASN CA  C    sing N N 42  
ASN CA  CB   sing N N 43  
ASN CA  HA   sing N N 44  
ASN C   O    doub N N 45  
ASN C   OXT  sing N N 46  
ASN CB  CG   sing N N 47  
ASN CB  HB2  sing N N 48  
ASN CB  HB3  sing N N 49  
ASN CG  OD1  doub N N 50  
ASN CG  ND2  sing N N 51  
ASN ND2 HD21 sing N N 52  
ASN ND2 HD22 sing N N 53  
ASN OXT HXT  sing N N 54  
ASP N   CA   sing N N 55  
ASP N   H    sing N N 56  
ASP N   H2   sing N N 57  
ASP CA  C    sing N N 58  
ASP CA  CB   sing N N 59  
ASP CA  HA   sing N N 60  
ASP C   O    doub N N 61  
ASP C   OXT  sing N N 62  
ASP CB  CG   sing N N 63  
ASP CB  HB2  sing N N 64  
ASP CB  HB3  sing N N 65  
ASP CG  OD1  doub N N 66  
ASP CG  OD2  sing N N 67  
ASP OD2 HD2  sing N N 68  
ASP OXT HXT  sing N N 69  
CYS N   CA   sing N N 70  
CYS N   H    sing N N 71  
CYS N   H2   sing N N 72  
CYS CA  C    sing N N 73  
CYS CA  CB   sing N N 74  
CYS CA  HA   sing N N 75  
CYS C   O    doub N N 76  
CYS C   OXT  sing N N 77  
CYS CB  SG   sing N N 78  
CYS CB  HB2  sing N N 79  
CYS CB  HB3  sing N N 80  
CYS SG  HG   sing N N 81  
CYS OXT HXT  sing N N 82  
GLN N   CA   sing N N 83  
GLN N   H    sing N N 84  
GLN N   H2   sing N N 85  
GLN CA  C    sing N N 86  
GLN CA  CB   sing N N 87  
GLN CA  HA   sing N N 88  
GLN C   O    doub N N 89  
GLN C   OXT  sing N N 90  
GLN CB  CG   sing N N 91  
GLN CB  HB2  sing N N 92  
GLN CB  HB3  sing N N 93  
GLN CG  CD   sing N N 94  
GLN CG  HG2  sing N N 95  
GLN CG  HG3  sing N N 96  
GLN CD  OE1  doub N N 97  
GLN CD  NE2  sing N N 98  
GLN NE2 HE21 sing N N 99  
GLN NE2 HE22 sing N N 100 
GLN OXT HXT  sing N N 101 
GLU N   CA   sing N N 102 
GLU N   H    sing N N 103 
GLU N   H2   sing N N 104 
GLU CA  C    sing N N 105 
GLU CA  CB   sing N N 106 
GLU CA  HA   sing N N 107 
GLU C   O    doub N N 108 
GLU C   OXT  sing N N 109 
GLU CB  CG   sing N N 110 
GLU CB  HB2  sing N N 111 
GLU CB  HB3  sing N N 112 
GLU CG  CD   sing N N 113 
GLU CG  HG2  sing N N 114 
GLU CG  HG3  sing N N 115 
GLU CD  OE1  doub N N 116 
GLU CD  OE2  sing N N 117 
GLU OE2 HE2  sing N N 118 
GLU OXT HXT  sing N N 119 
GLY N   CA   sing N N 120 
GLY N   H    sing N N 121 
GLY N   H2   sing N N 122 
GLY CA  C    sing N N 123 
GLY CA  HA2  sing N N 124 
GLY CA  HA3  sing N N 125 
GLY C   O    doub N N 126 
GLY C   OXT  sing N N 127 
GLY OXT HXT  sing N N 128 
HIS N   CA   sing N N 129 
HIS N   H    sing N N 130 
HIS N   H2   sing N N 131 
HIS CA  C    sing N N 132 
HIS CA  CB   sing N N 133 
HIS CA  HA   sing N N 134 
HIS C   O    doub N N 135 
HIS C   OXT  sing N N 136 
HIS CB  CG   sing N N 137 
HIS CB  HB2  sing N N 138 
HIS CB  HB3  sing N N 139 
HIS CG  ND1  sing Y N 140 
HIS CG  CD2  doub Y N 141 
HIS ND1 CE1  doub Y N 142 
HIS ND1 HD1  sing N N 143 
HIS CD2 NE2  sing Y N 144 
HIS CD2 HD2  sing N N 145 
HIS CE1 NE2  sing Y N 146 
HIS CE1 HE1  sing N N 147 
HIS NE2 HE2  sing N N 148 
HIS OXT HXT  sing N N 149 
HOH O   H1   sing N N 150 
HOH O   H2   sing N N 151 
ILE N   CA   sing N N 152 
ILE N   H    sing N N 153 
ILE N   H2   sing N N 154 
ILE CA  C    sing N N 155 
ILE CA  CB   sing N N 156 
ILE CA  HA   sing N N 157 
ILE C   O    doub N N 158 
ILE C   OXT  sing N N 159 
ILE CB  CG1  sing N N 160 
ILE CB  CG2  sing N N 161 
ILE CB  HB   sing N N 162 
ILE CG1 CD1  sing N N 163 
ILE CG1 HG12 sing N N 164 
ILE CG1 HG13 sing N N 165 
ILE CG2 HG21 sing N N 166 
ILE CG2 HG22 sing N N 167 
ILE CG2 HG23 sing N N 168 
ILE CD1 HD11 sing N N 169 
ILE CD1 HD12 sing N N 170 
ILE CD1 HD13 sing N N 171 
ILE OXT HXT  sing N N 172 
LEU N   CA   sing N N 173 
LEU N   H    sing N N 174 
LEU N   H2   sing N N 175 
LEU CA  C    sing N N 176 
LEU CA  CB   sing N N 177 
LEU CA  HA   sing N N 178 
LEU C   O    doub N N 179 
LEU C   OXT  sing N N 180 
LEU CB  CG   sing N N 181 
LEU CB  HB2  sing N N 182 
LEU CB  HB3  sing N N 183 
LEU CG  CD1  sing N N 184 
LEU CG  CD2  sing N N 185 
LEU CG  HG   sing N N 186 
LEU CD1 HD11 sing N N 187 
LEU CD1 HD12 sing N N 188 
LEU CD1 HD13 sing N N 189 
LEU CD2 HD21 sing N N 190 
LEU CD2 HD22 sing N N 191 
LEU CD2 HD23 sing N N 192 
LEU OXT HXT  sing N N 193 
LYS N   CA   sing N N 194 
LYS N   H    sing N N 195 
LYS N   H2   sing N N 196 
LYS CA  C    sing N N 197 
LYS CA  CB   sing N N 198 
LYS CA  HA   sing N N 199 
LYS C   O    doub N N 200 
LYS C   OXT  sing N N 201 
LYS CB  CG   sing N N 202 
LYS CB  HB2  sing N N 203 
LYS CB  HB3  sing N N 204 
LYS CG  CD   sing N N 205 
LYS CG  HG2  sing N N 206 
LYS CG  HG3  sing N N 207 
LYS CD  CE   sing N N 208 
LYS CD  HD2  sing N N 209 
LYS CD  HD3  sing N N 210 
LYS CE  NZ   sing N N 211 
LYS CE  HE2  sing N N 212 
LYS CE  HE3  sing N N 213 
LYS NZ  HZ1  sing N N 214 
LYS NZ  HZ2  sing N N 215 
LYS NZ  HZ3  sing N N 216 
LYS OXT HXT  sing N N 217 
MET N   CA   sing N N 218 
MET N   H    sing N N 219 
MET N   H2   sing N N 220 
MET CA  C    sing N N 221 
MET CA  CB   sing N N 222 
MET CA  HA   sing N N 223 
MET C   O    doub N N 224 
MET C   OXT  sing N N 225 
MET CB  CG   sing N N 226 
MET CB  HB2  sing N N 227 
MET CB  HB3  sing N N 228 
MET CG  SD   sing N N 229 
MET CG  HG2  sing N N 230 
MET CG  HG3  sing N N 231 
MET SD  CE   sing N N 232 
MET CE  HE1  sing N N 233 
MET CE  HE2  sing N N 234 
MET CE  HE3  sing N N 235 
MET OXT HXT  sing N N 236 
PHE N   CA   sing N N 237 
PHE N   H    sing N N 238 
PHE N   H2   sing N N 239 
PHE CA  C    sing N N 240 
PHE CA  CB   sing N N 241 
PHE CA  HA   sing N N 242 
PHE C   O    doub N N 243 
PHE C   OXT  sing N N 244 
PHE CB  CG   sing N N 245 
PHE CB  HB2  sing N N 246 
PHE CB  HB3  sing N N 247 
PHE CG  CD1  doub Y N 248 
PHE CG  CD2  sing Y N 249 
PHE CD1 CE1  sing Y N 250 
PHE CD1 HD1  sing N N 251 
PHE CD2 CE2  doub Y N 252 
PHE CD2 HD2  sing N N 253 
PHE CE1 CZ   doub Y N 254 
PHE CE1 HE1  sing N N 255 
PHE CE2 CZ   sing Y N 256 
PHE CE2 HE2  sing N N 257 
PHE CZ  HZ   sing N N 258 
PHE OXT HXT  sing N N 259 
PRO N   CA   sing N N 260 
PRO N   CD   sing N N 261 
PRO N   H    sing N N 262 
PRO CA  C    sing N N 263 
PRO CA  CB   sing N N 264 
PRO CA  HA   sing N N 265 
PRO C   O    doub N N 266 
PRO C   OXT  sing N N 267 
PRO CB  CG   sing N N 268 
PRO CB  HB2  sing N N 269 
PRO CB  HB3  sing N N 270 
PRO CG  CD   sing N N 271 
PRO CG  HG2  sing N N 272 
PRO CG  HG3  sing N N 273 
PRO CD  HD2  sing N N 274 
PRO CD  HD3  sing N N 275 
PRO OXT HXT  sing N N 276 
SER N   CA   sing N N 277 
SER N   H    sing N N 278 
SER N   H2   sing N N 279 
SER CA  C    sing N N 280 
SER CA  CB   sing N N 281 
SER CA  HA   sing N N 282 
SER C   O    doub N N 283 
SER C   OXT  sing N N 284 
SER CB  OG   sing N N 285 
SER CB  HB2  sing N N 286 
SER CB  HB3  sing N N 287 
SER OG  HG   sing N N 288 
SER OXT HXT  sing N N 289 
SO4 S   O1   doub N N 290 
SO4 S   O2   doub N N 291 
SO4 S   O3   sing N N 292 
SO4 S   O4   sing N N 293 
THR N   CA   sing N N 294 
THR N   H    sing N N 295 
THR N   H2   sing N N 296 
THR CA  C    sing N N 297 
THR CA  CB   sing N N 298 
THR CA  HA   sing N N 299 
THR C   O    doub N N 300 
THR C   OXT  sing N N 301 
THR CB  OG1  sing N N 302 
THR CB  CG2  sing N N 303 
THR CB  HB   sing N N 304 
THR OG1 HG1  sing N N 305 
THR CG2 HG21 sing N N 306 
THR CG2 HG22 sing N N 307 
THR CG2 HG23 sing N N 308 
THR OXT HXT  sing N N 309 
TRP N   CA   sing N N 310 
TRP N   H    sing N N 311 
TRP N   H2   sing N N 312 
TRP CA  C    sing N N 313 
TRP CA  CB   sing N N 314 
TRP CA  HA   sing N N 315 
TRP C   O    doub N N 316 
TRP C   OXT  sing N N 317 
TRP CB  CG   sing N N 318 
TRP CB  HB2  sing N N 319 
TRP CB  HB3  sing N N 320 
TRP CG  CD1  doub Y N 321 
TRP CG  CD2  sing Y N 322 
TRP CD1 NE1  sing Y N 323 
TRP CD1 HD1  sing N N 324 
TRP CD2 CE2  doub Y N 325 
TRP CD2 CE3  sing Y N 326 
TRP NE1 CE2  sing Y N 327 
TRP NE1 HE1  sing N N 328 
TRP CE2 CZ2  sing Y N 329 
TRP CE3 CZ3  doub Y N 330 
TRP CE3 HE3  sing N N 331 
TRP CZ2 CH2  doub Y N 332 
TRP CZ2 HZ2  sing N N 333 
TRP CZ3 CH2  sing Y N 334 
TRP CZ3 HZ3  sing N N 335 
TRP CH2 HH2  sing N N 336 
TRP OXT HXT  sing N N 337 
TYR N   CA   sing N N 338 
TYR N   H    sing N N 339 
TYR N   H2   sing N N 340 
TYR CA  C    sing N N 341 
TYR CA  CB   sing N N 342 
TYR CA  HA   sing N N 343 
TYR C   O    doub N N 344 
TYR C   OXT  sing N N 345 
TYR CB  CG   sing N N 346 
TYR CB  HB2  sing N N 347 
TYR CB  HB3  sing N N 348 
TYR CG  CD1  doub Y N 349 
TYR CG  CD2  sing Y N 350 
TYR CD1 CE1  sing Y N 351 
TYR CD1 HD1  sing N N 352 
TYR CD2 CE2  doub Y N 353 
TYR CD2 HD2  sing N N 354 
TYR CE1 CZ   doub Y N 355 
TYR CE1 HE1  sing N N 356 
TYR CE2 CZ   sing Y N 357 
TYR CE2 HE2  sing N N 358 
TYR CZ  OH   sing N N 359 
TYR OH  HH   sing N N 360 
TYR OXT HXT  sing N N 361 
VAL N   CA   sing N N 362 
VAL N   H    sing N N 363 
VAL N   H2   sing N N 364 
VAL CA  C    sing N N 365 
VAL CA  CB   sing N N 366 
VAL CA  HA   sing N N 367 
VAL C   O    doub N N 368 
VAL C   OXT  sing N N 369 
VAL CB  CG1  sing N N 370 
VAL CB  CG2  sing N N 371 
VAL CB  HB   sing N N 372 
VAL CG1 HG11 sing N N 373 
VAL CG1 HG12 sing N N 374 
VAL CG1 HG13 sing N N 375 
VAL CG2 HG21 sing N N 376 
VAL CG2 HG22 sing N N 377 
VAL CG2 HG23 sing N N 378 
VAL OXT HXT  sing N N 379 
# 
_atom_sites.entry_id                    1B5L 
_atom_sites.fract_transf_matrix[1][1]   0.00942054 
_atom_sites.fract_transf_matrix[1][2]   -0.01480829 
_atom_sites.fract_transf_matrix[1][3]   0.01842324 
_atom_sites.fract_transf_matrix[2][1]   0.00821036 
_atom_sites.fract_transf_matrix[2][2]   0.01769322 
_atom_sites.fract_transf_matrix[2][3]   0.01002322 
_atom_sites.fract_transf_matrix[3][1]   -0.01121013 
_atom_sites.fract_transf_matrix[3][2]   0.00134309 
_atom_sites.fract_transf_matrix[3][3]   0.00681174 
_atom_sites.fract_transf_vector[1]      0.034365 
_atom_sites.fract_transf_vector[2]      -0.002645 
_atom_sites.fract_transf_vector[3]      0.055933 
# 
loop_
_atom_type.symbol 
C 
N 
O 
S 
# 
loop_
_atom_site.group_PDB 
_atom_site.id 
_atom_site.type_symbol 
_atom_site.label_atom_id 
_atom_site.label_alt_id 
_atom_site.label_comp_id 
_atom_site.label_asym_id 
_atom_site.label_entity_id 
_atom_site.label_seq_id 
_atom_site.pdbx_PDB_ins_code 
_atom_site.Cartn_x 
_atom_site.Cartn_y 
_atom_site.Cartn_z 
_atom_site.occupancy 
_atom_site.B_iso_or_equiv 
_atom_site.pdbx_formal_charge 
_atom_site.auth_seq_id 
_atom_site.auth_comp_id 
_atom_site.auth_asym_id 
_atom_site.auth_atom_id 
_atom_site.pdbx_PDB_model_num 
ATOM   1    N N   . CYS A 1 1   ? 14.655  -16.352 -1.184  1.00 26.73 ? 1   CYS A N   1 
ATOM   2    C CA  . CYS A 1 1   ? 14.322  -16.418 0.264   1.00 28.70 ? 1   CYS A CA  1 
ATOM   3    C C   . CYS A 1 1   ? 13.302  -17.559 0.462   1.00 27.95 ? 1   CYS A C   1 
ATOM   4    O O   . CYS A 1 1   ? 12.482  -17.784 -0.399  1.00 28.69 ? 1   CYS A O   1 
ATOM   5    C CB  . CYS A 1 1   ? 13.692  -15.080 0.705   1.00 28.74 ? 1   CYS A CB  1 
ATOM   6    S SG  . CYS A 1 1   ? 13.226  -15.006 2.461   1.00 31.45 ? 1   CYS A SG  1 
ATOM   7    N N   . TYR A 1 2   ? 13.333  -18.241 1.599   1.00 28.07 ? 2   TYR A N   1 
ATOM   8    C CA  . TYR A 1 2   ? 12.397  -19.324 1.831   1.00 27.21 ? 2   TYR A CA  1 
ATOM   9    C C   . TYR A 1 2   ? 10.953  -18.850 1.957   1.00 27.88 ? 2   TYR A C   1 
ATOM   10   O O   . TYR A 1 2   ? 10.009  -19.679 1.844   1.00 23.47 ? 2   TYR A O   1 
ATOM   11   C CB  . TYR A 1 2   ? 12.815  -20.166 3.048   1.00 27.62 ? 2   TYR A CB  1 
ATOM   12   C CG  . TYR A 1 2   ? 12.491  -19.599 4.414   1.00 29.81 ? 2   TYR A CG  1 
ATOM   13   C CD1 . TYR A 1 2   ? 13.387  -18.748 5.061   1.00 28.69 ? 2   TYR A CD1 1 
ATOM   14   C CD2 . TYR A 1 2   ? 11.274  -19.895 5.055   1.00 30.03 ? 2   TYR A CD2 1 
ATOM   15   C CE1 . TYR A 1 2   ? 13.086  -18.197 6.301   1.00 28.14 ? 2   TYR A CE1 1 
ATOM   16   C CE2 . TYR A 1 2   ? 10.967  -19.348 6.304   1.00 29.27 ? 2   TYR A CE2 1 
ATOM   17   C CZ  . TYR A 1 2   ? 11.888  -18.497 6.904   1.00 28.90 ? 2   TYR A CZ  1 
ATOM   18   O OH  . TYR A 1 2   ? 11.586  -17.908 8.093   1.00 30.59 ? 2   TYR A OH  1 
ATOM   19   N N   . LEU A 1 3   ? 10.780  -17.528 2.148   1.00 26.19 ? 3   LEU A N   1 
ATOM   20   C CA  . LEU A 1 3   ? 9.433   -16.915 2.271   1.00 26.45 ? 3   LEU A CA  1 
ATOM   21   C C   . LEU A 1 3   ? 8.902   -16.275 0.974   1.00 26.57 ? 3   LEU A C   1 
ATOM   22   O O   . LEU A 1 3   ? 7.919   -15.558 1.026   1.00 25.72 ? 3   LEU A O   1 
ATOM   23   C CB  . LEU A 1 3   ? 9.439   -15.845 3.361   1.00 26.21 ? 3   LEU A CB  1 
ATOM   24   C CG  . LEU A 1 3   ? 9.705   -16.344 4.785   1.00 27.38 ? 3   LEU A CG  1 
ATOM   25   C CD1 . LEU A 1 3   ? 9.957   -15.148 5.716   1.00 23.21 ? 3   LEU A CD1 1 
ATOM   26   C CD2 . LEU A 1 3   ? 8.495   -17.192 5.255   1.00 27.99 ? 3   LEU A CD2 1 
ATOM   27   N N   . SER A 1 4   ? 9.559   -16.523 -0.169  1.00 25.46 ? 4   SER A N   1 
ATOM   28   C CA  . SER A 1 4   ? 9.143   -15.985 -1.471  1.00 26.77 ? 4   SER A CA  1 
ATOM   29   C C   . SER A 1 4   ? 7.674   -16.213 -1.789  1.00 25.00 ? 4   SER A C   1 
ATOM   30   O O   . SER A 1 4   ? 6.922   -15.281 -2.098  1.00 25.92 ? 4   SER A O   1 
ATOM   31   C CB  . SER A 1 4   ? 9.970   -16.613 -2.597  1.00 27.17 ? 4   SER A CB  1 
ATOM   32   O OG  . SER A 1 4   ? 11.227  -15.980 -2.630  1.00 35.25 ? 4   SER A OG  1 
ATOM   33   N N   . ARG A 1 5   ? 7.268   -17.469 -1.730  1.00 22.37 ? 5   ARG A N   1 
ATOM   34   C CA  . ARG A 1 5   ? 5.892   -17.822 -1.981  1.00 23.77 ? 5   ARG A CA  1 
ATOM   35   C C   . ARG A 1 5   ? 4.974   -17.272 -0.891  1.00 22.33 ? 5   ARG A C   1 
ATOM   36   O O   . ARG A 1 5   ? 3.894   -16.793 -1.176  1.00 22.95 ? 5   ARG A O   1 
ATOM   37   C CB  . ARG A 1 5   ? 5.777   -19.339 -2.036  1.00 25.34 ? 5   ARG A CB  1 
ATOM   38   C CG  . ARG A 1 5   ? 6.689   -19.925 -3.113  1.00 31.52 ? 5   ARG A CG  1 
ATOM   39   C CD  . ARG A 1 5   ? 5.973   -19.850 -4.446  1.00 38.58 ? 5   ARG A CD  1 
ATOM   40   N NE  . ARG A 1 5   ? 4.549   -19.959 -4.134  1.00 42.25 ? 5   ARG A NE  1 
ATOM   41   C CZ  . ARG A 1 5   ? 3.728   -18.931 -4.116  1.00 40.55 ? 5   ARG A CZ  1 
ATOM   42   N NH1 . ARG A 1 5   ? 4.205   -17.746 -4.422  1.00 41.44 ? 5   ARG A NH1 1 
ATOM   43   N NH2 . ARG A 1 5   ? 2.467   -19.091 -3.736  1.00 42.53 ? 5   ARG A NH2 1 
ATOM   44   N N   . LYS A 1 6   ? 5.392   -17.391 0.365   1.00 19.09 ? 6   LYS A N   1 
ATOM   45   C CA  . LYS A 1 6   ? 4.597   -16.875 1.487   1.00 17.75 ? 6   LYS A CA  1 
ATOM   46   C C   . LYS A 1 6   ? 4.306   -15.365 1.272   1.00 17.45 ? 6   LYS A C   1 
ATOM   47   O O   . LYS A 1 6   ? 3.198   -14.898 1.504   1.00 17.34 ? 6   LYS A O   1 
ATOM   48   C CB  . LYS A 1 6   ? 5.376   -17.121 2.802   1.00 17.63 ? 6   LYS A CB  1 
ATOM   49   C CG  . LYS A 1 6   ? 4.693   -16.612 4.057   1.00 17.78 ? 6   LYS A CG  1 
ATOM   50   C CD  . LYS A 1 6   ? 3.368   -17.296 4.234   1.00 23.72 ? 6   LYS A CD  1 
ATOM   51   C CE  . LYS A 1 6   ? 2.205   -16.376 3.897   1.00 24.28 ? 6   LYS A CE  1 
ATOM   52   N NZ  . LYS A 1 6   ? 0.925   -17.138 3.926   1.00 32.91 ? 6   LYS A NZ  1 
ATOM   53   N N   . LEU A 1 7   ? 5.336   -14.618 0.870   1.00 16.24 ? 7   LEU A N   1 
ATOM   54   C CA  . LEU A 1 7   ? 5.252   -13.185 0.564   1.00 18.27 ? 7   LEU A CA  1 
ATOM   55   C C   . LEU A 1 7   ? 4.196   -12.885 -0.542  1.00 20.07 ? 7   LEU A C   1 
ATOM   56   O O   . LEU A 1 7   ? 3.437   -11.928 -0.418  1.00 21.00 ? 7   LEU A O   1 
ATOM   57   C CB  . LEU A 1 7   ? 6.632   -12.678 0.092   1.00 17.00 ? 7   LEU A CB  1 
ATOM   58   C CG  . LEU A 1 7   ? 7.587   -12.475 1.266   1.00 17.22 ? 7   LEU A CG  1 
ATOM   59   C CD1 . LEU A 1 7   ? 9.003   -12.274 0.689   1.00 18.28 ? 7   LEU A CD1 1 
ATOM   60   C CD2 . LEU A 1 7   ? 7.165   -11.283 2.133   1.00 16.87 ? 7   LEU A CD2 1 
ATOM   61   N N   . MET A 1 8   ? 4.181   -13.669 -1.625  1.00 18.88 ? 8   MET A N   1 
ATOM   62   C CA  . MET A 1 8   ? 3.189   -13.467 -2.679  1.00 21.33 ? 8   MET A CA  1 
ATOM   63   C C   . MET A 1 8   ? 1.796   -13.752 -2.136  1.00 19.97 ? 8   MET A C   1 
ATOM   64   O O   . MET A 1 8   ? 0.847   -13.093 -2.523  1.00 21.38 ? 8   MET A O   1 
ATOM   65   C CB  . MET A 1 8   ? 3.451   -14.385 -3.906  1.00 24.47 ? 8   MET A CB  1 
ATOM   66   C CG  . MET A 1 8   ? 4.728   -14.051 -4.685  1.00 25.79 ? 8   MET A CG  1 
ATOM   67   S SD  . MET A 1 8   ? 4.888   -12.238 -4.986  1.00 30.51 ? 8   MET A SD  1 
ATOM   68   C CE  . MET A 1 8   ? 3.286   -11.902 -5.920  1.00 30.94 ? 8   MET A CE  1 
ATOM   69   N N   . LEU A 1 9   ? 1.664   -14.747 -1.255  1.00 19.19 ? 9   LEU A N   1 
ATOM   70   C CA  . LEU A 1 9   ? 0.360   -15.084 -0.647  1.00 19.33 ? 9   LEU A CA  1 
ATOM   71   C C   . LEU A 1 9   ? -0.066  -13.968 0.326   1.00 18.11 ? 9   LEU A C   1 
ATOM   72   O O   . LEU A 1 9   ? -1.242  -13.678 0.473   1.00 16.94 ? 9   LEU A O   1 
ATOM   73   C CB  . LEU A 1 9   ? 0.439   -16.458 0.074   1.00 19.35 ? 9   LEU A CB  1 
ATOM   74   C CG  . LEU A 1 9   ? 0.666   -17.657 -0.904  1.00 24.19 ? 9   LEU A CG  1 
ATOM   75   C CD1 . LEU A 1 9   ? 0.888   -18.947 -0.110  1.00 21.81 ? 9   LEU A CD1 1 
ATOM   76   C CD2 . LEU A 1 9   ? -0.529  -17.834 -1.881  1.00 23.97 ? 9   LEU A CD2 1 
ATOM   77   N N   . ASP A 1 10  ? 0.892   -13.363 1.017   1.00 16.20 ? 10  ASP A N   1 
ATOM   78   C CA  . ASP A 1 10  ? 0.583   -12.214 1.887   1.00 17.00 ? 10  ASP A CA  1 
ATOM   79   C C   . ASP A 1 10  ? 0.005   -11.076 1.004   1.00 16.79 ? 10  ASP A C   1 
ATOM   80   O O   . ASP A 1 10  ? -1.016  -10.454 1.329   1.00 16.39 ? 10  ASP A O   1 
ATOM   81   C CB  . ASP A 1 10  ? 1.862   -11.643 2.508   1.00 15.68 ? 10  ASP A CB  1 
ATOM   82   C CG  . ASP A 1 10  ? 2.477   -12.549 3.588   1.00 17.66 ? 10  ASP A CG  1 
ATOM   83   O OD1 . ASP A 1 10  ? 1.764   -13.373 4.219   1.00 17.41 ? 10  ASP A OD1 1 
ATOM   84   O OD2 . ASP A 1 10  ? 3.677   -12.380 3.819   1.00 18.33 ? 10  ASP A OD2 1 
ATOM   85   N N   . ALA A 1 11  ? 0.675   -10.779 -0.111  1.00 16.34 ? 11  ALA A N   1 
ATOM   86   C CA  . ALA A 1 11  ? 0.231   -9.679  -0.960  1.00 17.20 ? 11  ALA A CA  1 
ATOM   87   C C   . ALA A 1 11  ? -1.171  -9.887  -1.529  1.00 19.92 ? 11  ALA A C   1 
ATOM   88   O O   . ALA A 1 11  ? -2.010  -8.956  -1.573  1.00 21.43 ? 11  ALA A O   1 
ATOM   89   C CB  . ALA A 1 11  ? 1.223   -9.476  -2.119  1.00 12.72 ? 11  ALA A CB  1 
ATOM   90   N N   . ARG A 1 12  ? -1.396  -11.089 -2.035  1.00 19.11 ? 12  ARG A N   1 
ATOM   91   C CA  . ARG A 1 12  ? -2.677  -11.414 -2.606  1.00 20.39 ? 12  ARG A CA  1 
ATOM   92   C C   . ARG A 1 12  ? -3.786  -11.261 -1.559  1.00 20.01 ? 12  ARG A C   1 
ATOM   93   O O   . ARG A 1 12  ? -4.854  -10.708 -1.864  1.00 17.84 ? 12  ARG A O   1 
ATOM   94   C CB  . ARG A 1 12  ? -2.628  -12.826 -3.208  1.00 21.74 ? 12  ARG A CB  1 
ATOM   95   C CG  . ARG A 1 12  ? -1.530  -12.978 -4.299  1.00 28.64 ? 12  ARG A CG  1 
ATOM   96   C CD  . ARG A 1 12  ? -1.820  -14.153 -5.273  1.00 30.70 ? 12  ARG A CD  1 
ATOM   97   N NE  . ARG A 1 12  ? -0.818  -14.275 -6.341  1.00 35.64 ? 12  ARG A NE  1 
ATOM   98   C CZ  . ARG A 1 12  ? 0.236   -15.093 -6.302  1.00 37.47 ? 12  ARG A CZ  1 
ATOM   99   N NH1 . ARG A 1 12  ? 0.435   -15.872 -5.249  1.00 38.38 ? 12  ARG A NH1 1 
ATOM   100  N NH2 . ARG A 1 12  ? 1.107   -15.124 -7.304  1.00 35.96 ? 12  ARG A NH2 1 
ATOM   101  N N   . GLU A 1 13  ? -3.535  -11.721 -0.329  1.00 18.43 ? 13  GLU A N   1 
ATOM   102  C CA  . GLU A 1 13  ? -4.530  -11.582 0.728   1.00 20.01 ? 13  GLU A CA  1 
ATOM   103  C C   . GLU A 1 13  ? -4.764  -10.103 1.131   1.00 17.37 ? 13  GLU A C   1 
ATOM   104  O O   . GLU A 1 13  ? -5.874  -9.715  1.437   1.00 17.88 ? 13  GLU A O   1 
ATOM   105  C CB  . GLU A 1 13  ? -4.120  -12.417 1.961   1.00 20.02 ? 13  GLU A CB  1 
ATOM   106  C CG  . GLU A 1 13  ? -5.161  -12.403 3.116   1.00 28.16 ? 13  GLU A CG  1 
ATOM   107  C CD  . GLU A 1 13  ? -6.575  -12.881 2.723   1.00 31.54 ? 13  GLU A CD  1 
ATOM   108  O OE1 . GLU A 1 13  ? -6.736  -13.744 1.819   1.00 34.32 ? 13  GLU A OE1 1 
ATOM   109  O OE2 . GLU A 1 13  ? -7.549  -12.407 3.342   1.00 35.64 ? 13  GLU A OE2 1 
ATOM   110  N N   . ASN A 1 14  ? -3.733  -9.272  1.172   1.00 16.30 ? 14  ASN A N   1 
ATOM   111  C CA  . ASN A 1 14  ? -3.969  -7.857  1.481   1.00 15.90 ? 14  ASN A CA  1 
ATOM   112  C C   . ASN A 1 14  ? -4.773  -7.176  0.386   1.00 15.79 ? 14  ASN A C   1 
ATOM   113  O O   . ASN A 1 14  ? -5.645  -6.332  0.673   1.00 17.42 ? 14  ASN A O   1 
ATOM   114  C CB  . ASN A 1 14  ? -2.642  -7.137  1.715   1.00 15.80 ? 14  ASN A CB  1 
ATOM   115  C CG  . ASN A 1 14  ? -1.928  -7.711  2.934   1.00 18.72 ? 14  ASN A CG  1 
ATOM   116  O OD1 . ASN A 1 14  ? -2.580  -8.275  3.797   1.00 15.64 ? 14  ASN A OD1 1 
ATOM   117  N ND2 . ASN A 1 14  ? -0.608  -7.590  2.999   1.00 16.39 ? 14  ASN A ND2 1 
ATOM   118  N N   . LEU A 1 15  ? -4.460  -7.501  -0.874  1.00 17.13 ? 15  LEU A N   1 
ATOM   119  C CA  . LEU A 1 15  ? -5.206  -6.946  -1.999  1.00 16.68 ? 15  LEU A CA  1 
ATOM   120  C C   . LEU A 1 15  ? -6.680  -7.377  -1.917  1.00 16.90 ? 15  LEU A C   1 
ATOM   121  O O   . LEU A 1 15  ? -7.588  -6.614  -2.200  1.00 17.17 ? 15  LEU A O   1 
ATOM   122  C CB  . LEU A 1 15  ? -4.609  -7.433  -3.317  1.00 18.02 ? 15  LEU A CB  1 
ATOM   123  C CG  . LEU A 1 15  ? -3.345  -6.723  -3.824  1.00 20.75 ? 15  LEU A CG  1 
ATOM   124  C CD1 . LEU A 1 15  ? -2.779  -7.446  -5.073  1.00 20.17 ? 15  LEU A CD1 1 
ATOM   125  C CD2 . LEU A 1 15  ? -3.687  -5.300  -4.170  1.00 18.88 ? 15  LEU A CD2 1 
ATOM   126  N N   . LYS A 1 16  ? -6.913  -8.619  -1.514  1.00 17.73 ? 16  LYS A N   1 
ATOM   127  C CA  . LYS A 1 16  ? -8.274  -9.112  -1.392  1.00 18.58 ? 16  LYS A CA  1 
ATOM   128  C C   . LYS A 1 16  ? -9.071  -8.368  -0.322  1.00 18.21 ? 16  LYS A C   1 
ATOM   129  O O   . LYS A 1 16  ? -10.231 -8.036  -0.523  1.00 18.71 ? 16  LYS A O   1 
ATOM   130  C CB  . LYS A 1 16  ? -8.240  -10.615 -1.100  1.00 21.16 ? 16  LYS A CB  1 
ATOM   131  C CG  . LYS A 1 16  ? -9.602  -11.274 -1.092  1.00 27.34 ? 16  LYS A CG  1 
ATOM   132  C CD  . LYS A 1 16  ? -9.455  -12.810 -1.025  1.00 32.37 ? 16  LYS A CD  1 
ATOM   133  C CE  . LYS A 1 16  ? -10.780 -13.530 -1.317  1.00 34.54 ? 16  LYS A CE  1 
ATOM   134  N NZ  . LYS A 1 16  ? -10.750 -14.962 -0.855  1.00 38.30 ? 16  LYS A NZ  1 
ATOM   135  N N   . LEU A 1 17  ? -8.451  -8.158  0.833   1.00 17.32 ? 17  LEU A N   1 
ATOM   136  C CA  . LEU A 1 17  ? -9.081  -7.440  1.937   1.00 17.66 ? 17  LEU A CA  1 
ATOM   137  C C   . LEU A 1 17  ? -9.363  -5.971  1.587   1.00 18.41 ? 17  LEU A C   1 
ATOM   138  O O   . LEU A 1 17  ? -10.434 -5.416  1.925   1.00 16.37 ? 17  LEU A O   1 
ATOM   139  C CB  . LEU A 1 17  ? -8.185  -7.519  3.198   1.00 17.17 ? 17  LEU A CB  1 
ATOM   140  C CG  . LEU A 1 17  ? -7.890  -8.923  3.808   1.00 18.39 ? 17  LEU A CG  1 
ATOM   141  C CD1 . LEU A 1 17  ? -6.721  -8.863  4.828   1.00 17.51 ? 17  LEU A CD1 1 
ATOM   142  C CD2 . LEU A 1 17  ? -9.156  -9.479  4.480   1.00 20.93 ? 17  LEU A CD2 1 
ATOM   143  N N   . LEU A 1 18  ? -8.397  -5.332  0.926   1.00 18.55 ? 18  LEU A N   1 
ATOM   144  C CA  . LEU A 1 18  ? -8.584  -3.939  0.555   1.00 18.44 ? 18  LEU A CA  1 
ATOM   145  C C   . LEU A 1 18  ? -9.683  -3.830  -0.513  1.00 19.48 ? 18  LEU A C   1 
ATOM   146  O O   . LEU A 1 18  ? -10.515 -2.943  -0.465  1.00 18.97 ? 18  LEU A O   1 
ATOM   147  C CB  . LEU A 1 18  ? -7.274  -3.337  0.033   1.00 16.76 ? 18  LEU A CB  1 
ATOM   148  C CG  . LEU A 1 18  ? -7.461  -1.897  -0.474  1.00 17.38 ? 18  LEU A CG  1 
ATOM   149  C CD1 . LEU A 1 18  ? -7.989  -1.050  0.645   1.00 18.67 ? 18  LEU A CD1 1 
ATOM   150  C CD2 . LEU A 1 18  ? -6.133  -1.343  -1.007  1.00 16.96 ? 18  LEU A CD2 1 
ATOM   151  N N   . ASP A 1 19  ? -9.713  -4.751  -1.469  1.00 19.06 ? 19  ASP A N   1 
ATOM   152  C CA  . ASP A 1 19  ? -10.750 -4.670  -2.491  1.00 20.04 ? 19  ASP A CA  1 
ATOM   153  C C   . ASP A 1 19  ? -12.154 -4.877  -1.869  1.00 21.08 ? 19  ASP A C   1 
ATOM   154  O O   . ASP A 1 19  ? -13.116 -4.138  -2.152  1.00 19.83 ? 19  ASP A O   1 
ATOM   155  C CB  . ASP A 1 19  ? -10.458 -5.716  -3.539  1.00 20.57 ? 19  ASP A CB  1 
ATOM   156  C CG  . ASP A 1 19  ? -11.500 -5.769  -4.603  1.00 24.88 ? 19  ASP A CG  1 
ATOM   157  O OD1 . ASP A 1 19  ? -11.653 -4.766  -5.322  1.00 25.08 ? 19  ASP A OD1 1 
ATOM   158  O OD2 . ASP A 1 19  ? -12.147 -6.819  -4.724  1.00 25.79 ? 19  ASP A OD2 1 
ATOM   159  N N   . ARG A 1 20  ? -12.271 -5.865  -0.992  1.00 21.13 ? 20  ARG A N   1 
ATOM   160  C CA  . ARG A 1 20  ? -13.557 -6.145  -0.360  1.00 24.83 ? 20  ARG A CA  1 
ATOM   161  C C   . ARG A 1 20  ? -14.036 -4.925  0.449   1.00 25.22 ? 20  ARG A C   1 
ATOM   162  O O   . ARG A 1 20  ? -15.207 -4.514  0.374   1.00 25.09 ? 20  ARG A O   1 
ATOM   163  C CB  . ARG A 1 20  ? -13.422 -7.350  0.573   1.00 25.02 ? 20  ARG A CB  1 
ATOM   164  C CG  . ARG A 1 20  ? -14.741 -7.791  1.183   1.00 28.41 ? 20  ARG A CG  1 
ATOM   165  C CD  . ARG A 1 20  ? -14.704 -9.314  1.323   1.00 33.55 ? 20  ARG A CD  1 
ATOM   166  N NE  . ARG A 1 20  ? -13.981 -9.767  2.492   1.00 30.79 ? 20  ARG A NE  1 
ATOM   167  C CZ  . ARG A 1 20  ? -13.209 -10.842 2.519   1.00 33.83 ? 20  ARG A CZ  1 
ATOM   168  N NH1 . ARG A 1 20  ? -13.031 -11.599 1.433   1.00 33.83 ? 20  ARG A NH1 1 
ATOM   169  N NH2 . ARG A 1 20  ? -12.630 -11.169 3.650   1.00 31.80 ? 20  ARG A NH2 1 
ATOM   170  N N   . MET A 1 21  ? -13.132 -4.327  1.210   1.00 25.22 ? 21  MET A N   1 
ATOM   171  C CA  . MET A 1 21  ? -13.552 -3.180  2.004   1.00 28.77 ? 21  MET A CA  1 
ATOM   172  C C   . MET A 1 21  ? -13.936 -1.999  1.109   1.00 28.37 ? 21  MET A C   1 
ATOM   173  O O   . MET A 1 21  ? -14.878 -1.269  1.416   1.00 27.16 ? 21  MET A O   1 
ATOM   174  C CB  . MET A 1 21  ? -12.479 -2.815  3.053   1.00 30.20 ? 21  MET A CB  1 
ATOM   175  C CG  . MET A 1 21  ? -11.588 -1.668  2.757   1.00 36.03 ? 21  MET A CG  1 
ATOM   176  S SD  . MET A 1 21  ? -10.460 -1.540  4.184   1.00 42.88 ? 21  MET A SD  1 
ATOM   177  C CE  . MET A 1 21  ? -11.603 -1.256  5.427   1.00 39.85 ? 21  MET A CE  1 
ATOM   178  N N   . ASN A 1 22  ? -13.246 -1.816  -0.009  1.00 26.97 ? 22  ASN A N   1 
ATOM   179  C CA  . ASN A 1 22  ? -13.631 -0.737  -0.910  1.00 28.15 ? 22  ASN A CA  1 
ATOM   180  C C   . ASN A 1 22  ? -15.018 -1.030  -1.499  1.00 30.04 ? 22  ASN A C   1 
ATOM   181  O O   . ASN A 1 22  ? -15.861 -0.137  -1.559  1.00 31.63 ? 22  ASN A O   1 
ATOM   182  C CB  . ASN A 1 22  ? -12.603 -0.548  -2.050  1.00 25.58 ? 22  ASN A CB  1 
ATOM   183  C CG  . ASN A 1 22  ? -11.322 0.056   -1.547  1.00 25.88 ? 22  ASN A CG  1 
ATOM   184  O OD1 . ASN A 1 22  ? -11.283 0.435   -0.392  1.00 25.40 ? 22  ASN A OD1 1 
ATOM   185  N ND2 . ASN A 1 22  ? -10.277 0.157   -2.386  1.00 22.21 ? 22  ASN A ND2 1 
ATOM   186  N N   . ARG A 1 23  ? -15.257 -2.271  -1.914  1.00 30.59 ? 23  ARG A N   1 
ATOM   187  C CA  . ARG A 1 23  ? -16.548 -2.655  -2.485  1.00 33.25 ? 23  ARG A CA  1 
ATOM   188  C C   . ARG A 1 23  ? -17.719 -2.596  -1.468  1.00 34.26 ? 23  ARG A C   1 
ATOM   189  O O   . ARG A 1 23  ? -18.868 -2.421  -1.854  1.00 34.94 ? 23  ARG A O   1 
ATOM   190  C CB  . ARG A 1 23  ? -16.436 -4.046  -3.120  1.00 32.50 ? 23  ARG A CB  1 
ATOM   191  C CG  . ARG A 1 23  ? -15.428 -4.058  -4.267  1.00 36.24 ? 23  ARG A CG  1 
ATOM   192  C CD  . ARG A 1 23  ? -15.414 -5.343  -5.026  1.00 40.06 ? 23  ARG A CD  1 
ATOM   193  N NE  . ARG A 1 23  ? -16.056 -5.154  -6.314  1.00 47.25 ? 23  ARG A NE  1 
ATOM   194  C CZ  . ARG A 1 23  ? -15.479 -4.541  -7.343  1.00 49.77 ? 23  ARG A CZ  1 
ATOM   195  N NH1 . ARG A 1 23  ? -14.231 -4.079  -7.231  1.00 53.25 ? 23  ARG A NH1 1 
ATOM   196  N NH2 . ARG A 1 23  ? -16.161 -4.342  -8.461  1.00 50.90 ? 23  ARG A NH2 1 
ATOM   197  N N   . LEU A 1 24  ? -17.430 -2.735  -0.181  1.00 36.13 ? 24  LEU A N   1 
ATOM   198  C CA  . LEU A 1 24  ? -18.475 -2.644  0.844   1.00 38.98 ? 24  LEU A CA  1 
ATOM   199  C C   . LEU A 1 24  ? -18.557 -1.225  1.460   1.00 41.86 ? 24  LEU A C   1 
ATOM   200  O O   . LEU A 1 24  ? -19.356 -0.982  2.369   1.00 40.82 ? 24  LEU A O   1 
ATOM   201  C CB  . LEU A 1 24  ? -18.195 -3.642  1.971   1.00 37.70 ? 24  LEU A CB  1 
ATOM   202  C CG  . LEU A 1 24  ? -18.229 -5.138  1.663   1.00 38.31 ? 24  LEU A CG  1 
ATOM   203  C CD1 . LEU A 1 24  ? -17.610 -5.925  2.820   1.00 38.70 ? 24  LEU A CD1 1 
ATOM   204  C CD2 . LEU A 1 24  ? -19.660 -5.579  1.440   1.00 39.11 ? 24  LEU A CD2 1 
ATOM   205  N N   . SER A 1 25  ? -17.739 -0.293  0.969   1.00 46.44 ? 25  SER A N   1 
ATOM   206  C CA  . SER A 1 25  ? -17.710 1.070   1.507   1.00 50.08 ? 25  SER A CA  1 
ATOM   207  C C   . SER A 1 25  ? -19.098 1.683   1.452   1.00 52.73 ? 25  SER A C   1 
ATOM   208  O O   . SER A 1 25  ? -19.653 1.872   0.366   1.00 51.67 ? 25  SER A O   1 
ATOM   209  C CB  . SER A 1 25  ? -16.745 1.954   0.721   1.00 50.85 ? 25  SER A CB  1 
ATOM   210  O OG  . SER A 1 25  ? -17.415 2.591   -0.359  1.00 54.86 ? 25  SER A OG  1 
ATOM   211  N N   . PRO A 1 26  ? -19.676 1.987   2.636   1.00 55.90 ? 26  PRO A N   1 
ATOM   212  C CA  . PRO A 1 26  ? -20.996 2.577   2.892   1.00 58.45 ? 26  PRO A CA  1 
ATOM   213  C C   . PRO A 1 26  ? -21.231 3.945   2.263   1.00 60.44 ? 26  PRO A C   1 
ATOM   214  O O   . PRO A 1 26  ? -22.334 4.482   2.354   1.00 60.31 ? 26  PRO A O   1 
ATOM   215  C CB  . PRO A 1 26  ? -21.050 2.655   4.418   1.00 58.51 ? 26  PRO A CB  1 
ATOM   216  C CG  . PRO A 1 26  ? -20.216 1.483   4.843   1.00 58.80 ? 26  PRO A CG  1 
ATOM   217  C CD  . PRO A 1 26  ? -19.036 1.619   3.912   1.00 56.91 ? 26  PRO A CD  1 
ATOM   218  N N   . HIS A 1 27  ? -20.200 4.503   1.633   1.00 62.73 ? 27  HIS A N   1 
ATOM   219  C CA  . HIS A 1 27  ? -20.315 5.817   1.010   1.00 65.41 ? 27  HIS A CA  1 
ATOM   220  C C   . HIS A 1 27  ? -20.390 5.774   -0.521  1.00 66.21 ? 27  HIS A C   1 
ATOM   221  O O   . HIS A 1 27  ? -19.761 4.933   -1.172  1.00 66.15 ? 27  HIS A O   1 
ATOM   222  C CB  . HIS A 1 27  ? -19.136 6.691   1.442   1.00 66.69 ? 27  HIS A CB  1 
ATOM   223  C CG  . HIS A 1 27  ? -18.641 6.388   2.822   1.00 67.55 ? 27  HIS A CG  1 
ATOM   224  N ND1 . HIS A 1 27  ? -19.466 6.391   3.925   1.00 68.46 ? 27  HIS A ND1 1 
ATOM   225  C CD2 . HIS A 1 27  ? -17.410 6.046   3.272   1.00 67.87 ? 27  HIS A CD2 1 
ATOM   226  C CE1 . HIS A 1 27  ? -18.765 6.064   4.997   1.00 68.61 ? 27  HIS A CE1 1 
ATOM   227  N NE2 . HIS A 1 27  ? -17.516 5.848   4.628   1.00 68.18 ? 27  HIS A NE2 1 
ATOM   228  N N   . SER A 1 28  ? -21.172 6.691   -1.084  1.00 67.47 ? 28  SER A N   1 
ATOM   229  C CA  . SER A 1 28  ? -21.327 6.783   -2.533  1.00 68.94 ? 28  SER A CA  1 
ATOM   230  C C   . SER A 1 28  ? -20.548 7.994   -3.037  1.00 68.85 ? 28  SER A C   1 
ATOM   231  O O   . SER A 1 28  ? -21.005 8.718   -3.921  1.00 70.12 ? 28  SER A O   1 
ATOM   232  C CB  . SER A 1 28  ? -22.814 6.920   -2.923  1.00 70.13 ? 28  SER A CB  1 
ATOM   233  O OG  . SER A 1 28  ? -23.562 5.737   -2.651  1.00 70.76 ? 28  SER A OG  1 
ATOM   234  N N   . CYS A 1 29  ? -19.371 8.206   -2.459  1.00 68.34 ? 29  CYS A N   1 
ATOM   235  C CA  . CYS A 1 29  ? -18.505 9.313   -2.836  1.00 67.27 ? 29  CYS A CA  1 
ATOM   236  C C   . CYS A 1 29  ? -18.405 9.377   -4.344  1.00 69.84 ? 29  CYS A C   1 
ATOM   237  O O   . CYS A 1 29  ? -18.425 8.351   -5.029  1.00 71.26 ? 29  CYS A O   1 
ATOM   238  C CB  . CYS A 1 29  ? -17.108 9.112   -2.262  1.00 62.24 ? 29  CYS A CB  1 
ATOM   239  S SG  . CYS A 1 29  ? -17.121 8.566   -0.574  1.00 55.20 ? 29  CYS A SG  1 
ATOM   240  N N   . LEU A 1 30  ? -18.277 10.584  -4.866  1.00 72.22 ? 30  LEU A N   1 
ATOM   241  C CA  . LEU A 1 30  ? -18.190 10.748  -6.297  1.00 75.01 ? 30  LEU A CA  1 
ATOM   242  C C   . LEU A 1 30  ? -16.812 10.359  -6.807  1.00 76.22 ? 30  LEU A C   1 
ATOM   243  O O   . LEU A 1 30  ? -15.794 10.708  -6.202  1.00 76.29 ? 30  LEU A O   1 
ATOM   244  C CB  . LEU A 1 30  ? -18.525 12.193  -6.665  1.00 76.15 ? 30  LEU A CB  1 
ATOM   245  C CG  . LEU A 1 30  ? -19.884 12.644  -6.108  1.00 76.86 ? 30  LEU A CG  1 
ATOM   246  C CD1 . LEU A 1 30  ? -20.092 14.121  -6.424  1.00 76.97 ? 30  LEU A CD1 1 
ATOM   247  C CD2 . LEU A 1 30  ? -21.013 11.767  -6.684  1.00 77.50 ? 30  LEU A CD2 1 
ATOM   248  N N   . GLN A 1 31  ? -16.802 9.617   -7.914  1.00 77.47 ? 31  GLN A N   1 
ATOM   249  C CA  . GLN A 1 31  ? -15.567 9.160   -8.549  1.00 78.97 ? 31  GLN A CA  1 
ATOM   250  C C   . GLN A 1 31  ? -14.753 10.375  -8.989  1.00 78.95 ? 31  GLN A C   1 
ATOM   251  O O   . GLN A 1 31  ? -13.647 10.228  -9.521  1.00 78.84 ? 31  GLN A O   1 
ATOM   252  C CB  . GLN A 1 31  ? -15.873 8.297   -9.788  1.00 80.48 ? 31  GLN A CB  1 
ATOM   253  C CG  . GLN A 1 31  ? -16.961 7.235   -9.600  1.00 82.15 ? 31  GLN A CG  1 
ATOM   254  C CD  . GLN A 1 31  ? -17.254 6.451   -10.881 1.00 83.43 ? 31  GLN A CD  1 
ATOM   255  O OE1 . GLN A 1 31  ? -18.312 5.819   -11.011 1.00 83.63 ? 31  GLN A OE1 1 
ATOM   256  N NE2 . GLN A 1 31  ? -16.314 6.480   -11.826 1.00 83.92 ? 31  GLN A NE2 1 
ATOM   257  N N   . ASP A 1 32  ? -15.310 11.567  -8.764  1.00 79.02 ? 32  ASP A N   1 
ATOM   258  C CA  . ASP A 1 32  ? -14.660 12.816  -9.146  1.00 78.73 ? 32  ASP A CA  1 
ATOM   259  C C   . ASP A 1 32  ? -13.142 12.753  -9.107  1.00 78.05 ? 32  ASP A C   1 
ATOM   260  O O   . ASP A 1 32  ? -12.522 12.677  -8.038  1.00 77.69 ? 32  ASP A O   1 
ATOM   261  C CB  . ASP A 1 32  ? -15.169 13.972  -8.281  1.00 79.46 ? 32  ASP A CB  1 
ATOM   262  C CG  . ASP A 1 32  ? -16.182 14.849  -9.017  1.00 80.26 ? 32  ASP A CG  1 
ATOM   263  O OD1 . ASP A 1 32  ? -15.814 15.441  -10.060 1.00 80.12 ? 32  ASP A OD1 1 
ATOM   264  O OD2 . ASP A 1 32  ? -17.343 14.944  -8.555  1.00 80.52 ? 32  ASP A OD2 1 
ATOM   265  N N   . ARG A 1 33  ? -12.583 12.778  -10.316 1.00 76.95 ? 33  ARG A N   1 
ATOM   266  C CA  . ARG A 1 33  ? -11.153 12.714  -10.630 1.00 75.72 ? 33  ARG A CA  1 
ATOM   267  C C   . ARG A 1 33  ? -10.138 13.057  -9.531  1.00 74.36 ? 33  ARG A C   1 
ATOM   268  O O   . ARG A 1 33  ? -10.420 13.864  -8.640  1.00 75.20 ? 33  ARG A O   1 
ATOM   269  C CB  . ARG A 1 33  ? -10.895 13.604  -11.844 1.00 76.36 ? 33  ARG A CB  1 
ATOM   270  C CG  . ARG A 1 33  ? -9.688  13.223  -12.650 1.00 76.26 ? 33  ARG A CG  1 
ATOM   271  C CD  . ARG A 1 33  ? -9.878  11.895  -13.354 1.00 76.43 ? 33  ARG A CD  1 
ATOM   272  N NE  . ARG A 1 33  ? -8.833  11.712  -14.352 1.00 76.89 ? 33  ARG A NE  1 
ATOM   273  C CZ  . ARG A 1 33  ? -7.537  11.635  -14.066 1.00 77.66 ? 33  ARG A CZ  1 
ATOM   274  N NH1 . ARG A 1 33  ? -7.129  11.715  -12.805 1.00 77.98 ? 33  ARG A NH1 1 
ATOM   275  N NH2 . ARG A 1 33  ? -6.645  11.507  -15.044 1.00 77.64 ? 33  ARG A NH2 1 
ATOM   276  N N   . LYS A 1 34  ? -8.958  12.437  -9.613  1.00 71.55 ? 34  LYS A N   1 
ATOM   277  C CA  . LYS A 1 34  ? -7.872  12.672  -8.661  1.00 68.77 ? 34  LYS A CA  1 
ATOM   278  C C   . LYS A 1 34  ? -6.616  11.892  -9.079  1.00 67.09 ? 34  LYS A C   1 
ATOM   279  O O   . LYS A 1 34  ? -6.685  10.706  -9.435  1.00 67.34 ? 34  LYS A O   1 
ATOM   280  C CB  . LYS A 1 34  ? -8.283  12.264  -7.247  1.00 68.87 ? 34  LYS A CB  1 
ATOM   281  C CG  . LYS A 1 34  ? -7.683  13.156  -6.165  1.00 69.07 ? 34  LYS A CG  1 
ATOM   282  C CD  . LYS A 1 34  ? -6.180  13.417  -6.372  1.00 68.92 ? 34  LYS A CD  1 
ATOM   283  C CE  . LYS A 1 34  ? -5.641  14.439  -5.375  1.00 68.50 ? 34  LYS A CE  1 
ATOM   284  N NZ  . LYS A 1 34  ? -4.177  14.712  -5.505  1.00 68.90 ? 34  LYS A NZ  1 
ATOM   285  N N   . ASP A 1 35  ? -5.463  12.552  -9.026  1.00 64.26 ? 35  ASP A N   1 
ATOM   286  C CA  . ASP A 1 35  ? -4.220  11.921  -9.440  1.00 60.83 ? 35  ASP A CA  1 
ATOM   287  C C   . ASP A 1 35  ? -3.182  12.059  -8.340  1.00 57.84 ? 35  ASP A C   1 
ATOM   288  O O   . ASP A 1 35  ? -2.906  13.174  -7.894  1.00 57.46 ? 35  ASP A O   1 
ATOM   289  C CB  . ASP A 1 35  ? -3.722  12.599  -10.705 1.00 62.22 ? 35  ASP A CB  1 
ATOM   290  C CG  . ASP A 1 35  ? -2.864  11.694  -11.548 1.00 63.27 ? 35  ASP A CG  1 
ATOM   291  O OD1 . ASP A 1 35  ? -1.886  11.128  -11.005 1.00 63.54 ? 35  ASP A OD1 1 
ATOM   292  O OD2 . ASP A 1 35  ? -3.172  11.556  -12.758 1.00 64.20 ? 35  ASP A OD2 1 
ATOM   293  N N   . PHE A 1 36  ? -2.609  10.932  -7.905  1.00 53.90 ? 36  PHE A N   1 
ATOM   294  C CA  . PHE A 1 36  ? -1.615  10.945  -6.834  1.00 49.26 ? 36  PHE A CA  1 
ATOM   295  C C   . PHE A 1 36  ? -0.176  10.757  -7.301  1.00 48.45 ? 36  PHE A C   1 
ATOM   296  O O   . PHE A 1 36  ? 0.758   10.666  -6.495  1.00 46.16 ? 36  PHE A O   1 
ATOM   297  C CB  . PHE A 1 36  ? -1.994  9.923   -5.751  1.00 47.28 ? 36  PHE A CB  1 
ATOM   298  C CG  . PHE A 1 36  ? -3.222  10.313  -4.953  1.00 44.54 ? 36  PHE A CG  1 
ATOM   299  C CD1 . PHE A 1 36  ? -3.108  11.085  -3.801  1.00 44.79 ? 36  PHE A CD1 1 
ATOM   300  C CD2 . PHE A 1 36  ? -4.484  9.915   -5.346  1.00 44.93 ? 36  PHE A CD2 1 
ATOM   301  C CE1 . PHE A 1 36  ? -4.256  11.444  -3.064  1.00 43.31 ? 36  PHE A CE1 1 
ATOM   302  C CE2 . PHE A 1 36  ? -5.629  10.275  -4.606  1.00 42.65 ? 36  PHE A CE2 1 
ATOM   303  C CZ  . PHE A 1 36  ? -5.504  11.033  -3.476  1.00 40.62 ? 36  PHE A CZ  1 
ATOM   304  N N   . GLY A 1 37  ? -0.002  10.706  -8.614  1.00 47.58 ? 37  GLY A N   1 
ATOM   305  C CA  . GLY A 1 37  ? 1.328   10.602  -9.177  1.00 48.66 ? 37  GLY A CA  1 
ATOM   306  C C   . GLY A 1 37  ? 2.178   9.445   -8.715  1.00 49.25 ? 37  GLY A C   1 
ATOM   307  O O   . GLY A 1 37  ? 3.349   9.611   -8.364  1.00 48.06 ? 37  GLY A O   1 
ATOM   308  N N   . LEU A 1 38  ? 1.565   8.267   -8.709  1.00 49.81 ? 38  LEU A N   1 
ATOM   309  C CA  . LEU A 1 38  ? 2.237   7.040   -8.338  1.00 50.38 ? 38  LEU A CA  1 
ATOM   310  C C   . LEU A 1 38  ? 3.330   6.729   -9.371  1.00 51.38 ? 38  LEU A C   1 
ATOM   311  O O   . LEU A 1 38  ? 3.066   6.666   -10.576 1.00 50.20 ? 38  LEU A O   1 
ATOM   312  C CB  . LEU A 1 38  ? 1.218   5.908   -8.327  1.00 50.52 ? 38  LEU A CB  1 
ATOM   313  C CG  . LEU A 1 38  ? 1.717   4.475   -8.189  1.00 50.67 ? 38  LEU A CG  1 
ATOM   314  C CD1 . LEU A 1 38  ? 2.255   4.222   -6.785  1.00 49.86 ? 38  LEU A CD1 1 
ATOM   315  C CD2 . LEU A 1 38  ? 0.554   3.543   -8.511  1.00 51.02 ? 38  LEU A CD2 1 
ATOM   316  N N   . PRO A 1 39  ? 4.576   6.557   -8.913  1.00 52.60 ? 39  PRO A N   1 
ATOM   317  C CA  . PRO A 1 39  ? 5.688   6.240   -9.820  1.00 54.61 ? 39  PRO A CA  1 
ATOM   318  C C   . PRO A 1 39  ? 5.569   4.778   -10.324 1.00 56.29 ? 39  PRO A C   1 
ATOM   319  O O   . PRO A 1 39  ? 6.468   3.981   -10.084 1.00 55.74 ? 39  PRO A O   1 
ATOM   320  C CB  . PRO A 1 39  ? 6.928   6.422   -8.927  1.00 53.64 ? 39  PRO A CB  1 
ATOM   321  C CG  . PRO A 1 39  ? 6.483   7.315   -7.837  1.00 52.06 ? 39  PRO A CG  1 
ATOM   322  C CD  . PRO A 1 39  ? 5.071   6.885   -7.565  1.00 52.77 ? 39  PRO A CD  1 
ATOM   323  N N   . GLN A 1 40  ? 4.468   4.430   -10.997 1.00 59.47 ? 40  GLN A N   1 
ATOM   324  C CA  . GLN A 1 40  ? 4.248   3.057   -11.496 1.00 62.34 ? 40  GLN A CA  1 
ATOM   325  C C   . GLN A 1 40  ? 5.421   2.530   -12.303 1.00 64.82 ? 40  GLN A C   1 
ATOM   326  O O   . GLN A 1 40  ? 5.635   1.315   -12.386 1.00 64.52 ? 40  GLN A O   1 
ATOM   327  C CB  . GLN A 1 40  ? 2.987   2.985   -12.360 1.00 62.99 ? 40  GLN A CB  1 
ATOM   328  C CG  . GLN A 1 40  ? 1.684   3.038   -11.574 1.00 65.16 ? 40  GLN A CG  1 
ATOM   329  C CD  . GLN A 1 40  ? 0.549   3.710   -12.341 1.00 65.95 ? 40  GLN A CD  1 
ATOM   330  O OE1 . GLN A 1 40  ? 0.039   3.180   -13.335 1.00 65.84 ? 40  GLN A OE1 1 
ATOM   331  N NE2 . GLN A 1 40  ? 0.153   4.895   -11.878 1.00 66.93 ? 40  GLN A NE2 1 
ATOM   332  N N   . GLU A 1 41  ? 6.171   3.458   -12.894 1.00 67.29 ? 41  GLU A N   1 
ATOM   333  C CA  . GLU A 1 41  ? 7.338   3.154   -13.710 1.00 70.30 ? 41  GLU A CA  1 
ATOM   334  C C   . GLU A 1 41  ? 8.195   2.045   -13.111 1.00 72.11 ? 41  GLU A C   1 
ATOM   335  O O   . GLU A 1 41  ? 8.411   1.011   -13.747 1.00 72.02 ? 41  GLU A O   1 
ATOM   336  C CB  . GLU A 1 41  ? 8.177   4.422   -13.885 1.00 71.26 ? 41  GLU A CB  1 
ATOM   337  C CG  . GLU A 1 41  ? 7.359   5.626   -14.340 1.00 72.70 ? 41  GLU A CG  1 
ATOM   338  C CD  . GLU A 1 41  ? 8.215   6.776   -14.845 1.00 73.61 ? 41  GLU A CD  1 
ATOM   339  O OE1 . GLU A 1 41  ? 9.023   7.324   -14.061 1.00 72.99 ? 41  GLU A OE1 1 
ATOM   340  O OE2 . GLU A 1 41  ? 8.077   7.134   -16.037 1.00 74.57 ? 41  GLU A OE2 1 
ATOM   341  N N   . MET A 1 42  ? 8.677   2.273   -11.888 1.00 74.53 ? 42  MET A N   1 
ATOM   342  C CA  . MET A 1 42  ? 9.517   1.313   -11.160 1.00 76.81 ? 42  MET A CA  1 
ATOM   343  C C   . MET A 1 42  ? 9.438   -0.146  -11.630 1.00 77.79 ? 42  MET A C   1 
ATOM   344  O O   . MET A 1 42  ? 10.411  -0.700  -12.159 1.00 78.06 ? 42  MET A O   1 
ATOM   345  C CB  . MET A 1 42  ? 9.185   1.368   -9.664  1.00 77.80 ? 42  MET A CB  1 
ATOM   346  C CG  . MET A 1 42  ? 7.714   1.109   -9.327  1.00 79.50 ? 42  MET A CG  1 
ATOM   347  S SD  . MET A 1 42  ? 7.383   1.171   -7.533  1.00 81.93 ? 42  MET A SD  1 
ATOM   348  C CE  . MET A 1 42  ? 6.837   -0.539  -7.210  1.00 81.53 ? 42  MET A CE  1 
ATOM   349  N N   . VAL A 1 43  ? 8.280   -0.761  -11.443 1.00 78.59 ? 43  VAL A N   1 
ATOM   350  C CA  . VAL A 1 43  ? 8.101   -2.152  -11.819 1.00 79.56 ? 43  VAL A CA  1 
ATOM   351  C C   . VAL A 1 43  ? 7.484   -2.385  -13.211 1.00 80.64 ? 43  VAL A C   1 
ATOM   352  O O   . VAL A 1 43  ? 7.330   -3.534  -13.653 1.00 80.32 ? 43  VAL A O   1 
ATOM   353  C CB  . VAL A 1 43  ? 7.247   -2.862  -10.773 1.00 79.27 ? 43  VAL A CB  1 
ATOM   354  C CG1 . VAL A 1 43  ? 5.813   -2.359  -10.851 1.00 79.23 ? 43  VAL A CG1 1 
ATOM   355  C CG2 . VAL A 1 43  ? 7.332   -4.360  -10.971 1.00 79.27 ? 43  VAL A CG2 1 
ATOM   356  N N   . GLU A 1 44  ? 7.129   -1.309  -13.906 1.00 81.47 ? 44  GLU A N   1 
ATOM   357  C CA  . GLU A 1 44  ? 6.549   -1.471  -15.235 1.00 82.44 ? 44  GLU A CA  1 
ATOM   358  C C   . GLU A 1 44  ? 7.606   -1.948  -16.224 1.00 82.74 ? 44  GLU A C   1 
ATOM   359  O O   . GLU A 1 44  ? 7.286   -2.600  -17.220 1.00 83.24 ? 44  GLU A O   1 
ATOM   360  C CB  . GLU A 1 44  ? 5.935   -0.163  -15.737 1.00 82.79 ? 44  GLU A CB  1 
ATOM   361  C CG  . GLU A 1 44  ? 5.509   -0.227  -17.201 1.00 83.74 ? 44  GLU A CG  1 
ATOM   362  C CD  . GLU A 1 44  ? 4.721   0.989   -17.645 1.00 84.22 ? 44  GLU A CD  1 
ATOM   363  O OE1 . GLU A 1 44  ? 4.343   1.799   -16.770 1.00 84.41 ? 44  GLU A OE1 1 
ATOM   364  O OE2 . GLU A 1 44  ? 4.474   1.126   -18.867 1.00 84.43 ? 44  GLU A OE2 1 
ATOM   365  N N   . GLY A 1 45  ? 8.866   -1.621  -15.948 1.00 82.88 ? 45  GLY A N   1 
ATOM   366  C CA  . GLY A 1 45  ? 9.943   -2.036  -16.830 1.00 82.87 ? 45  GLY A CA  1 
ATOM   367  C C   . GLY A 1 45  ? 11.100  -2.683  -16.088 1.00 82.77 ? 45  GLY A C   1 
ATOM   368  O O   . GLY A 1 45  ? 12.046  -3.182  -16.707 1.00 83.05 ? 45  GLY A O   1 
ATOM   369  N N   . ASP A 1 46  ? 11.021  -2.682  -14.759 1.00 82.26 ? 46  ASP A N   1 
ATOM   370  C CA  . ASP A 1 46  ? 12.065  -3.255  -13.919 1.00 81.10 ? 46  ASP A CA  1 
ATOM   371  C C   . ASP A 1 46  ? 13.328  -2.442  -14.168 1.00 79.84 ? 46  ASP A C   1 
ATOM   372  O O   . ASP A 1 46  ? 14.384  -2.994  -14.506 1.00 79.48 ? 46  ASP A O   1 
ATOM   373  C CB  . ASP A 1 46  ? 12.310  -4.724  -14.287 1.00 82.06 ? 46  ASP A CB  1 
ATOM   374  C CG  . ASP A 1 46  ? 12.946  -5.513  -13.151 1.00 83.29 ? 46  ASP A CG  1 
ATOM   375  O OD1 . ASP A 1 46  ? 12.937  -5.017  -11.998 1.00 84.09 ? 46  ASP A OD1 1 
ATOM   376  O OD2 . ASP A 1 46  ? 13.444  -6.632  -13.405 1.00 83.75 ? 46  ASP A OD2 1 
ATOM   377  N N   . GLN A 1 47  ? 13.207  -1.125  -14.004 1.00 78.31 ? 47  GLN A N   1 
ATOM   378  C CA  . GLN A 1 47  ? 14.321  -0.209  -14.231 1.00 76.73 ? 47  GLN A CA  1 
ATOM   379  C C   . GLN A 1 47  ? 15.170  0.039   -12.980 1.00 75.55 ? 47  GLN A C   1 
ATOM   380  O O   . GLN A 1 47  ? 15.676  1.149   -12.776 1.00 75.47 ? 47  GLN A O   1 
ATOM   381  C CB  . GLN A 1 47  ? 13.789  1.120   -14.785 1.00 76.70 ? 47  GLN A CB  1 
ATOM   382  C CG  . GLN A 1 47  ? 12.774  1.815   -13.877 1.00 76.73 ? 47  GLN A CG  1 
ATOM   383  C CD  . GLN A 1 47  ? 12.048  2.964   -14.556 1.00 76.46 ? 47  GLN A CD  1 
ATOM   384  O OE1 . GLN A 1 47  ? 11.263  2.761   -15.481 1.00 76.21 ? 47  GLN A OE1 1 
ATOM   385  N NE2 . GLN A 1 47  ? 12.307  4.181   -14.094 1.00 76.48 ? 47  GLN A NE2 1 
ATOM   386  N N   . LEU A 1 48  ? 15.330  -0.997  -12.154 1.00 73.83 ? 48  LEU A N   1 
ATOM   387  C CA  . LEU A 1 48  ? 16.125  -0.898  -10.928 1.00 72.15 ? 48  LEU A CA  1 
ATOM   388  C C   . LEU A 1 48  ? 16.844  -2.197  -10.533 1.00 70.72 ? 48  LEU A C   1 
ATOM   389  O O   . LEU A 1 48  ? 16.354  -3.291  -10.804 1.00 69.79 ? 48  LEU A O   1 
ATOM   390  C CB  . LEU A 1 48  ? 15.238  -0.412  -9.769  1.00 72.93 ? 48  LEU A CB  1 
ATOM   391  C CG  . LEU A 1 48  ? 13.794  -0.917  -9.649  1.00 73.29 ? 48  LEU A CG  1 
ATOM   392  C CD1 . LEU A 1 48  ? 13.781  -2.444  -9.634  1.00 74.35 ? 48  LEU A CD1 1 
ATOM   393  C CD2 . LEU A 1 48  ? 13.150  -0.353  -8.375  1.00 72.84 ? 48  LEU A CD2 1 
ATOM   394  N N   . GLN A 1 49  ? 18.014  -2.067  -9.900  1.00 69.48 ? 49  GLN A N   1 
ATOM   395  C CA  . GLN A 1 49  ? 18.797  -3.228  -9.452  1.00 67.91 ? 49  GLN A CA  1 
ATOM   396  C C   . GLN A 1 49  ? 18.081  -3.944  -8.307  1.00 66.33 ? 49  GLN A C   1 
ATOM   397  O O   . GLN A 1 49  ? 17.246  -3.345  -7.632  1.00 65.80 ? 49  GLN A O   1 
ATOM   398  C CB  . GLN A 1 49  ? 20.183  -2.773  -8.980  1.00 68.72 ? 49  GLN A CB  1 
ATOM   399  C CG  . GLN A 1 49  ? 21.224  -2.618  -10.092 1.00 69.69 ? 49  GLN A CG  1 
ATOM   400  C CD  . GLN A 1 49  ? 21.865  -3.948  -10.497 1.00 70.39 ? 49  GLN A CD  1 
ATOM   401  O OE1 . GLN A 1 49  ? 21.188  -4.860  -10.990 1.00 70.13 ? 49  GLN A OE1 1 
ATOM   402  N NE2 . GLN A 1 49  ? 23.177  -4.065  -10.280 1.00 69.65 ? 49  GLN A NE2 1 
ATOM   403  N N   . LYS A 1 50  ? 18.405  -5.217  -8.078  1.00 64.57 ? 50  LYS A N   1 
ATOM   404  C CA  . LYS A 1 50  ? 17.768  -5.975  -7.000  1.00 62.95 ? 50  LYS A CA  1 
ATOM   405  C C   . LYS A 1 50  ? 18.046  -5.342  -5.650  1.00 61.37 ? 50  LYS A C   1 
ATOM   406  O O   . LYS A 1 50  ? 17.205  -5.371  -4.733  1.00 60.91 ? 50  LYS A O   1 
ATOM   407  C CB  . LYS A 1 50  ? 18.264  -7.423  -6.964  1.00 64.33 ? 50  LYS A CB  1 
ATOM   408  C CG  . LYS A 1 50  ? 18.036  -8.080  -5.599  1.00 65.42 ? 50  LYS A CG  1 
ATOM   409  C CD  . LYS A 1 50  ? 18.105  -9.582  -5.658  1.00 66.23 ? 50  LYS A CD  1 
ATOM   410  C CE  . LYS A 1 50  ? 17.501  -10.182 -4.407  1.00 66.50 ? 50  LYS A CE  1 
ATOM   411  N NZ  . LYS A 1 50  ? 17.337  -11.650 -4.557  1.00 68.06 ? 50  LYS A NZ  1 
ATOM   412  N N   . ASP A 1 51  ? 19.246  -4.784  -5.518  1.00 59.09 ? 51  ASP A N   1 
ATOM   413  C CA  . ASP A 1 51  ? 19.618  -4.143  -4.273  1.00 56.66 ? 51  ASP A CA  1 
ATOM   414  C C   . ASP A 1 51  ? 18.863  -2.824  -4.140  1.00 54.18 ? 51  ASP A C   1 
ATOM   415  O O   . ASP A 1 51  ? 18.906  -2.170  -3.101  1.00 53.59 ? 51  ASP A O   1 
ATOM   416  C CB  . ASP A 1 51  ? 21.155  -3.942  -4.194  1.00 57.16 ? 51  ASP A CB  1 
ATOM   417  C CG  . ASP A 1 51  ? 21.720  -3.053  -5.311  1.00 57.74 ? 51  ASP A CG  1 
ATOM   418  O OD1 . ASP A 1 51  ? 20.939  -2.422  -6.060  1.00 56.61 ? 51  ASP A OD1 1 
ATOM   419  O OD2 . ASP A 1 51  ? 22.971  -2.984  -5.420  1.00 57.58 ? 51  ASP A OD2 1 
ATOM   420  N N   . GLN A 1 52  ? 18.162  -2.437  -5.201  1.00 52.35 ? 52  GLN A N   1 
ATOM   421  C CA  . GLN A 1 52  ? 17.372  -1.206  -5.179  1.00 50.98 ? 52  GLN A CA  1 
ATOM   422  C C   . GLN A 1 52  ? 15.875  -1.553  -5.063  1.00 48.94 ? 52  GLN A C   1 
ATOM   423  O O   . GLN A 1 52  ? 15.098  -0.818  -4.456  1.00 48.77 ? 52  GLN A O   1 
ATOM   424  C CB  . GLN A 1 52  ? 17.640  -0.389  -6.443  1.00 53.10 ? 52  GLN A CB  1 
ATOM   425  C CG  . GLN A 1 52  ? 17.469  1.119   -6.254  1.00 55.75 ? 52  GLN A CG  1 
ATOM   426  C CD  . GLN A 1 52  ? 18.139  1.930   -7.357  1.00 57.77 ? 52  GLN A CD  1 
ATOM   427  O OE1 . GLN A 1 52  ? 18.132  3.170   -7.340  1.00 58.30 ? 52  GLN A OE1 1 
ATOM   428  N NE2 . GLN A 1 52  ? 18.725  1.230   -8.328  1.00 59.53 ? 52  GLN A NE2 1 
ATOM   429  N N   . ALA A 1 53  ? 15.497  -2.697  -5.628  1.00 45.72 ? 53  ALA A N   1 
ATOM   430  C CA  . ALA A 1 53  ? 14.126  -3.186  -5.612  1.00 43.89 ? 53  ALA A CA  1 
ATOM   431  C C   . ALA A 1 53  ? 13.632  -3.460  -4.202  1.00 42.27 ? 53  ALA A C   1 
ATOM   432  O O   . ALA A 1 53  ? 12.541  -3.044  -3.817  1.00 41.56 ? 53  ALA A O   1 
ATOM   433  C CB  . ALA A 1 53  ? 14.018  -4.455  -6.440  1.00 43.05 ? 53  ALA A CB  1 
ATOM   434  N N   . PHE A 1 54  ? 14.446  -4.159  -3.433  1.00 40.55 ? 54  PHE A N   1 
ATOM   435  C CA  . PHE A 1 54  ? 14.061  -4.482  -2.086  1.00 39.07 ? 54  PHE A CA  1 
ATOM   436  C C   . PHE A 1 54  ? 13.787  -3.268  -1.214  1.00 37.03 ? 54  PHE A C   1 
ATOM   437  O O   . PHE A 1 54  ? 12.738  -3.177  -0.595  1.00 35.01 ? 54  PHE A O   1 
ATOM   438  C CB  . PHE A 1 54  ? 15.103  -5.365  -1.423  1.00 40.53 ? 54  PHE A CB  1 
ATOM   439  C CG  . PHE A 1 54  ? 14.779  -5.685  -0.011  1.00 42.47 ? 54  PHE A CG  1 
ATOM   440  C CD1 . PHE A 1 54  ? 15.059  -4.777  1.000   1.00 42.78 ? 54  PHE A CD1 1 
ATOM   441  C CD2 . PHE A 1 54  ? 14.184  -6.885  0.314   1.00 44.18 ? 54  PHE A CD2 1 
ATOM   442  C CE1 . PHE A 1 54  ? 14.759  -5.058  2.318   1.00 44.19 ? 54  PHE A CE1 1 
ATOM   443  C CE2 . PHE A 1 54  ? 13.878  -7.184  1.639   1.00 46.28 ? 54  PHE A CE2 1 
ATOM   444  C CZ  . PHE A 1 54  ? 14.169  -6.262  2.648   1.00 45.52 ? 54  PHE A CZ  1 
ATOM   445  N N   . PRO A 1 55  ? 14.747  -2.341  -1.111  1.00 36.75 ? 55  PRO A N   1 
ATOM   446  C CA  . PRO A 1 55  ? 14.435  -1.181  -0.261  1.00 34.12 ? 55  PRO A CA  1 
ATOM   447  C C   . PRO A 1 55  ? 13.211  -0.390  -0.739  1.00 32.75 ? 55  PRO A C   1 
ATOM   448  O O   . PRO A 1 55  ? 12.505  0.179   0.078   1.00 30.44 ? 55  PRO A O   1 
ATOM   449  C CB  . PRO A 1 55  ? 15.739  -0.348  -0.288  1.00 33.46 ? 55  PRO A CB  1 
ATOM   450  C CG  . PRO A 1 55  ? 16.444  -0.820  -1.532  1.00 36.17 ? 55  PRO A CG  1 
ATOM   451  C CD  . PRO A 1 55  ? 16.158  -2.314  -1.553  1.00 35.30 ? 55  PRO A CD  1 
ATOM   452  N N   . VAL A 1 56  ? 12.952  -0.338  -2.048  1.00 31.63 ? 56  VAL A N   1 
ATOM   453  C CA  . VAL A 1 56  ? 11.778  0.417   -2.557  1.00 31.48 ? 56  VAL A CA  1 
ATOM   454  C C   . VAL A 1 56  ? 10.438  -0.301  -2.178  1.00 31.51 ? 56  VAL A C   1 
ATOM   455  O O   . VAL A 1 56  ? 9.465   0.340   -1.771  1.00 31.82 ? 56  VAL A O   1 
ATOM   456  C CB  . VAL A 1 56  ? 11.874  0.618   -4.079  1.00 31.81 ? 56  VAL A CB  1 
ATOM   457  C CG1 . VAL A 1 56  ? 10.551  1.006   -4.659  1.00 31.82 ? 56  VAL A CG1 1 
ATOM   458  C CG2 . VAL A 1 56  ? 12.895  1.720   -4.398  1.00 33.05 ? 56  VAL A CG2 1 
ATOM   459  N N   . LEU A 1 57  ? 10.424  -1.625  -2.285  1.00 29.59 ? 57  LEU A N   1 
ATOM   460  C CA  . LEU A 1 57  ? 9.261   -2.421  -1.923  1.00 28.43 ? 57  LEU A CA  1 
ATOM   461  C C   . LEU A 1 57  ? 9.044   -2.311  -0.418  1.00 28.50 ? 57  LEU A C   1 
ATOM   462  O O   . LEU A 1 57  ? 7.904   -2.171  0.044   1.00 26.75 ? 57  LEU A O   1 
ATOM   463  C CB  . LEU A 1 57  ? 9.467   -3.892  -2.281  1.00 26.34 ? 57  LEU A CB  1 
ATOM   464  C CG  . LEU A 1 57  ? 8.438   -4.807  -1.597  1.00 25.79 ? 57  LEU A CG  1 
ATOM   465  C CD1 . LEU A 1 57  ? 7.032   -4.498  -2.168  1.00 23.38 ? 57  LEU A CD1 1 
ATOM   466  C CD2 . LEU A 1 57  ? 8.828   -6.278  -1.820  1.00 23.98 ? 57  LEU A CD2 1 
ATOM   467  N N   . TYR A 1 58  ? 10.119  -2.381  0.359   1.00 28.02 ? 58  TYR A N   1 
ATOM   468  C CA  . TYR A 1 58  ? 9.939   -2.249  1.805   1.00 30.51 ? 58  TYR A CA  1 
ATOM   469  C C   . TYR A 1 58  ? 9.326   -0.889  2.182   1.00 31.20 ? 58  TYR A C   1 
ATOM   470  O O   . TYR A 1 58  ? 8.440   -0.795  3.059   1.00 32.51 ? 58  TYR A O   1 
ATOM   471  C CB  . TYR A 1 58  ? 11.251  -2.454  2.539   1.00 27.07 ? 58  TYR A CB  1 
ATOM   472  C CG  . TYR A 1 58  ? 11.027  -2.752  4.001   1.00 27.88 ? 58  TYR A CG  1 
ATOM   473  C CD1 . TYR A 1 58  ? 10.938  -1.718  4.937   1.00 27.22 ? 58  TYR A CD1 1 
ATOM   474  C CD2 . TYR A 1 58  ? 10.871  -4.070  4.453   1.00 25.81 ? 58  TYR A CD2 1 
ATOM   475  C CE1 . TYR A 1 58  ? 10.702  -1.983  6.295   1.00 27.43 ? 58  TYR A CE1 1 
ATOM   476  C CE2 . TYR A 1 58  ? 10.633  -4.344  5.800   1.00 27.85 ? 58  TYR A CE2 1 
ATOM   477  C CZ  . TYR A 1 58  ? 10.555  -3.289  6.727   1.00 28.47 ? 58  TYR A CZ  1 
ATOM   478  O OH  . TYR A 1 58  ? 10.375  -3.529  8.083   1.00 26.47 ? 58  TYR A OH  1 
ATOM   479  N N   . GLU A 1 59  ? 9.764   0.166   1.508   1.00 31.72 ? 59  GLU A N   1 
ATOM   480  C CA  . GLU A 1 59  ? 9.224   1.506   1.797   1.00 33.82 ? 59  GLU A CA  1 
ATOM   481  C C   . GLU A 1 59  ? 7.749   1.626   1.414   1.00 32.09 ? 59  GLU A C   1 
ATOM   482  O O   . GLU A 1 59  ? 6.972   2.291   2.087   1.00 32.65 ? 59  GLU A O   1 
ATOM   483  C CB  . GLU A 1 59  ? 10.019  2.594   1.054   1.00 36.27 ? 59  GLU A CB  1 
ATOM   484  C CG  . GLU A 1 59  ? 11.030  3.311   1.912   1.00 42.78 ? 59  GLU A CG  1 
ATOM   485  C CD  . GLU A 1 59  ? 10.390  4.063   3.084   1.00 43.74 ? 59  GLU A CD  1 
ATOM   486  O OE1 . GLU A 1 59  ? 9.552   4.971   2.852   1.00 44.41 ? 59  GLU A OE1 1 
ATOM   487  O OE2 . GLU A 1 59  ? 10.739  3.731   4.234   1.00 46.15 ? 59  GLU A OE2 1 
ATOM   488  N N   . MET A 1 60  ? 7.379   1.012   0.305   1.00 31.60 ? 60  MET A N   1 
ATOM   489  C CA  . MET A 1 60  ? 6.003   1.031   -0.174  1.00 30.58 ? 60  MET A CA  1 
ATOM   490  C C   . MET A 1 60  ? 5.077   0.370   0.839   1.00 29.10 ? 60  MET A C   1 
ATOM   491  O O   . MET A 1 60  ? 3.967   0.853   1.105   1.00 27.72 ? 60  MET A O   1 
ATOM   492  C CB  . MET A 1 60  ? 5.904   0.267   -1.484  1.00 32.44 ? 60  MET A CB  1 
ATOM   493  C CG  . MET A 1 60  ? 6.489   0.973   -2.634  1.00 38.09 ? 60  MET A CG  1 
ATOM   494  S SD  . MET A 1 60  ? 5.402   2.319   -3.040  1.00 47.40 ? 60  MET A SD  1 
ATOM   495  C CE  . MET A 1 60  ? 3.972   1.395   -3.777  1.00 43.65 ? 60  MET A CE  1 
ATOM   496  N N   . LEU A 1 61  ? 5.524   -0.763  1.372   1.00 26.96 ? 61  LEU A N   1 
ATOM   497  C CA  . LEU A 1 61  ? 4.722   -1.494  2.341   1.00 27.07 ? 61  LEU A CA  1 
ATOM   498  C C   . LEU A 1 61  ? 4.685   -0.822  3.705   1.00 26.30 ? 61  LEU A C   1 
ATOM   499  O O   . LEU A 1 61  ? 3.639   -0.812  4.363   1.00 25.44 ? 61  LEU A O   1 
ATOM   500  C CB  . LEU A 1 61  ? 5.220   -2.945  2.469   1.00 27.19 ? 61  LEU A CB  1 
ATOM   501  C CG  . LEU A 1 61  ? 5.075   -3.808  1.212   1.00 29.84 ? 61  LEU A CG  1 
ATOM   502  C CD1 . LEU A 1 61  ? 5.496   -5.206  1.562   1.00 30.80 ? 61  LEU A CD1 1 
ATOM   503  C CD2 . LEU A 1 61  ? 3.625   -3.797  0.672   1.00 28.34 ? 61  LEU A CD2 1 
ATOM   504  N N   . GLN A 1 62  ? 5.812   -0.261  4.136   1.00 25.20 ? 62  GLN A N   1 
ATOM   505  C CA  . GLN A 1 62  ? 5.858   0.402   5.438   1.00 27.53 ? 62  GLN A CA  1 
ATOM   506  C C   . GLN A 1 62  ? 4.927   1.591   5.442   1.00 26.96 ? 62  GLN A C   1 
ATOM   507  O O   . GLN A 1 62  ? 4.166   1.779   6.370   1.00 26.89 ? 62  GLN A O   1 
ATOM   508  C CB  . GLN A 1 62  ? 7.263   0.891   5.772   1.00 29.24 ? 62  GLN A CB  1 
ATOM   509  C CG  . GLN A 1 62  ? 7.338   1.577   7.126   1.00 33.04 ? 62  GLN A CG  1 
ATOM   510  C CD  . GLN A 1 62  ? 7.251   0.608   8.285   1.00 35.61 ? 62  GLN A CD  1 
ATOM   511  O OE1 . GLN A 1 62  ? 6.227   0.508   8.977   1.00 37.92 ? 62  GLN A OE1 1 
ATOM   512  N NE2 . GLN A 1 62  ? 8.330   -0.121  8.503   1.00 37.50 ? 62  GLN A NE2 1 
ATOM   513  N N   . GLN A 1 63  ? 5.004   2.385   4.391   1.00 27.09 ? 63  GLN A N   1 
ATOM   514  C CA  . GLN A 1 63  ? 4.152   3.540   4.229   1.00 27.80 ? 63  GLN A CA  1 
ATOM   515  C C   . GLN A 1 63  ? 2.696   3.073   4.100   1.00 28.20 ? 63  GLN A C   1 
ATOM   516  O O   . GLN A 1 63  ? 1.789   3.697   4.663   1.00 26.98 ? 63  GLN A O   1 
ATOM   517  C CB  . GLN A 1 63  ? 4.587   4.302   2.974   1.00 30.72 ? 63  GLN A CB  1 
ATOM   518  C CG  . GLN A 1 63  ? 5.917   5.015   3.141   1.00 35.00 ? 63  GLN A CG  1 
ATOM   519  C CD  . GLN A 1 63  ? 5.886   5.947   4.336   1.00 39.82 ? 63  GLN A CD  1 
ATOM   520  O OE1 . GLN A 1 63  ? 4.907   6.674   4.514   1.00 40.74 ? 63  GLN A OE1 1 
ATOM   521  N NE2 . GLN A 1 63  ? 6.949   5.933   5.168   1.00 41.14 ? 63  GLN A NE2 1 
ATOM   522  N N   . SER A 1 64  ? 2.470   1.964   3.376   1.00 26.22 ? 64  SER A N   1 
ATOM   523  C CA  . SER A 1 64  ? 1.097   1.447   3.224   1.00 25.40 ? 64  SER A CA  1 
ATOM   524  C C   . SER A 1 64  ? 0.566   1.089   4.604   1.00 25.76 ? 64  SER A C   1 
ATOM   525  O O   . SER A 1 64  ? -0.549  1.457   4.967   1.00 25.25 ? 64  SER A O   1 
ATOM   526  C CB  . SER A 1 64  ? 1.092   0.227   2.316   1.00 23.45 ? 64  SER A CB  1 
ATOM   527  O OG  . SER A 1 64  ? 1.396   0.646   0.986   1.00 25.55 ? 64  SER A OG  1 
ATOM   528  N N   . PHE A 1 65  ? 1.379   0.388   5.390   1.00 25.92 ? 65  PHE A N   1 
ATOM   529  C CA  . PHE A 1 65  ? 0.964   0.030   6.748   1.00 25.93 ? 65  PHE A CA  1 
ATOM   530  C C   . PHE A 1 65  ? 0.716   1.277   7.611   1.00 26.25 ? 65  PHE A C   1 
ATOM   531  O O   . PHE A 1 65  ? -0.292  1.370   8.306   1.00 24.75 ? 65  PHE A O   1 
ATOM   532  C CB  . PHE A 1 65  ? 2.032   -0.820  7.461   1.00 26.55 ? 65  PHE A CB  1 
ATOM   533  C CG  . PHE A 1 65  ? 1.704   -1.065  8.911   1.00 27.85 ? 65  PHE A CG  1 
ATOM   534  C CD1 . PHE A 1 65  ? 0.786   -2.042  9.263   1.00 25.53 ? 65  PHE A CD1 1 
ATOM   535  C CD2 . PHE A 1 65  ? 2.236   -0.233  9.910   1.00 28.17 ? 65  PHE A CD2 1 
ATOM   536  C CE1 . PHE A 1 65  ? 0.382   -2.204  10.588  1.00 27.79 ? 65  PHE A CE1 1 
ATOM   537  C CE2 . PHE A 1 65  ? 1.839   -0.377  11.258  1.00 29.95 ? 65  PHE A CE2 1 
ATOM   538  C CZ  . PHE A 1 65  ? 0.911   -1.361  11.600  1.00 30.22 ? 65  PHE A CZ  1 
ATOM   539  N N   . ASN A 1 66  ? 1.627   2.243   7.559   1.00 25.73 ? 66  ASN A N   1 
ATOM   540  C CA  . ASN A 1 66  ? 1.457   3.435   8.397   1.00 27.09 ? 66  ASN A CA  1 
ATOM   541  C C   . ASN A 1 66  ? 0.138   4.131   8.097   1.00 26.32 ? 66  ASN A C   1 
ATOM   542  O O   . ASN A 1 66  ? -0.578  4.553   8.996   1.00 26.94 ? 66  ASN A O   1 
ATOM   543  C CB  . ASN A 1 66  ? 2.601   4.440   8.179   1.00 28.02 ? 66  ASN A CB  1 
ATOM   544  C CG  . ASN A 1 66  ? 3.950   3.933   8.666   1.00 29.40 ? 66  ASN A CG  1 
ATOM   545  O OD1 . ASN A 1 66  ? 5.001   4.398   8.184   1.00 35.03 ? 66  ASN A OD1 1 
ATOM   546  N ND2 . ASN A 1 66  ? 3.950   3.018   9.612   1.00 26.46 ? 66  ASN A ND2 1 
ATOM   547  N N   . LEU A 1 67  ? -0.163  4.239   6.816   1.00 25.90 ? 67  LEU A N   1 
ATOM   548  C CA  . LEU A 1 67  ? -1.377  4.867   6.362   1.00 25.20 ? 67  LEU A CA  1 
ATOM   549  C C   . LEU A 1 67  ? -2.650  4.161   6.828   1.00 25.30 ? 67  LEU A C   1 
ATOM   550  O O   . LEU A 1 67  ? -3.607  4.803   7.299   1.00 22.78 ? 67  LEU A O   1 
ATOM   551  C CB  . LEU A 1 67  ? -1.335  4.944   4.837   1.00 27.34 ? 67  LEU A CB  1 
ATOM   552  C CG  . LEU A 1 67  ? -2.488  5.672   4.152   1.00 27.12 ? 67  LEU A CG  1 
ATOM   553  C CD1 . LEU A 1 67  ? -2.502  7.154   4.534   1.00 27.88 ? 67  LEU A CD1 1 
ATOM   554  C CD2 . LEU A 1 67  ? -2.295  5.524   2.670   1.00 30.42 ? 67  LEU A CD2 1 
ATOM   555  N N   . PHE A 1 68  ? -2.682  2.836   6.693   1.00 25.24 ? 68  PHE A N   1 
ATOM   556  C CA  . PHE A 1 68  ? -3.866  2.099   7.129   1.00 25.20 ? 68  PHE A CA  1 
ATOM   557  C C   . PHE A 1 68  ? -3.968  2.021   8.652   1.00 25.69 ? 68  PHE A C   1 
ATOM   558  O O   . PHE A 1 68  ? -5.059  1.865   9.215   1.00 24.03 ? 68  PHE A O   1 
ATOM   559  C CB  . PHE A 1 68  ? -3.892  0.689   6.520   1.00 23.42 ? 68  PHE A CB  1 
ATOM   560  C CG  . PHE A 1 68  ? -4.319  0.677   5.066   1.00 23.44 ? 68  PHE A CG  1 
ATOM   561  C CD1 . PHE A 1 68  ? -5.609  1.112   4.702   1.00 22.64 ? 68  PHE A CD1 1 
ATOM   562  C CD2 . PHE A 1 68  ? -3.422  0.304   4.057   1.00 21.63 ? 68  PHE A CD2 1 
ATOM   563  C CE1 . PHE A 1 68  ? -5.996  1.187   3.351   1.00 22.60 ? 68  PHE A CE1 1 
ATOM   564  C CE2 . PHE A 1 68  ? -3.805  0.373   2.682   1.00 22.68 ? 68  PHE A CE2 1 
ATOM   565  C CZ  . PHE A 1 68  ? -5.096  0.821   2.338   1.00 22.06 ? 68  PHE A CZ  1 
ATOM   566  N N   . TYR A 1 69  ? -2.824  2.144   9.311   1.00 27.51 ? 69  TYR A N   1 
ATOM   567  C CA  . TYR A 1 69  ? -2.774  2.126   10.766  1.00 29.67 ? 69  TYR A CA  1 
ATOM   568  C C   . TYR A 1 69  ? -3.424  3.434   11.203  1.00 29.67 ? 69  TYR A C   1 
ATOM   569  O O   . TYR A 1 69  ? -4.231  3.470   12.123  1.00 30.55 ? 69  TYR A O   1 
ATOM   570  C CB  . TYR A 1 69  ? -1.320  2.088   11.254  1.00 31.66 ? 69  TYR A CB  1 
ATOM   571  C CG  . TYR A 1 69  ? -1.246  1.877   12.734  1.00 35.67 ? 69  TYR A CG  1 
ATOM   572  C CD1 . TYR A 1 69  ? -1.315  0.598   13.266  1.00 35.74 ? 69  TYR A CD1 1 
ATOM   573  C CD2 . TYR A 1 69  ? -1.234  2.966   13.610  1.00 37.09 ? 69  TYR A CD2 1 
ATOM   574  C CE1 . TYR A 1 69  ? -1.387  0.396   14.632  1.00 39.50 ? 69  TYR A CE1 1 
ATOM   575  C CE2 . TYR A 1 69  ? -1.304  2.782   14.973  1.00 39.85 ? 69  TYR A CE2 1 
ATOM   576  C CZ  . TYR A 1 69  ? -1.384  1.497   15.481  1.00 40.80 ? 69  TYR A CZ  1 
ATOM   577  O OH  . TYR A 1 69  ? -1.449  1.302   16.844  1.00 45.84 ? 69  TYR A OH  1 
ATOM   578  N N   . THR A 1 70  ? -3.087  4.506   10.500  1.00 28.29 ? 70  THR A N   1 
ATOM   579  C CA  . THR A 1 70  ? -3.650  5.823   10.783  1.00 30.43 ? 70  THR A CA  1 
ATOM   580  C C   . THR A 1 70  ? -5.146  5.844   10.472  1.00 31.39 ? 70  THR A C   1 
ATOM   581  O O   . THR A 1 70  ? -5.942  6.506   11.177  1.00 31.21 ? 70  THR A O   1 
ATOM   582  C CB  . THR A 1 70  ? -2.941  6.914   9.934   1.00 31.89 ? 70  THR A CB  1 
ATOM   583  O OG1 . THR A 1 70  ? -1.590  7.058   10.408  1.00 31.16 ? 70  THR A OG1 1 
ATOM   584  C CG2 . THR A 1 70  ? -3.699  8.247   9.990   1.00 30.48 ? 70  THR A CG2 1 
ATOM   585  N N   . GLU A 1 71  ? -5.549  5.142   9.417   1.00 30.87 ? 71  GLU A N   1 
ATOM   586  C CA  . GLU A 1 71  ? -6.960  5.110   9.101   1.00 32.09 ? 71  GLU A CA  1 
ATOM   587  C C   . GLU A 1 71  ? -7.704  4.345   10.208  1.00 34.51 ? 71  GLU A C   1 
ATOM   588  O O   . GLU A 1 71  ? -8.801  4.717   10.635  1.00 34.63 ? 71  GLU A O   1 
ATOM   589  C CB  . GLU A 1 71  ? -7.214  4.412   7.769   1.00 31.70 ? 71  GLU A CB  1 
ATOM   590  C CG  . GLU A 1 71  ? -8.660  4.657   7.343   1.00 31.27 ? 71  GLU A CG  1 
ATOM   591  C CD  . GLU A 1 71  ? -9.077  3.896   6.117   1.00 29.54 ? 71  GLU A CD  1 
ATOM   592  O OE1 . GLU A 1 71  ? -8.217  3.289   5.433   1.00 26.22 ? 71  GLU A OE1 1 
ATOM   593  O OE2 . GLU A 1 71  ? -10.291 3.917   5.839   1.00 29.25 ? 71  GLU A OE2 1 
ATOM   594  N N   . HIS A 1 72  ? -7.091  3.253   10.640  1.00 35.33 ? 72  HIS A N   1 
ATOM   595  C CA  . HIS A 1 72  ? -7.628  2.397   11.675  1.00 38.55 ? 72  HIS A CA  1 
ATOM   596  C C   . HIS A 1 72  ? -7.751  3.238   12.974  1.00 40.39 ? 72  HIS A C   1 
ATOM   597  O O   . HIS A 1 72  ? -8.769  3.187   13.664  1.00 39.03 ? 72  HIS A O   1 
ATOM   598  C CB  . HIS A 1 72  ? -6.663  1.199   11.813  1.00 40.46 ? 72  HIS A CB  1 
ATOM   599  C CG  . HIS A 1 72  ? -6.951  0.286   12.965  1.00 43.26 ? 72  HIS A CG  1 
ATOM   600  N ND1 . HIS A 1 72  ? -8.020  -0.586  12.982  1.00 43.49 ? 72  HIS A ND1 1 
ATOM   601  C CD2 . HIS A 1 72  ? -6.276  0.078   14.124  1.00 43.74 ? 72  HIS A CD2 1 
ATOM   602  C CE1 . HIS A 1 72  ? -7.992  -1.294  14.096  1.00 44.23 ? 72  HIS A CE1 1 
ATOM   603  N NE2 . HIS A 1 72  ? -6.942  -0.910  14.810  1.00 45.24 ? 72  HIS A NE2 1 
ATOM   604  N N   . SER A 1 73  ? -6.720  4.025   13.276  1.00 42.17 ? 73  SER A N   1 
ATOM   605  C CA  . SER A 1 73  ? -6.710  4.894   14.452  1.00 44.66 ? 73  SER A CA  1 
ATOM   606  C C   . SER A 1 73  ? -7.923  5.804   14.500  1.00 44.97 ? 73  SER A C   1 
ATOM   607  O O   . SER A 1 73  ? -8.232  6.341   15.535  1.00 45.72 ? 73  SER A O   1 
ATOM   608  C CB  . SER A 1 73  ? -5.447  5.767   14.475  1.00 44.80 ? 73  SER A CB  1 
ATOM   609  O OG  . SER A 1 73  ? -4.290  4.962   14.635  1.00 47.29 ? 73  SER A OG  1 
ATOM   610  N N   . SER A 1 74  ? -8.615  5.977   13.384  1.00 47.05 ? 74  SER A N   1 
ATOM   611  C CA  . SER A 1 74  ? -9.787  6.841   13.361  1.00 48.24 ? 74  SER A CA  1 
ATOM   612  C C   . SER A 1 74  ? -11.023 6.269   12.643  1.00 49.89 ? 74  SER A C   1 
ATOM   613  O O   . SER A 1 74  ? -12.049 6.943   12.535  1.00 50.59 ? 74  SER A O   1 
ATOM   614  C CB  . SER A 1 74  ? -9.407  8.200   12.774  1.00 48.24 ? 74  SER A CB  1 
ATOM   615  O OG  . SER A 1 74  ? -8.610  8.059   11.618  1.00 49.39 ? 74  SER A OG  1 
ATOM   616  N N   . ALA A 1 75  ? -10.940 5.031   12.163  1.00 50.63 ? 75  ALA A N   1 
ATOM   617  C CA  . ALA A 1 75  ? -12.080 4.413   11.493  1.00 52.10 ? 75  ALA A CA  1 
ATOM   618  C C   . ALA A 1 75  ? -13.199 4.095   12.500  1.00 53.06 ? 75  ALA A C   1 
ATOM   619  O O   . ALA A 1 75  ? -13.092 4.409   13.694  1.00 53.80 ? 75  ALA A O   1 
ATOM   620  C CB  . ALA A 1 75  ? -11.644 3.135   10.780  1.00 50.03 ? 75  ALA A CB  1 
ATOM   621  N N   . ALA A 1 76  ? -14.269 3.471   12.003  1.00 54.92 ? 76  ALA A N   1 
ATOM   622  C CA  . ALA A 1 76  ? -15.419 3.086   12.827  1.00 55.23 ? 76  ALA A CA  1 
ATOM   623  C C   . ALA A 1 76  ? -14.983 2.081   13.894  1.00 55.34 ? 76  ALA A C   1 
ATOM   624  O O   . ALA A 1 76  ? -13.998 1.375   13.714  1.00 54.01 ? 76  ALA A O   1 
ATOM   625  C CB  . ALA A 1 76  ? -16.502 2.488   11.945  1.00 55.53 ? 76  ALA A CB  1 
ATOM   626  N N   . TRP A 1 77  ? -15.732 2.000   14.987  1.00 56.13 ? 77  TRP A N   1 
ATOM   627  C CA  . TRP A 1 77  ? -15.387 1.109   16.098  1.00 57.79 ? 77  TRP A CA  1 
ATOM   628  C C   . TRP A 1 77  ? -15.156 -0.386  15.872  1.00 57.84 ? 77  TRP A C   1 
ATOM   629  O O   . TRP A 1 77  ? -14.409 -1.015  16.632  1.00 58.47 ? 77  TRP A O   1 
ATOM   630  C CB  . TRP A 1 77  ? -16.394 1.292   17.231  1.00 59.55 ? 77  TRP A CB  1 
ATOM   631  C CG  . TRP A 1 77  ? -15.945 2.345   18.191  1.00 63.92 ? 77  TRP A CG  1 
ATOM   632  C CD1 . TRP A 1 77  ? -14.865 3.187   18.052  1.00 64.45 ? 77  TRP A CD1 1 
ATOM   633  C CD2 . TRP A 1 77  ? -16.542 2.665   19.450  1.00 65.28 ? 77  TRP A CD2 1 
ATOM   634  N NE1 . TRP A 1 77  ? -14.757 4.008   19.152  1.00 65.94 ? 77  TRP A NE1 1 
ATOM   635  C CE2 . TRP A 1 77  ? -15.773 3.711   20.025  1.00 66.27 ? 77  TRP A CE2 1 
ATOM   636  C CE3 . TRP A 1 77  ? -17.648 2.171   20.154  1.00 66.17 ? 77  TRP A CE3 1 
ATOM   637  C CZ2 . TRP A 1 77  ? -16.079 4.266   21.270  1.00 66.25 ? 77  TRP A CZ2 1 
ATOM   638  C CZ3 . TRP A 1 77  ? -17.949 2.725   21.396  1.00 67.12 ? 77  TRP A CZ3 1 
ATOM   639  C CH2 . TRP A 1 77  ? -17.166 3.762   21.938  1.00 66.49 ? 77  TRP A CH2 1 
ATOM   640  N N   . ASP A 1 78  ? -15.795 -0.964  14.857  1.00 56.53 ? 78  ASP A N   1 
ATOM   641  C CA  . ASP A 1 78  ? -15.628 -2.387  14.570  1.00 54.53 ? 78  ASP A CA  1 
ATOM   642  C C   . ASP A 1 78  ? -15.338 -2.633  13.079  1.00 52.76 ? 78  ASP A C   1 
ATOM   643  O O   . ASP A 1 78  ? -16.049 -3.415  12.441  1.00 52.32 ? 78  ASP A O   1 
ATOM   644  C CB  . ASP A 1 78  ? -16.896 -3.174  14.982  1.00 55.61 ? 78  ASP A CB  1 
ATOM   645  C CG  . ASP A 1 78  ? -16.727 -4.714  14.854  1.00 57.98 ? 78  ASP A CG  1 
ATOM   646  O OD1 . ASP A 1 78  ? -15.607 -5.182  14.550  1.00 59.24 ? 78  ASP A OD1 1 
ATOM   647  O OD2 . ASP A 1 78  ? -17.718 -5.461  15.064  1.00 56.87 ? 78  ASP A OD2 1 
ATOM   648  N N   . THR A 1 79  ? -14.326 -1.977  12.504  1.00 49.24 ? 79  THR A N   1 
ATOM   649  C CA  . THR A 1 79  ? -14.032 -2.250  11.091  1.00 46.42 ? 79  THR A CA  1 
ATOM   650  C C   . THR A 1 79  ? -13.021 -3.380  11.110  1.00 42.72 ? 79  THR A C   1 
ATOM   651  O O   . THR A 1 79  ? -11.795 -3.148  11.103  1.00 41.69 ? 79  THR A O   1 
ATOM   652  C CB  . THR A 1 79  ? -13.400 -1.048  10.340  1.00 48.83 ? 79  THR A CB  1 
ATOM   653  O OG1 . THR A 1 79  ? -14.169 0.142   10.567  1.00 50.66 ? 79  THR A OG1 1 
ATOM   654  C CG2 . THR A 1 79  ? -13.380 -1.342  8.809   1.00 49.85 ? 79  THR A CG2 1 
ATOM   655  N N   . THR A 1 80  ? -13.531 -4.610  11.158  1.00 37.88 ? 80  THR A N   1 
ATOM   656  C CA  . THR A 1 80  ? -12.671 -5.788  11.219  1.00 33.31 ? 80  THR A CA  1 
ATOM   657  C C   . THR A 1 80  ? -11.781 -5.966  9.998   1.00 31.67 ? 80  THR A C   1 
ATOM   658  O O   . THR A 1 80  ? -10.712 -6.558  10.121  1.00 29.87 ? 80  THR A O   1 
ATOM   659  C CB  . THR A 1 80  ? -13.493 -7.062  11.416  1.00 32.35 ? 80  THR A CB  1 
ATOM   660  O OG1 . THR A 1 80  ? -14.008 -7.067  12.741  1.00 32.66 ? 80  THR A OG1 1 
ATOM   661  C CG2 . THR A 1 80  ? -12.633 -8.331  11.234  1.00 32.13 ? 80  THR A CG2 1 
ATOM   662  N N   . LEU A 1 81  ? -12.209 -5.450  8.839   1.00 28.00 ? 81  LEU A N   1 
ATOM   663  C CA  . LEU A 1 81  ? -11.430 -5.619  7.625   1.00 28.00 ? 81  LEU A CA  1 
ATOM   664  C C   . LEU A 1 81  ? -10.187 -4.789  7.630   1.00 26.60 ? 81  LEU A C   1 
ATOM   665  O O   . LEU A 1 81  ? -9.149  -5.197  7.153   1.00 25.47 ? 81  LEU A O   1 
ATOM   666  C CB  . LEU A 1 81  ? -12.238 -5.260  6.381   1.00 28.88 ? 81  LEU A CB  1 
ATOM   667  C CG  . LEU A 1 81  ? -13.124 -6.309  5.708   1.00 30.23 ? 81  LEU A CG  1 
ATOM   668  C CD1 . LEU A 1 81  ? -13.886 -5.620  4.574   1.00 27.12 ? 81  LEU A CD1 1 
ATOM   669  C CD2 . LEU A 1 81  ? -12.294 -7.463  5.168   1.00 29.06 ? 81  LEU A CD2 1 
ATOM   670  N N   . LEU A 1 82  ? -10.328 -3.592  8.154   1.00 26.66 ? 82  LEU A N   1 
ATOM   671  C CA  . LEU A 1 82  ? -9.258  -2.669  8.229   1.00 27.16 ? 82  LEU A CA  1 
ATOM   672  C C   . LEU A 1 82  ? -8.257  -3.215  9.199   1.00 26.89 ? 82  LEU A C   1 
ATOM   673  O O   . LEU A 1 82  ? -7.061  -3.101  8.964   1.00 27.87 ? 82  LEU A O   1 
ATOM   674  C CB  . LEU A 1 82  ? -9.783  -1.284  8.641   1.00 26.68 ? 82  LEU A CB  1 
ATOM   675  C CG  . LEU A 1 82  ? -8.754  -0.171  8.733   1.00 28.49 ? 82  LEU A CG  1 
ATOM   676  C CD1 . LEU A 1 82  ? -8.126  0.029   7.374   1.00 27.60 ? 82  LEU A CD1 1 
ATOM   677  C CD2 . LEU A 1 82  ? -9.440  1.104   9.231   1.00 29.55 ? 82  LEU A CD2 1 
ATOM   678  N N   . GLU A 1 83  ? -8.722  -3.849  10.274  1.00 28.49 ? 83  GLU A N   1 
ATOM   679  C CA  . GLU A 1 83  ? -7.793  -4.416  11.231  1.00 27.22 ? 83  GLU A CA  1 
ATOM   680  C C   . GLU A 1 83  ? -6.992  -5.536  10.608  1.00 25.06 ? 83  GLU A C   1 
ATOM   681  O O   . GLU A 1 83  ? -5.769  -5.618  10.809  1.00 25.67 ? 83  GLU A O   1 
ATOM   682  C CB  . GLU A 1 83  ? -8.505  -4.945  12.475  1.00 29.91 ? 83  GLU A CB  1 
ATOM   683  C CG  . GLU A 1 83  ? -7.506  -5.419  13.501  1.00 36.52 ? 83  GLU A CG  1 
ATOM   684  C CD  . GLU A 1 83  ? -7.804  -4.903  14.919  1.00 44.62 ? 83  GLU A CD  1 
ATOM   685  O OE1 . GLU A 1 83  ? -9.011  -4.757  15.279  1.00 46.75 ? 83  GLU A OE1 1 
ATOM   686  O OE2 . GLU A 1 83  ? -6.825  -4.648  15.676  1.00 45.53 ? 83  GLU A OE2 1 
ATOM   687  N N   . GLN A 1 84  ? -7.679  -6.410  9.871   1.00 22.98 ? 84  GLN A N   1 
ATOM   688  C CA  . GLN A 1 84  ? -7.057  -7.542  9.190   1.00 21.89 ? 84  GLN A CA  1 
ATOM   689  C C   . GLN A 1 84  ? -6.053  -7.053  8.113   1.00 19.26 ? 84  GLN A C   1 
ATOM   690  O O   . GLN A 1 84  ? -5.015  -7.639  7.884   1.00 20.45 ? 84  GLN A O   1 
ATOM   691  C CB  . GLN A 1 84  ? -8.137  -8.390  8.529   1.00 24.25 ? 84  GLN A CB  1 
ATOM   692  C CG  . GLN A 1 84  ? -9.036  -9.159  9.509   1.06 30.00 ? 84  GLN A CG  1 
ATOM   693  C CD  . GLN A 1 84  ? -10.140 -9.990  8.818   1.06 30.10 ? 84  GLN A CD  1 
ATOM   694  O OE1 . GLN A 1 84  ? -10.845 -9.524  7.917   1.06 32.83 ? 84  GLN A OE1 1 
ATOM   695  N NE2 . GLN A 1 84  ? -10.301 -11.210 9.268   1.06 34.91 ? 84  GLN A NE2 1 
ATOM   696  N N   . LEU A 1 85  ? -6.388  -5.971  7.444   1.00 18.34 ? 85  LEU A N   1 
ATOM   697  C CA  . LEU A 1 85  ? -5.490  -5.423  6.424   1.00 18.32 ? 85  LEU A CA  1 
ATOM   698  C C   . LEU A 1 85  ? -4.197  -4.926  7.093   1.00 18.93 ? 85  LEU A C   1 
ATOM   699  O O   . LEU A 1 85  ? -3.095  -5.183  6.612   1.00 15.89 ? 85  LEU A O   1 
ATOM   700  C CB  . LEU A 1 85  ? -6.182  -4.280  5.709   1.00 15.91 ? 85  LEU A CB  1 
ATOM   701  C CG  . LEU A 1 85  ? -5.261  -3.580  4.705   1.00 16.30 ? 85  LEU A CG  1 
ATOM   702  C CD1 . LEU A 1 85  ? -4.633  -4.605  3.789   1.00 16.89 ? 85  LEU A CD1 1 
ATOM   703  C CD2 . LEU A 1 85  ? -6.059  -2.562  3.907   1.00 17.18 ? 85  LEU A CD2 1 
ATOM   704  N N   . CYS A 1 86  ? -4.338  -4.208  8.204   1.00 18.64 ? 86  CYS A N   1 
ATOM   705  C CA  . CYS A 1 86  ? -3.174  -3.711  8.939   1.00 20.95 ? 86  CYS A CA  1 
ATOM   706  C C   . CYS A 1 86  ? -2.336  -4.918  9.375   1.00 21.23 ? 86  CYS A C   1 
ATOM   707  O O   . CYS A 1 86  ? -1.106  -4.964  9.190   1.00 20.76 ? 86  CYS A O   1 
ATOM   708  C CB  . CYS A 1 86  ? -3.620  -2.915  10.195  1.00 19.64 ? 86  CYS A CB  1 
ATOM   709  S SG  . CYS A 1 86  ? -4.272  -1.284  9.792   1.00 25.28 ? 86  CYS A SG  1 
ATOM   710  N N   . THR A 1 87  ? -3.007  -5.885  9.983   1.00 22.08 ? 87  THR A N   1 
ATOM   711  C CA  . THR A 1 87  ? -2.345  -7.133  10.428  1.00 24.10 ? 87  THR A CA  1 
ATOM   712  C C   . THR A 1 87  ? -1.661  -7.844  9.252   1.00 21.75 ? 87  THR A C   1 
ATOM   713  O O   . THR A 1 87  ? -0.536  -8.305  9.354   1.00 23.08 ? 87  THR A O   1 
ATOM   714  C CB  . THR A 1 87  ? -3.399  -8.093  11.081  1.00 26.81 ? 87  THR A CB  1 
ATOM   715  O OG1 . THR A 1 87  ? -4.022  -7.422  12.188  1.00 30.35 ? 87  THR A OG1 1 
ATOM   716  C CG2 . THR A 1 87  ? -2.747  -9.324  11.596  1.00 30.64 ? 87  THR A CG2 1 
ATOM   717  N N   . GLY A 1 88  ? -2.339  -7.925  8.128   1.00 21.66 ? 88  GLY A N   1 
ATOM   718  C CA  . GLY A 1 88  ? -1.747  -8.576  6.959   1.00 20.81 ? 88  GLY A CA  1 
ATOM   719  C C   . GLY A 1 88  ? -0.566  -7.762  6.399   1.00 22.19 ? 88  GLY A C   1 
ATOM   720  O O   . GLY A 1 88  ? 0.388   -8.340  5.907   1.00 19.79 ? 88  GLY A O   1 
ATOM   721  N N   . LEU A 1 89  ? -0.591  -6.423  6.511   1.00 20.08 ? 89  LEU A N   1 
ATOM   722  C CA  . LEU A 1 89  ? 0.519   -5.647  5.969   1.00 18.55 ? 89  LEU A CA  1 
ATOM   723  C C   . LEU A 1 89  ? 1.735   -5.769  6.872   1.00 21.39 ? 89  LEU A C   1 
ATOM   724  O O   . LEU A 1 89  ? 2.875   -5.902  6.382   1.00 18.43 ? 89  LEU A O   1 
ATOM   725  C CB  . LEU A 1 89  ? 0.110   -4.196  5.739   1.00 16.95 ? 89  LEU A CB  1 
ATOM   726  C CG  . LEU A 1 89  ? -0.733  -3.926  4.504   1.00 14.98 ? 89  LEU A CG  1 
ATOM   727  C CD1 . LEU A 1 89  ? -1.311  -2.502  4.672   1.00 15.84 ? 89  LEU A CD1 1 
ATOM   728  C CD2 . LEU A 1 89  ? 0.085   -4.010  3.231   1.00 16.75 ? 89  LEU A CD2 1 
ATOM   729  N N   . GLN A 1 90  ? 1.489   -5.774  8.197   1.00 19.79 ? 90  GLN A N   1 
ATOM   730  C CA  . GLN A 1 90  ? 2.576   -5.954  9.154   1.00 21.14 ? 90  GLN A CA  1 
ATOM   731  C C   . GLN A 1 90  ? 3.222   -7.315  8.949   1.00 20.31 ? 90  GLN A C   1 
ATOM   732  O O   . GLN A 1 90  ? 4.438   -7.457  8.981   1.00 22.18 ? 90  GLN A O   1 
ATOM   733  C CB  . GLN A 1 90  ? 2.046   -5.815  10.601  1.00 22.92 ? 90  GLN A CB  1 
ATOM   734  C CG  . GLN A 1 90  ? 3.157   -5.842  11.652  1.00 29.32 ? 90  GLN A CG  1 
ATOM   735  C CD  . GLN A 1 90  ? 4.260   -4.801  11.376  1.00 33.05 ? 90  GLN A CD  1 
ATOM   736  O OE1 . GLN A 1 90  ? 3.997   -3.588  11.320  1.00 37.31 ? 90  GLN A OE1 1 
ATOM   737  N NE2 . GLN A 1 90  ? 5.495   -5.274  11.183  1.00 33.51 ? 90  GLN A NE2 1 
ATOM   738  N N   . GLN A 1 91  ? 2.411   -8.339  8.758   1.00 20.98 ? 91  GLN A N   1 
ATOM   739  C CA  . GLN A 1 91  ? 2.910   -9.695  8.509   1.00 22.20 ? 91  GLN A CA  1 
ATOM   740  C C   . GLN A 1 91  ? 3.813   -9.690  7.262   1.00 21.64 ? 91  GLN A C   1 
ATOM   741  O O   . GLN A 1 91  ? 4.886   -10.286 7.258   1.00 20.89 ? 91  GLN A O   1 
ATOM   742  C CB  . GLN A 1 91  ? 1.703   -10.630 8.296   1.00 22.25 ? 91  GLN A CB  1 
ATOM   743  C CG  . GLN A 1 91  ? 2.009   -12.055 7.948   1.00 28.88 ? 91  GLN A CG  1 
ATOM   744  C CD  . GLN A 1 91  ? 0.716   -12.917 7.822   1.00 35.45 ? 91  GLN A CD  1 
ATOM   745  O OE1 . GLN A 1 91  ? 0.095   -13.254 8.839   1.00 39.02 ? 91  GLN A OE1 1 
ATOM   746  N NE2 . GLN A 1 91  ? 0.300   -13.231 6.576   1.00 32.54 ? 91  GLN A NE2 1 
ATOM   747  N N   . GLN A 1 92  ? 3.368   -9.043  6.179   1.00 21.28 ? 92  GLN A N   1 
ATOM   748  C CA  . GLN A 1 92  ? 4.207   -8.971  4.967   1.00 19.62 ? 92  GLN A CA  1 
ATOM   749  C C   . GLN A 1 92  ? 5.550   -8.259  5.229   1.00 18.88 ? 92  GLN A C   1 
ATOM   750  O O   . GLN A 1 92  ? 6.588   -8.647  4.693   1.00 18.43 ? 92  GLN A O   1 
ATOM   751  C CB  . GLN A 1 92  ? 3.450   -8.265  3.816   1.00 19.10 ? 92  GLN A CB  1 
ATOM   752  C CG  . GLN A 1 92  ? 4.104   -8.406  2.448   1.00 17.62 ? 92  GLN A CG  1 
ATOM   753  C CD  . GLN A 1 92  ? 3.237   -7.810  1.335   1.00 23.52 ? 92  GLN A CD  1 
ATOM   754  O OE1 . GLN A 1 92  ? 2.115   -7.347  1.595   1.00 22.27 ? 92  GLN A OE1 1 
ATOM   755  N NE2 . GLN A 1 92  ? 3.739   -7.832  0.090   1.00 18.80 ? 92  GLN A NE2 1 
ATOM   756  N N   . LEU A 1 93  ? 5.531   -7.209  6.037   1.00 20.30 ? 93  LEU A N   1 
ATOM   757  C CA  . LEU A 1 93  ? 6.753   -6.467  6.386   1.00 20.33 ? 93  LEU A CA  1 
ATOM   758  C C   . LEU A 1 93  ? 7.627   -7.375  7.208   1.00 20.13 ? 93  LEU A C   1 
ATOM   759  O O   . LEU A 1 93  ? 8.826   -7.436  7.001   1.00 22.81 ? 93  LEU A O   1 
ATOM   760  C CB  . LEU A 1 93  ? 6.417   -5.171  7.170   1.00 20.69 ? 93  LEU A CB  1 
ATOM   761  C CG  . LEU A 1 93  ? 5.898   -3.985  6.340   1.00 22.52 ? 93  LEU A CG  1 
ATOM   762  C CD1 . LEU A 1 93  ? 5.165   -2.934  7.197   1.00 21.13 ? 93  LEU A CD1 1 
ATOM   763  C CD2 . LEU A 1 93  ? 7.121   -3.335  5.647   1.00 21.19 ? 93  LEU A CD2 1 
ATOM   764  N N   . ASP A 1 94  ? 7.043   -8.094  8.138   1.00 21.07 ? 94  ASP A N   1 
ATOM   765  C CA  . ASP A 1 94  ? 7.838   -9.016  8.965   1.00 23.12 ? 94  ASP A CA  1 
ATOM   766  C C   . ASP A 1 94  ? 8.498   -10.096 8.112   1.00 23.79 ? 94  ASP A C   1 
ATOM   767  O O   . ASP A 1 94  ? 9.646   -10.440 8.334   1.00 22.49 ? 94  ASP A O   1 
ATOM   768  C CB  . ASP A 1 94  ? 6.974   -9.667  10.043  1.00 23.30 ? 94  ASP A CB  1 
ATOM   769  C CG  . ASP A 1 94  ? 6.530   -8.672  11.110  1.00 24.92 ? 94  ASP A CG  1 
ATOM   770  O OD1 . ASP A 1 94  ? 6.984   -7.507  11.081  1.00 25.70 ? 94  ASP A OD1 1 
ATOM   771  O OD2 . ASP A 1 94  ? 5.724   -9.045  11.969  1.00 27.48 ? 94  ASP A OD2 1 
ATOM   772  N N   . HIS A 1 95  ? 7.777   -10.639 7.138   1.00 23.22 ? 95  HIS A N   1 
ATOM   773  C CA  . HIS A 1 95  ? 8.373   -11.632 6.254   1.00 22.53 ? 95  HIS A CA  1 
ATOM   774  C C   . HIS A 1 95  ? 9.494   -11.030 5.419   1.00 24.89 ? 95  HIS A C   1 
ATOM   775  O O   . HIS A 1 95  ? 10.539  -11.653 5.244   1.00 26.40 ? 95  HIS A O   1 
ATOM   776  C CB  . HIS A 1 95  ? 7.320   -12.232 5.345   1.00 22.08 ? 95  HIS A CB  1 
ATOM   777  C CG  . HIS A 1 95  ? 6.400   -13.154 6.061   1.00 21.53 ? 95  HIS A CG  1 
ATOM   778  N ND1 . HIS A 1 95  ? 5.072   -13.269 5.748   1.00 22.90 ? 95  HIS A ND1 1 
ATOM   779  C CD2 . HIS A 1 95  ? 6.612   -13.979 7.107   1.00 21.80 ? 95  HIS A CD2 1 
ATOM   780  C CE1 . HIS A 1 95  ? 4.495   -14.118 6.577   1.00 22.15 ? 95  HIS A CE1 1 
ATOM   781  N NE2 . HIS A 1 95  ? 5.411   -14.563 7.414   1.00 20.96 ? 95  HIS A NE2 1 
ATOM   782  N N   . LEU A 1 96  ? 9.287   -9.843  4.868   1.00 24.75 ? 96  LEU A N   1 
ATOM   783  C CA  . LEU A 1 96  ? 10.351  -9.217  4.111   1.00 25.96 ? 96  LEU A CA  1 
ATOM   784  C C   . LEU A 1 96  ? 11.586  -9.021  4.989   1.00 27.45 ? 96  LEU A C   1 
ATOM   785  O O   . LEU A 1 96  ? 12.692  -9.265  4.529   1.00 27.18 ? 96  LEU A O   1 
ATOM   786  C CB  . LEU A 1 96  ? 9.904   -7.869  3.545   1.00 26.76 ? 96  LEU A CB  1 
ATOM   787  C CG  . LEU A 1 96  ? 8.969   -7.921  2.342   1.00 25.80 ? 96  LEU A CG  1 
ATOM   788  C CD1 . LEU A 1 96  ? 8.447   -6.533  2.061   1.00 26.09 ? 96  LEU A CD1 1 
ATOM   789  C CD2 . LEU A 1 96  ? 9.678   -8.505  1.150   1.00 25.76 ? 96  LEU A CD2 1 
ATOM   790  N N   . ASP A 1 97  ? 11.410  -8.605  6.248   1.00 28.56 ? 97  ASP A N   1 
ATOM   791  C CA  . ASP A 1 97  ? 12.553  -8.417  7.140   1.00 30.34 ? 97  ASP A CA  1 
ATOM   792  C C   . ASP A 1 97  ? 13.275  -9.759  7.407   1.00 31.35 ? 97  ASP A C   1 
ATOM   793  O O   . ASP A 1 97  ? 14.512  -9.801  7.492   1.00 32.09 ? 97  ASP A O   1 
ATOM   794  C CB  . ASP A 1 97  ? 12.124  -7.791  8.481   1.00 34.06 ? 97  ASP A CB  1 
ATOM   795  C CG  . ASP A 1 97  ? 12.015  -6.251  8.423   1.00 35.79 ? 97  ASP A CG  1 
ATOM   796  O OD1 . ASP A 1 97  ? 12.820  -5.576  7.737   1.00 38.46 ? 97  ASP A OD1 1 
ATOM   797  O OD2 . ASP A 1 97  ? 11.115  -5.713  9.080   1.00 37.43 ? 97  ASP A OD2 1 
ATOM   798  N N   . THR A 1 98  ? 12.527  -10.847 7.533   1.00 30.00 ? 98  THR A N   1 
ATOM   799  C CA  . THR A 1 98  ? 13.149  -12.142 7.756   1.00 30.26 ? 98  THR A CA  1 
ATOM   800  C C   . THR A 1 98  ? 14.050  -12.470 6.572   1.00 31.69 ? 98  THR A C   1 
ATOM   801  O O   . THR A 1 98  ? 15.114  -13.078 6.740   1.00 31.27 ? 98  THR A O   1 
ATOM   802  C CB  . THR A 1 98  ? 12.101  -13.256 7.888   1.00 29.94 ? 98  THR A CB  1 
ATOM   803  O OG1 . THR A 1 98  ? 11.346  -13.044 9.080   1.00 27.94 ? 98  THR A OG1 1 
ATOM   804  C CG2 . THR A 1 98  ? 12.765  -14.654 7.900   1.00 30.37 ? 98  THR A CG2 1 
ATOM   805  N N   . CYS A 1 99  ? 13.627  -12.061 5.378   1.00 31.84 ? 99  CYS A N   1 
ATOM   806  C CA  . CYS A 1 99  ? 14.414  -12.290 4.170   1.00 34.55 ? 99  CYS A CA  1 
ATOM   807  C C   . CYS A 1 99  ? 15.691  -11.458 4.141   1.00 37.35 ? 99  CYS A C   1 
ATOM   808  O O   . CYS A 1 99  ? 16.593  -11.738 3.348   1.00 37.73 ? 99  CYS A O   1 
ATOM   809  C CB  . CYS A 1 99  ? 13.599  -11.993 2.913   1.00 31.68 ? 99  CYS A CB  1 
ATOM   810  S SG  . CYS A 1 99  ? 12.260  -13.183 2.629   1.00 32.34 ? 99  CYS A SG  1 
ATOM   811  N N   . ARG A 1 100 ? 15.751  -10.431 4.983   1.00 40.66 ? 100 ARG A N   1 
ATOM   812  C CA  . ARG A 1 100 ? 16.942  -9.556  5.083   1.00 45.96 ? 100 ARG A CA  1 
ATOM   813  C C   . ARG A 1 100 ? 18.123  -10.202 5.833   1.00 47.13 ? 100 ARG A C   1 
ATOM   814  O O   . ARG A 1 100 ? 18.025  -11.295 6.378   1.00 48.42 ? 100 ARG A O   1 
ATOM   815  C CB  . ARG A 1 100 ? 16.615  -8.246  5.831   1.00 45.61 ? 100 ARG A CB  1 
ATOM   816  C CG  . ARG A 1 100 ? 16.142  -7.081  4.997   1.00 45.44 ? 100 ARG A CG  1 
ATOM   817  C CD  . ARG A 1 100 ? 16.229  -5.761  5.825   1.00 46.97 ? 100 ARG A CD  1 
ATOM   818  N NE  . ARG A 1 100 ? 15.813  -4.586  5.055   1.00 46.33 ? 100 ARG A NE  1 
ATOM   819  C CZ  . ARG A 1 100 ? 14.682  -3.918  5.267   1.00 47.20 ? 100 ARG A CZ  1 
ATOM   820  N NH1 . ARG A 1 100 ? 13.864  -4.308  6.231   1.00 48.42 ? 100 ARG A NH1 1 
ATOM   821  N NH2 . ARG A 1 100 ? 14.358  -2.880  4.503   1.00 45.56 ? 100 ARG A NH2 1 
ATOM   822  N N   . GLY A 1 101 ? 19.238  -9.485  5.870   1.00 50.54 ? 101 GLY A N   1 
ATOM   823  C CA  . GLY A 1 101 ? 20.423  -9.941  6.582   1.00 52.34 ? 101 GLY A CA  1 
ATOM   824  C C   . GLY A 1 101 ? 20.964  -8.764  7.370   1.00 53.94 ? 101 GLY A C   1 
ATOM   825  O O   . GLY A 1 101 ? 20.495  -7.634  7.103   1.00 54.90 ? 101 GLY A O   1 
ATOM   826  N N   . MET A 1 114 ? 18.585  5.965   -3.072  1.00 72.53 ? 114 MET A N   1 
ATOM   827  C CA  . MET A 1 114 ? 17.700  6.724   -2.146  1.00 72.33 ? 114 MET A CA  1 
ATOM   828  C C   . MET A 1 114 ? 16.751  7.588   -2.986  1.00 71.33 ? 114 MET A C   1 
ATOM   829  O O   . MET A 1 114 ? 15.672  7.952   -2.527  1.00 71.60 ? 114 MET A O   1 
ATOM   830  C CB  . MET A 1 114 ? 18.552  7.599   -1.205  1.00 74.38 ? 114 MET A CB  1 
ATOM   831  C CG  . MET A 1 114 ? 17.832  8.120   0.055   1.00 76.11 ? 114 MET A CG  1 
ATOM   832  S SD  . MET A 1 114 ? 18.908  9.062   1.224   1.00 78.01 ? 114 MET A SD  1 
ATOM   833  C CE  . MET A 1 114 ? 18.261  10.765  1.029   1.00 78.26 ? 114 MET A CE  1 
ATOM   834  N N   . ASP A 1 115 ? 17.155  7.901   -4.218  1.00 69.68 ? 115 ASP A N   1 
ATOM   835  C CA  . ASP A 1 115 ? 16.335  8.701   -5.123  1.00 68.05 ? 115 ASP A CA  1 
ATOM   836  C C   . ASP A 1 115 ? 14.956  8.058   -5.304  1.00 66.82 ? 115 ASP A C   1 
ATOM   837  O O   . ASP A 1 115 ? 13.928  8.682   -5.018  1.00 66.44 ? 115 ASP A O   1 
ATOM   838  C CB  . ASP A 1 115 ? 17.024  8.846   -6.477  1.00 68.36 ? 115 ASP A CB  1 
ATOM   839  N N   . PRO A 1 116 ? 14.913  6.803   -5.782  1.00 64.93 ? 116 PRO A N   1 
ATOM   840  C CA  . PRO A 1 116 ? 13.607  6.154   -5.962  1.00 63.84 ? 116 PRO A CA  1 
ATOM   841  C C   . PRO A 1 116 ? 12.831  6.055   -4.646  1.00 62.02 ? 116 PRO A C   1 
ATOM   842  O O   . PRO A 1 116 ? 11.613  6.196   -4.639  1.00 61.87 ? 116 PRO A O   1 
ATOM   843  C CB  . PRO A 1 116 ? 13.975  4.785   -6.536  1.00 63.58 ? 116 PRO A CB  1 
ATOM   844  C CG  . PRO A 1 116 ? 15.318  4.526   -5.934  1.00 64.31 ? 116 PRO A CG  1 
ATOM   845  C CD  . PRO A 1 116 ? 16.010  5.863   -6.063  1.00 64.55 ? 116 PRO A CD  1 
ATOM   846  N N   . ILE A 1 117 ? 13.550  5.818   -3.547  1.00 60.78 ? 117 ILE A N   1 
ATOM   847  C CA  . ILE A 1 117 ? 12.968  5.719   -2.205  1.00 60.07 ? 117 ILE A CA  1 
ATOM   848  C C   . ILE A 1 117 ? 12.392  7.072   -1.789  1.00 59.24 ? 117 ILE A C   1 
ATOM   849  O O   . ILE A 1 117 ? 11.393  7.159   -1.080  1.00 59.66 ? 117 ILE A O   1 
ATOM   850  C CB  . ILE A 1 117 ? 14.043  5.318   -1.150  1.00 60.59 ? 117 ILE A CB  1 
ATOM   851  C CG1 . ILE A 1 117 ? 14.580  3.918   -1.442  1.00 61.96 ? 117 ILE A CG1 1 
ATOM   852  C CG2 . ILE A 1 117 ? 13.449  5.337   0.248   1.00 60.43 ? 117 ILE A CG2 1 
ATOM   853  C CD1 . ILE A 1 117 ? 15.769  3.524   -0.561  1.00 62.84 ? 117 ILE A CD1 1 
ATOM   854  N N   . VAL A 1 118 ? 13.058  8.134   -2.215  1.00 58.33 ? 118 VAL A N   1 
ATOM   855  C CA  . VAL A 1 118 ? 12.617  9.486   -1.910  1.00 56.48 ? 118 VAL A CA  1 
ATOM   856  C C   . VAL A 1 118 ? 11.350  9.764   -2.721  1.00 55.11 ? 118 VAL A C   1 
ATOM   857  O O   . VAL A 1 118 ? 10.441  10.459  -2.251  1.00 54.68 ? 118 VAL A O   1 
ATOM   858  C CB  . VAL A 1 118 ? 13.727  10.518  -2.282  1.00 56.57 ? 118 VAL A CB  1 
ATOM   859  C CG1 . VAL A 1 118 ? 13.148  11.930  -2.348  1.00 55.33 ? 118 VAL A CG1 1 
ATOM   860  C CG2 . VAL A 1 118 ? 14.861  10.449  -1.256  1.00 55.33 ? 118 VAL A CG2 1 
ATOM   861  N N   . THR A 1 119 ? 11.305  9.215   -3.933  1.00 52.83 ? 119 THR A N   1 
ATOM   862  C CA  . THR A 1 119 ? 10.158  9.379   -4.825  1.00 51.73 ? 119 THR A CA  1 
ATOM   863  C C   . THR A 1 119 ? 8.902   8.705   -4.244  1.00 50.71 ? 119 THR A C   1 
ATOM   864  O O   . THR A 1 119 ? 7.775   9.087   -4.545  1.00 50.05 ? 119 THR A O   1 
ATOM   865  C CB  . THR A 1 119 ? 10.426  8.736   -6.208  1.00 51.54 ? 119 THR A CB  1 
ATOM   866  O OG1 . THR A 1 119 ? 11.680  9.198   -6.725  1.00 50.85 ? 119 THR A OG1 1 
ATOM   867  C CG2 . THR A 1 119 ? 9.300   9.090   -7.195  1.00 51.39 ? 119 THR A CG2 1 
ATOM   868  N N   . VAL A 1 120 ? 9.112   7.681   -3.433  1.00 50.18 ? 120 VAL A N   1 
ATOM   869  C CA  . VAL A 1 120 ? 8.000   6.953   -2.827  1.00 49.53 ? 120 VAL A CA  1 
ATOM   870  C C   . VAL A 1 120 ? 7.496   7.781   -1.672  1.00 49.60 ? 120 VAL A C   1 
ATOM   871  O O   . VAL A 1 120 ? 6.288   7.991   -1.508  1.00 48.99 ? 120 VAL A O   1 
ATOM   872  C CB  . VAL A 1 120 ? 8.453   5.550   -2.319  1.00 48.20 ? 120 VAL A CB  1 
ATOM   873  C CG1 . VAL A 1 120 ? 7.401   4.944   -1.379  1.00 46.66 ? 120 VAL A CG1 1 
ATOM   874  C CG2 . VAL A 1 120 ? 8.675   4.635   -3.513  1.00 46.93 ? 120 VAL A CG2 1 
ATOM   875  N N   . LYS A 1 121 ? 8.443   8.254   -0.872  1.00 49.63 ? 121 LYS A N   1 
ATOM   876  C CA  . LYS A 1 121 ? 8.122   9.081   0.261   1.00 49.19 ? 121 LYS A CA  1 
ATOM   877  C C   . LYS A 1 121 ? 7.342   10.323  -0.196  1.00 48.08 ? 121 LYS A C   1 
ATOM   878  O O   . LYS A 1 121 ? 6.429   10.749  0.495   1.00 48.01 ? 121 LYS A O   1 
ATOM   879  C CB  . LYS A 1 121 ? 9.404   9.464   0.995   1.00 50.44 ? 121 LYS A CB  1 
ATOM   880  C CG  . LYS A 1 121 ? 9.945   8.357   1.884   1.00 52.13 ? 121 LYS A CG  1 
ATOM   881  C CD  . LYS A 1 121 ? 11.369  8.673   2.374   1.00 52.56 ? 121 LYS A CD  1 
ATOM   882  C CE  . LYS A 1 121 ? 11.905  7.587   3.305   1.00 53.08 ? 121 LYS A CE  1 
ATOM   883  N NZ  . LYS A 1 121 ? 11.180  7.542   4.615   1.00 53.48 ? 121 LYS A NZ  1 
ATOM   884  N N   . LYS A 1 122 ? 7.672   10.887  -1.357  1.00 46.04 ? 122 LYS A N   1 
ATOM   885  C CA  . LYS A 1 122 ? 6.948   12.067  -1.843  1.00 44.44 ? 122 LYS A CA  1 
ATOM   886  C C   . LYS A 1 122 ? 5.540   11.695  -2.285  1.00 42.43 ? 122 LYS A C   1 
ATOM   887  O O   . LYS A 1 122 ? 4.579   12.461  -2.113  1.00 42.54 ? 122 LYS A O   1 
ATOM   888  C CB  . LYS A 1 122 ? 7.683   12.722  -3.019  1.00 46.24 ? 122 LYS A CB  1 
ATOM   889  C CG  . LYS A 1 122 ? 8.441   14.012  -2.677  1.00 47.21 ? 122 LYS A CG  1 
ATOM   890  C CD  . LYS A 1 122 ? 9.092   14.593  -3.927  1.00 47.48 ? 122 LYS A CD  1 
ATOM   891  C CE  . LYS A 1 122 ? 8.042   15.115  -4.902  1.00 49.59 ? 122 LYS A CE  1 
ATOM   892  N NZ  . LYS A 1 122 ? 8.486   14.985  -6.324  1.00 50.33 ? 122 LYS A NZ  1 
ATOM   893  N N   . TYR A 1 123 ? 5.416   10.523  -2.889  1.00 40.08 ? 123 TYR A N   1 
ATOM   894  C CA  . TYR A 1 123 ? 4.110   10.050  -3.325  1.00 36.39 ? 123 TYR A CA  1 
ATOM   895  C C   . TYR A 1 123 ? 3.208   9.919   -2.107  1.00 34.77 ? 123 TYR A C   1 
ATOM   896  O O   . TYR A 1 123 ? 2.095   10.401  -2.116  1.00 34.87 ? 123 TYR A O   1 
ATOM   897  C CB  . TYR A 1 123 ? 4.239   8.697   -3.991  1.00 35.04 ? 123 TYR A CB  1 
ATOM   898  C CG  . TYR A 1 123 ? 2.954   7.922   -4.085  1.00 33.83 ? 123 TYR A CG  1 
ATOM   899  C CD1 . TYR A 1 123 ? 2.025   8.197   -5.076  1.00 32.63 ? 123 TYR A CD1 1 
ATOM   900  C CD2 . TYR A 1 123 ? 2.722   6.833   -3.237  1.00 33.91 ? 123 TYR A CD2 1 
ATOM   901  C CE1 . TYR A 1 123 ? 0.885   7.393   -5.246  1.00 34.31 ? 123 TYR A CE1 1 
ATOM   902  C CE2 . TYR A 1 123 ? 1.598   6.019   -3.394  1.00 33.96 ? 123 TYR A CE2 1 
ATOM   903  C CZ  . TYR A 1 123 ? 0.688   6.292   -4.400  1.00 33.47 ? 123 TYR A CZ  1 
ATOM   904  O OH  . TYR A 1 123 ? -0.370  5.443   -4.611  1.00 32.64 ? 123 TYR A OH  1 
ATOM   905  N N   . PHE A 1 124 ? 3.694   9.264   -1.059  1.00 33.81 ? 124 PHE A N   1 
ATOM   906  C CA  . PHE A 1 124 ? 2.870   9.104   0.125   1.00 34.09 ? 124 PHE A CA  1 
ATOM   907  C C   . PHE A 1 124 ? 2.636   10.429  0.840   1.00 34.54 ? 124 PHE A C   1 
ATOM   908  O O   . PHE A 1 124 ? 1.602   10.602  1.448   1.00 33.18 ? 124 PHE A O   1 
ATOM   909  C CB  . PHE A 1 124 ? 3.484   8.068   1.077   1.00 33.05 ? 124 PHE A CB  1 
ATOM   910  C CG  . PHE A 1 124 ? 3.084   6.644   0.765   1.00 30.43 ? 124 PHE A CG  1 
ATOM   911  C CD1 . PHE A 1 124 ? 1.860   6.129   1.204   1.00 29.71 ? 124 PHE A CD1 1 
ATOM   912  C CD2 . PHE A 1 124 ? 3.899   5.830   -0.022  1.00 29.77 ? 124 PHE A CD2 1 
ATOM   913  C CE1 . PHE A 1 124 ? 1.462   4.826   0.860   1.00 26.11 ? 124 PHE A CE1 1 
ATOM   914  C CE2 . PHE A 1 124 ? 3.489   4.520   -0.360  1.00 28.89 ? 124 PHE A CE2 1 
ATOM   915  C CZ  . PHE A 1 124 ? 2.280   4.036   0.082   1.00 26.50 ? 124 PHE A CZ  1 
ATOM   916  N N   . GLN A 1 125 ? 3.582   11.370  0.757   1.00 34.14 ? 125 GLN A N   1 
ATOM   917  C CA  . GLN A 1 125 ? 3.394   12.663  1.423   1.00 33.58 ? 125 GLN A CA  1 
ATOM   918  C C   . GLN A 1 125 ? 2.248   13.389  0.761   1.00 33.46 ? 125 GLN A C   1 
ATOM   919  O O   . GLN A 1 125 ? 1.503   14.099  1.416   1.00 35.46 ? 125 GLN A O   1 
ATOM   920  C CB  . GLN A 1 125 ? 4.694   13.518  1.357   1.00 34.58 ? 125 GLN A CB  1 
ATOM   921  N N   . GLY A 1 126 ? 2.098   13.201  -0.544  1.00 33.03 ? 126 GLY A N   1 
ATOM   922  C CA  . GLY A 1 126 ? 1.012   13.824  -1.272  1.00 33.13 ? 126 GLY A CA  1 
ATOM   923  C C   . GLY A 1 126 ? -0.338  13.236  -0.880  1.00 33.56 ? 126 GLY A C   1 
ATOM   924  O O   . GLY A 1 126 ? -1.403  13.844  -1.079  1.00 31.90 ? 126 GLY A O   1 
ATOM   925  N N   . ILE A 1 127 ? -0.291  12.019  -0.345  1.00 32.50 ? 127 ILE A N   1 
ATOM   926  C CA  . ILE A 1 127 ? -1.494  11.331  0.116   1.00 30.34 ? 127 ILE A CA  1 
ATOM   927  C C   . ILE A 1 127 ? -1.921  11.965  1.443   1.00 28.58 ? 127 ILE A C   1 
ATOM   928  O O   . ILE A 1 127 ? -3.076  12.379  1.596   1.00 28.99 ? 127 ILE A O   1 
ATOM   929  C CB  . ILE A 1 127 ? -1.222  9.780   0.284   1.00 27.58 ? 127 ILE A CB  1 
ATOM   930  C CG1 . ILE A 1 127 ? -1.184  9.101   -1.113  1.00 27.13 ? 127 ILE A CG1 1 
ATOM   931  C CG2 . ILE A 1 127 ? -2.311  9.116   1.139   1.00 23.87 ? 127 ILE A CG2 1 
ATOM   932  C CD1 . ILE A 1 127 ? -0.725  7.607   -1.077  1.00 27.61 ? 127 ILE A CD1 1 
ATOM   933  N N   . TYR A 1 128 ? -0.995  12.059  2.387   1.00 29.77 ? 128 TYR A N   1 
ATOM   934  C CA  . TYR A 1 128 ? -1.305  12.664  3.680   1.00 32.15 ? 128 TYR A CA  1 
ATOM   935  C C   . TYR A 1 128 ? -1.745  14.118  3.516   1.00 34.10 ? 128 TYR A C   1 
ATOM   936  O O   . TYR A 1 128 ? -2.726  14.553  4.131   1.00 35.85 ? 128 TYR A O   1 
ATOM   937  C CB  . TYR A 1 128 ? -0.099  12.594  4.615   1.00 32.28 ? 128 TYR A CB  1 
ATOM   938  C CG  . TYR A 1 128 ? 0.093   11.228  5.228   1.00 32.11 ? 128 TYR A CG  1 
ATOM   939  C CD1 . TYR A 1 128 ? -0.753  10.779  6.233   1.00 31.04 ? 128 TYR A CD1 1 
ATOM   940  C CD2 . TYR A 1 128 ? 1.097   10.370  4.778   1.00 33.14 ? 128 TYR A CD2 1 
ATOM   941  C CE1 . TYR A 1 128 ? -0.608  9.516   6.770   1.00 32.99 ? 128 TYR A CE1 1 
ATOM   942  C CE2 . TYR A 1 128 ? 1.258   9.092   5.315   1.00 30.10 ? 128 TYR A CE2 1 
ATOM   943  C CZ  . TYR A 1 128 ? 0.403   8.679   6.308   1.00 31.71 ? 128 TYR A CZ  1 
ATOM   944  O OH  . TYR A 1 128 ? 0.548   7.434   6.854   1.00 31.70 ? 128 TYR A OH  1 
ATOM   945  N N   . ASP A 1 129 ? -1.038  14.860  2.668   1.00 34.39 ? 129 ASP A N   1 
ATOM   946  C CA  . ASP A 1 129 ? -1.356  16.265  2.438   1.00 34.96 ? 129 ASP A CA  1 
ATOM   947  C C   . ASP A 1 129 ? -2.770  16.383  1.900   1.00 34.09 ? 129 ASP A C   1 
ATOM   948  O O   . ASP A 1 129 ? -3.525  17.257  2.332   1.00 31.86 ? 129 ASP A O   1 
ATOM   949  C CB  . ASP A 1 129 ? -0.308  16.902  1.515   1.00 35.79 ? 129 ASP A CB  1 
ATOM   950  C CG  . ASP A 1 129 ? 1.086   16.916  2.159   1.00 38.51 ? 129 ASP A CG  1 
ATOM   951  O OD1 . ASP A 1 129 ? 1.208   16.540  3.366   1.00 40.71 ? 129 ASP A OD1 1 
ATOM   952  O OD2 . ASP A 1 129 ? 2.064   17.294  1.472   1.00 40.98 ? 129 ASP A OD2 1 
ATOM   953  N N   . TYR A 1 130 ? -3.147  15.472  1.001   1.00 33.57 ? 130 TYR A N   1 
ATOM   954  C CA  . TYR A 1 130 ? -4.511  15.431  0.454   1.00 32.38 ? 130 TYR A CA  1 
ATOM   955  C C   . TYR A 1 130 ? -5.518  15.133  1.583   1.00 32.33 ? 130 TYR A C   1 
ATOM   956  O O   . TYR A 1 130 ? -6.598  15.723  1.642   1.00 31.21 ? 130 TYR A O   1 
ATOM   957  C CB  . TYR A 1 130 ? -4.619  14.329  -0.581  1.00 33.59 ? 130 TYR A CB  1 
ATOM   958  C CG  . TYR A 1 130 ? -6.028  14.088  -1.077  1.00 33.32 ? 130 TYR A CG  1 
ATOM   959  C CD1 . TYR A 1 130 ? -6.623  14.935  -2.014  1.00 34.15 ? 130 TYR A CD1 1 
ATOM   960  C CD2 . TYR A 1 130 ? -6.769  13.023  -0.602  1.00 31.69 ? 130 TYR A CD2 1 
ATOM   961  C CE1 . TYR A 1 130 ? -7.925  14.714  -2.461  1.00 33.76 ? 130 TYR A CE1 1 
ATOM   962  C CE2 . TYR A 1 130 ? -8.072  12.799  -1.035  1.00 32.72 ? 130 TYR A CE2 1 
ATOM   963  C CZ  . TYR A 1 130 ? -8.639  13.645  -1.962  1.00 34.19 ? 130 TYR A CZ  1 
ATOM   964  O OH  . TYR A 1 130 ? -9.926  13.404  -2.377  1.00 36.04 ? 130 TYR A OH  1 
ATOM   965  N N   . LEU A 1 131 ? -5.178  14.182  2.448   1.00 31.33 ? 131 LEU A N   1 
ATOM   966  C CA  . LEU A 1 131 ? -6.051  13.826  3.566   1.00 33.19 ? 131 LEU A CA  1 
ATOM   967  C C   . LEU A 1 131 ? -6.125  15.031  4.513   1.00 33.97 ? 131 LEU A C   1 
ATOM   968  O O   . LEU A 1 131 ? -7.197  15.371  5.000   1.00 35.33 ? 131 LEU A O   1 
ATOM   969  C CB  . LEU A 1 131 ? -5.512  12.587  4.334   1.00 30.07 ? 131 LEU A CB  1 
ATOM   970  C CG  . LEU A 1 131 ? -5.711  11.187  3.702   1.00 30.49 ? 131 LEU A CG  1 
ATOM   971  C CD1 . LEU A 1 131 ? -4.787  10.200  4.356   1.00 29.35 ? 131 LEU A CD1 1 
ATOM   972  C CD2 . LEU A 1 131 ? -7.188  10.718  3.855   1.00 27.84 ? 131 LEU A CD2 1 
ATOM   973  N N   . GLN A 1 132 ? -4.977  15.662  4.754   1.00 34.34 ? 132 GLN A N   1 
ATOM   974  C CA  . GLN A 1 132 ? -4.893  16.826  5.635   1.00 36.23 ? 132 GLN A CA  1 
ATOM   975  C C   . GLN A 1 132 ? -5.724  17.994  5.118   1.00 36.15 ? 132 GLN A C   1 
ATOM   976  O O   . GLN A 1 132 ? -6.450  18.607  5.893   1.00 33.72 ? 132 GLN A O   1 
ATOM   977  C CB  . GLN A 1 132 ? -3.438  17.286  5.810   1.00 37.75 ? 132 GLN A CB  1 
ATOM   978  C CG  . GLN A 1 132 ? -2.685  16.598  6.953   1.00 40.85 ? 132 GLN A CG  1 
ATOM   979  C CD  . GLN A 1 132 ? -1.161  16.721  6.852   1.00 43.09 ? 132 GLN A CD  1 
ATOM   980  O OE1 . GLN A 1 132 ? -0.618  17.781  6.498   1.00 42.51 ? 132 GLN A OE1 1 
ATOM   981  N NE2 . GLN A 1 132 ? -0.463  15.634  7.182   1.00 45.08 ? 132 GLN A NE2 1 
ATOM   982  N N   . GLU A 1 133 ? -5.629  18.284  3.813   1.00 36.65 ? 133 GLU A N   1 
ATOM   983  C CA  . GLU A 1 133 ? -6.363  19.399  3.224   1.00 36.63 ? 133 GLU A CA  1 
ATOM   984  C C   . GLU A 1 133 ? -7.853  19.118  3.177   1.00 35.76 ? 133 GLU A C   1 
ATOM   985  O O   . GLU A 1 133 ? -8.657  20.023  3.019   1.00 35.01 ? 133 GLU A O   1 
ATOM   986  C CB  . GLU A 1 133 ? -5.847  19.726  1.817   1.00 38.79 ? 133 GLU A CB  1 
ATOM   987  C CG  . GLU A 1 133 ? -6.459  18.868  0.717   1.00 41.29 ? 133 GLU A CG  1 
ATOM   988  C CD  . GLU A 1 133 ? -5.925  19.237  -0.662  1.00 45.15 ? 133 GLU A CD  1 
ATOM   989  O OE1 . GLU A 1 133 ? -4.684  19.164  -0.876  1.00 46.50 ? 133 GLU A OE1 1 
ATOM   990  O OE2 . GLU A 1 133 ? -6.748  19.603  -1.530  1.00 46.48 ? 133 GLU A OE2 1 
ATOM   991  N N   . LYS A 1 134 ? -8.230  17.861  3.319   1.00 35.17 ? 134 LYS A N   1 
ATOM   992  C CA  . LYS A 1 134 ? -9.646  17.498  3.313   1.00 34.71 ? 134 LYS A CA  1 
ATOM   993  C C   . LYS A 1 134 ? -10.134 17.210  4.744   1.00 35.28 ? 134 LYS A C   1 
ATOM   994  O O   . LYS A 1 134 ? -11.262 16.738  4.939   1.00 36.27 ? 134 LYS A O   1 
ATOM   995  C CB  . LYS A 1 134 ? -9.847  16.241  2.466   1.00 34.37 ? 134 LYS A CB  1 
ATOM   996  C CG  . LYS A 1 134 ? -9.357  16.349  1.042   1.00 35.33 ? 134 LYS A CG  1 
ATOM   997  C CD  . LYS A 1 134 ? -10.316 17.151  0.201   1.00 37.64 ? 134 LYS A CD  1 
ATOM   998  C CE  . LYS A 1 134 ? -9.854  17.289  -1.247  1.00 40.52 ? 134 LYS A CE  1 
ATOM   999  N NZ  . LYS A 1 134 ? -10.629 18.363  -1.947  1.00 42.84 ? 134 LYS A NZ  1 
ATOM   1000 N N   . GLY A 1 135 ? -9.294  17.480  5.744   1.00 34.73 ? 135 GLY A N   1 
ATOM   1001 C CA  . GLY A 1 135 ? -9.684  17.187  7.117   1.00 34.85 ? 135 GLY A CA  1 
ATOM   1002 C C   . GLY A 1 135 ? -10.011 15.705  7.379   1.00 34.79 ? 135 GLY A C   1 
ATOM   1003 O O   . GLY A 1 135 ? -10.897 15.393  8.178   1.00 34.50 ? 135 GLY A O   1 
ATOM   1004 N N   . TYR A 1 136 ? -9.323  14.784  6.695   1.00 33.87 ? 136 TYR A N   1 
ATOM   1005 C CA  . TYR A 1 136 ? -9.553  13.353  6.889   1.00 32.38 ? 136 TYR A CA  1 
ATOM   1006 C C   . TYR A 1 136 ? -11.011 12.865  6.792   1.00 31.84 ? 136 TYR A C   1 
ATOM   1007 O O   . TYR A 1 136 ? -11.428 11.930  7.507   1.00 31.00 ? 136 TYR A O   1 
ATOM   1008 C CB  . TYR A 1 136 ? -8.953  12.935  8.230   1.00 32.63 ? 136 TYR A CB  1 
ATOM   1009 C CG  . TYR A 1 136 ? -7.447  13.039  8.237   1.00 34.90 ? 136 TYR A CG  1 
ATOM   1010 C CD1 . TYR A 1 136 ? -6.818  14.267  8.441   1.00 36.51 ? 136 TYR A CD1 1 
ATOM   1011 C CD2 . TYR A 1 136 ? -6.647  11.914  8.023   1.00 35.51 ? 136 TYR A CD2 1 
ATOM   1012 C CE1 . TYR A 1 136 ? -5.429  14.377  8.439   1.00 38.09 ? 136 TYR A CE1 1 
ATOM   1013 C CE2 . TYR A 1 136 ? -5.244  12.014  8.014   1.00 38.12 ? 136 TYR A CE2 1 
ATOM   1014 C CZ  . TYR A 1 136 ? -4.650  13.252  8.225   1.00 38.40 ? 136 TYR A CZ  1 
ATOM   1015 O OH  . TYR A 1 136 ? -3.272  13.374  8.233   1.00 42.47 ? 136 TYR A OH  1 
ATOM   1016 N N   . SER A 1 137 ? -11.779 13.474  5.889   1.00 32.39 ? 137 SER A N   1 
ATOM   1017 C CA  . SER A 1 137 ? -13.177 13.106  5.698   1.00 32.39 ? 137 SER A CA  1 
ATOM   1018 C C   . SER A 1 137 ? -13.364 11.650  5.257   1.00 33.27 ? 137 SER A C   1 
ATOM   1019 O O   . SER A 1 137 ? -12.433 11.008  4.766   1.00 30.84 ? 137 SER A O   1 
ATOM   1020 C CB  . SER A 1 137 ? -13.813 14.002  4.638   1.00 34.26 ? 137 SER A CB  1 
ATOM   1021 O OG  . SER A 1 137 ? -13.494 13.538  3.326   1.00 32.60 ? 137 SER A OG  1 
ATOM   1022 N N   . ASP A 1 138 ? -14.585 11.144  5.418   1.00 33.33 ? 138 ASP A N   1 
ATOM   1023 C CA  . ASP A 1 138 ? -14.910 9.786   5.005   1.00 34.65 ? 138 ASP A CA  1 
ATOM   1024 C C   . ASP A 1 138 ? -14.593 9.539   3.518   1.00 35.70 ? 138 ASP A C   1 
ATOM   1025 O O   . ASP A 1 138 ? -14.047 8.502   3.158   1.00 35.27 ? 138 ASP A O   1 
ATOM   1026 C CB  . ASP A 1 138 ? -16.391 9.503   5.260   1.00 35.50 ? 138 ASP A CB  1 
ATOM   1027 C CG  . ASP A 1 138 ? -16.692 9.252   6.729   1.00 36.78 ? 138 ASP A CG  1 
ATOM   1028 O OD1 . ASP A 1 138 ? -15.879 9.668   7.556   1.00 38.55 ? 138 ASP A OD1 1 
ATOM   1029 O OD2 . ASP A 1 138 ? -17.741 8.652   7.065   1.00 39.38 ? 138 ASP A OD2 1 
ATOM   1030 N N   . CYS A 1 139 ? -14.936 10.493  2.654   1.00 35.78 ? 139 CYS A N   1 
ATOM   1031 C CA  . CYS A 1 139 ? -14.682 10.362  1.215   1.00 35.25 ? 139 CYS A CA  1 
ATOM   1032 C C   . CYS A 1 139 ? -13.220 10.624  0.861   1.00 32.64 ? 139 CYS A C   1 
ATOM   1033 O O   . CYS A 1 139 ? -12.701 10.119  -0.127  1.00 31.35 ? 139 CYS A O   1 
ATOM   1034 C CB  . CYS A 1 139 ? -15.598 11.329  0.435   1.00 39.70 ? 139 CYS A CB  1 
ATOM   1035 S SG  . CYS A 1 139 ? -17.373 10.842  0.441   1.00 46.42 ? 139 CYS A SG  1 
ATOM   1036 N N   . ALA A 1 140 ? -12.551 11.451  1.644   1.00 31.83 ? 140 ALA A N   1 
ATOM   1037 C CA  . ALA A 1 140 ? -11.140 11.672  1.379   1.00 31.02 ? 140 ALA A CA  1 
ATOM   1038 C C   . ALA A 1 140 ? -10.498 10.259  1.531   1.00 30.07 ? 140 ALA A C   1 
ATOM   1039 O O   . ALA A 1 140 ? -9.653  9.855   0.736   1.00 27.34 ? 140 ALA A O   1 
ATOM   1040 C CB  . ALA A 1 140 ? -10.546 12.656  2.401   1.00 30.82 ? 140 ALA A CB  1 
ATOM   1041 N N   . TRP A 1 141 ? -10.949 9.512   2.539   1.00 29.60 ? 141 TRP A N   1 
ATOM   1042 C CA  . TRP A 1 141 ? -10.439 8.160   2.793   1.00 30.84 ? 141 TRP A CA  1 
ATOM   1043 C C   . TRP A 1 141 ? -10.829 7.140   1.736   1.00 29.74 ? 141 TRP A C   1 
ATOM   1044 O O   . TRP A 1 141 ? -10.016 6.315   1.388   1.00 27.61 ? 141 TRP A O   1 
ATOM   1045 C CB  . TRP A 1 141 ? -10.907 7.635   4.157   1.00 29.04 ? 141 TRP A CB  1 
ATOM   1046 C CG  . TRP A 1 141 ? -10.020 8.053   5.299   1.00 28.08 ? 141 TRP A CG  1 
ATOM   1047 C CD1 . TRP A 1 141 ? -10.362 8.858   6.353   1.00 27.99 ? 141 TRP A CD1 1 
ATOM   1048 C CD2 . TRP A 1 141 ? -8.648  7.678   5.508   1.00 27.66 ? 141 TRP A CD2 1 
ATOM   1049 N NE1 . TRP A 1 141 ? -9.293  9.008   7.196   1.00 28.25 ? 141 TRP A NE1 1 
ATOM   1050 C CE2 . TRP A 1 141 ? -8.229  8.296   6.707   1.00 27.06 ? 141 TRP A CE2 1 
ATOM   1051 C CE3 . TRP A 1 141 ? -7.738  6.868   4.801   1.00 24.63 ? 141 TRP A CE3 1 
ATOM   1052 C CZ2 . TRP A 1 141 ? -6.941  8.139   7.219   1.00 27.50 ? 141 TRP A CZ2 1 
ATOM   1053 C CZ3 . TRP A 1 141 ? -6.456  6.714   5.312   1.00 25.85 ? 141 TRP A CZ3 1 
ATOM   1054 C CH2 . TRP A 1 141 ? -6.067  7.344   6.510   1.00 26.18 ? 141 TRP A CH2 1 
ATOM   1055 N N   . GLU A 1 142 ? -12.063 7.173   1.240   1.00 31.42 ? 142 GLU A N   1 
ATOM   1056 C CA  . GLU A 1 142 ? -12.479 6.200   0.207   1.00 32.78 ? 142 GLU A CA  1 
ATOM   1057 C C   . GLU A 1 142 ? -11.610 6.409   -1.024  1.00 31.22 ? 142 GLU A C   1 
ATOM   1058 O O   . GLU A 1 142 ? -11.129 5.456   -1.609  1.00 32.21 ? 142 GLU A O   1 
ATOM   1059 C CB  . GLU A 1 142 ? -13.968 6.355   -0.169  1.00 37.31 ? 142 GLU A CB  1 
ATOM   1060 C CG  . GLU A 1 142 ? -14.409 5.599   -1.463  1.00 41.61 ? 142 GLU A CG  1 
ATOM   1061 C CD  . GLU A 1 142 ? -15.366 4.439   -1.201  1.00 48.10 ? 142 GLU A CD  1 
ATOM   1062 O OE1 . GLU A 1 142 ? -16.607 4.680   -1.031  1.00 47.58 ? 142 GLU A OE1 1 
ATOM   1063 O OE2 . GLU A 1 142 ? -14.868 3.266   -1.153  1.00 51.13 ? 142 GLU A OE2 1 
ATOM   1064 N N   . ILE A 1 143 ? -11.360 7.662   -1.374  1.00 30.38 ? 143 ILE A N   1 
ATOM   1065 C CA  . ILE A 1 143 ? -10.545 7.998   -2.546  1.00 28.90 ? 143 ILE A CA  1 
ATOM   1066 C C   . ILE A 1 143 ? -9.115  7.494   -2.391  1.00 27.15 ? 143 ILE A C   1 
ATOM   1067 O O   . ILE A 1 143 ? -8.523  6.945   -3.332  1.00 26.31 ? 143 ILE A O   1 
ATOM   1068 C CB  . ILE A 1 143 ? -10.553 9.548   -2.797  1.00 29.08 ? 143 ILE A CB  1 
ATOM   1069 C CG1 . ILE A 1 143 ? -11.804 9.948   -3.574  1.00 30.99 ? 143 ILE A CG1 1 
ATOM   1070 C CG2 . ILE A 1 143 ? -9.335  9.964   -3.611  1.00 30.63 ? 143 ILE A CG2 1 
ATOM   1071 C CD1 . ILE A 1 143 ? -13.087 9.382   -3.017  1.00 35.62 ? 143 ILE A CD1 1 
ATOM   1072 N N   . VAL A 1 144 ? -8.556  7.712   -1.210  1.00 25.28 ? 144 VAL A N   1 
ATOM   1073 C CA  . VAL A 1 144 ? -7.205  7.262   -0.912  1.00 26.42 ? 144 VAL A CA  1 
ATOM   1074 C C   . VAL A 1 144 ? -7.086  5.711   -0.925  1.00 24.54 ? 144 VAL A C   1 
ATOM   1075 O O   . VAL A 1 144 ? -6.062  5.175   -1.352  1.00 23.56 ? 144 VAL A O   1 
ATOM   1076 C CB  . VAL A 1 144 ? -6.727  7.829   0.460   1.00 27.65 ? 144 VAL A CB  1 
ATOM   1077 C CG1 . VAL A 1 144 ? -5.618  6.938   1.043   1.00 25.69 ? 144 VAL A CG1 1 
ATOM   1078 C CG2 . VAL A 1 144 ? -6.204  9.299   0.272   1.00 25.58 ? 144 VAL A CG2 1 
ATOM   1079 N N   . ARG A 1 145 ? -8.116  5.019   -0.454  1.00 23.23 ? 145 ARG A N   1 
ATOM   1080 C CA  . ARG A 1 145 ? -8.128  3.543   -0.431  1.00 25.55 ? 145 ARG A CA  1 
ATOM   1081 C C   . ARG A 1 145 ? -8.202  2.962   -1.843  1.00 26.06 ? 145 ARG A C   1 
ATOM   1082 O O   . ARG A 1 145 ? -7.728  1.853   -2.095  1.00 26.58 ? 145 ARG A O   1 
ATOM   1083 C CB  . ARG A 1 145 ? -9.309  3.010   0.396   1.00 25.05 ? 145 ARG A CB  1 
ATOM   1084 C CG  . ARG A 1 145 ? -9.069  3.131   1.910   1.00 26.93 ? 145 ARG A CG  1 
ATOM   1085 C CD  . ARG A 1 145 ? -10.009 2.255   2.676   1.00 30.32 ? 145 ARG A CD  1 
ATOM   1086 N NE  . ARG A 1 145 ? -11.283 2.936   2.866   1.00 35.67 ? 145 ARG A NE  1 
ATOM   1087 C CZ  . ARG A 1 145 ? -12.319 2.820   2.065   1.00 36.36 ? 145 ARG A CZ  1 
ATOM   1088 N NH1 . ARG A 1 145 ? -12.248 2.039   1.013   1.00 39.68 ? 145 ARG A NH1 1 
ATOM   1089 N NH2 . ARG A 1 145 ? -13.419 3.494   2.313   1.00 38.32 ? 145 ARG A NH2 1 
ATOM   1090 N N   . VAL A 1 146 ? -8.824  3.688   -2.761  1.00 24.82 ? 146 VAL A N   1 
ATOM   1091 C CA  . VAL A 1 146 ? -8.898  3.193   -4.116  1.00 26.59 ? 146 VAL A CA  1 
ATOM   1092 C C   . VAL A 1 146 ? -7.513  3.411   -4.741  1.00 27.47 ? 146 VAL A C   1 
ATOM   1093 O O   . VAL A 1 146 ? -7.017  2.578   -5.510  1.00 27.12 ? 146 VAL A O   1 
ATOM   1094 C CB  . VAL A 1 146 ? -10.027 3.916   -4.906  1.00 28.45 ? 146 VAL A CB  1 
ATOM   1095 C CG1 . VAL A 1 146 ? -9.918  3.599   -6.374  1.00 27.19 ? 146 VAL A CG1 1 
ATOM   1096 C CG2 . VAL A 1 146 ? -11.399 3.492   -4.372  1.00 28.25 ? 146 VAL A CG2 1 
ATOM   1097 N N   . GLU A 1 147 ? -6.869  4.521   -4.379  1.00 25.89 ? 147 GLU A N   1 
ATOM   1098 C CA  . GLU A 1 147 ? -5.552  4.807   -4.883  1.00 24.65 ? 147 GLU A CA  1 
ATOM   1099 C C   . GLU A 1 147 ? -4.640  3.753   -4.314  1.00 24.55 ? 147 GLU A C   1 
ATOM   1100 O O   . GLU A 1 147 ? -3.710  3.304   -5.005  1.00 25.25 ? 147 GLU A O   1 
ATOM   1101 C CB  . GLU A 1 147 ? -5.094  6.209   -4.434  1.00 26.39 ? 147 GLU A CB  1 
ATOM   1102 C CG  . GLU A 1 147 ? -3.615  6.531   -4.623  1.00 28.00 ? 147 GLU A CG  1 
ATOM   1103 C CD  . GLU A 1 147 ? -3.165  6.487   -6.105  1.00 29.96 ? 147 GLU A CD  1 
ATOM   1104 O OE1 . GLU A 1 147 ? -4.028  6.578   -6.972  1.00 29.24 ? 147 GLU A OE1 1 
ATOM   1105 O OE2 . GLU A 1 147 ? -1.957  6.379   -6.389  1.00 31.51 ? 147 GLU A OE2 1 
ATOM   1106 N N   . MET A 1 148 ? -4.898  3.354   -3.058  1.00 22.22 ? 148 MET A N   1 
ATOM   1107 C CA  . MET A 1 148 ? -4.070  2.342   -2.382  1.00 21.22 ? 148 MET A CA  1 
ATOM   1108 C C   . MET A 1 148 ? -4.162  0.984   -3.079  1.00 20.11 ? 148 MET A C   1 
ATOM   1109 O O   . MET A 1 148 ? -3.237  0.180   -3.007  1.00 19.04 ? 148 MET A O   1 
ATOM   1110 C CB  . MET A 1 148 ? -4.448  2.202   -0.903  1.00 18.47 ? 148 MET A CB  1 
ATOM   1111 C CG  . MET A 1 148 ? -3.854  3.339   -0.059  1.00 19.75 ? 148 MET A CG  1 
ATOM   1112 S SD  . MET A 1 148 ? -2.022  3.708   -0.403  1.00 24.04 ? 148 MET A SD  1 
ATOM   1113 C CE  . MET A 1 148 ? -1.249  2.425   0.402   1.00 23.54 ? 148 MET A CE  1 
ATOM   1114 N N   . MET A 1 149 ? -5.264  0.734   -3.755  1.00 20.86 ? 149 MET A N   1 
ATOM   1115 C CA  . MET A 1 149 ? -5.396  -0.518  -4.514  1.00 23.67 ? 149 MET A CA  1 
ATOM   1116 C C   . MET A 1 149 ? -4.319  -0.463  -5.625  1.00 22.29 ? 149 MET A C   1 
ATOM   1117 O O   . MET A 1 149 ? -3.721  -1.475  -5.960  1.00 24.24 ? 149 MET A O   1 
ATOM   1118 C CB  . MET A 1 149 ? -6.779  -0.622  -5.154  1.00 23.60 ? 149 MET A CB  1 
ATOM   1119 C CG  . MET A 1 149 ? -7.784  -1.578  -4.505  1.00 27.28 ? 149 MET A CG  1 
ATOM   1120 S SD  . MET A 1 149 ? -7.295  -3.224  -3.952  1.00 27.64 ? 149 MET A SD  1 
ATOM   1121 C CE  . MET A 1 149 ? -7.284  -4.183  -5.456  1.00 27.55 ? 149 MET A CE  1 
ATOM   1122 N N   . ARG A 1 150 ? -4.085  0.719   -6.195  1.00 23.39 ? 150 ARG A N   1 
ATOM   1123 C CA  . ARG A 1 150 ? -3.044  0.915   -7.218  1.00 22.42 ? 150 ARG A CA  1 
ATOM   1124 C C   . ARG A 1 150 ? -1.641  0.773   -6.608  1.00 21.86 ? 150 ARG A C   1 
ATOM   1125 O O   . ARG A 1 150 ? -0.780  0.110   -7.151  1.00 20.80 ? 150 ARG A O   1 
ATOM   1126 C CB  . ARG A 1 150 ? -3.126  2.333   -7.805  1.00 28.13 ? 150 ARG A CB  1 
ATOM   1127 C CG  . ARG A 1 150 ? -4.166  2.523   -8.883  1.00 32.98 ? 150 ARG A CG  1 
ATOM   1128 C CD  . ARG A 1 150 ? -4.002  3.860   -9.575  1.00 37.77 ? 150 ARG A CD  1 
ATOM   1129 N NE  . ARG A 1 150 ? -4.703  4.882   -8.826  1.00 43.14 ? 150 ARG A NE  1 
ATOM   1130 C CZ  . ARG A 1 150 ? -6.027  4.946   -8.685  1.00 43.43 ? 150 ARG A CZ  1 
ATOM   1131 N NH1 . ARG A 1 150 ? -6.796  4.036   -9.267  1.00 45.06 ? 150 ARG A NH1 1 
ATOM   1132 N NH2 . ARG A 1 150 ? -6.580  5.908   -7.935  1.00 42.25 ? 150 ARG A NH2 1 
ATOM   1133 N N   . ALA A 1 151 ? -1.392  1.439   -5.480  1.00 20.88 ? 151 ALA A N   1 
ATOM   1134 C CA  . ALA A 1 151 ? -0.078  1.335   -4.865  1.00 21.25 ? 151 ALA A CA  1 
ATOM   1135 C C   . ALA A 1 151 ? 0.245   -0.119  -4.447  1.00 19.93 ? 151 ALA A C   1 
ATOM   1136 O O   . ALA A 1 151 ? 1.362   -0.574  -4.618  1.00 21.37 ? 151 ALA A O   1 
ATOM   1137 C CB  . ALA A 1 151 ? -0.005  2.278   -3.643  1.00 21.92 ? 151 ALA A CB  1 
ATOM   1138 N N   . LEU A 1 152 ? -0.727  -0.846  -3.912  1.00 18.62 ? 152 LEU A N   1 
ATOM   1139 C CA  . LEU A 1 152 ? -0.469  -2.207  -3.473  1.00 19.35 ? 152 LEU A CA  1 
ATOM   1140 C C   . LEU A 1 152 ? -0.355  -3.108  -4.687  1.00 18.35 ? 152 LEU A C   1 
ATOM   1141 O O   . LEU A 1 152 ? 0.333   -4.111  -4.657  1.00 17.31 ? 152 LEU A O   1 
ATOM   1142 C CB  . LEU A 1 152 ? -1.568  -2.727  -2.534  1.00 19.89 ? 152 LEU A CB  1 
ATOM   1143 C CG  . LEU A 1 152 ? -1.606  -2.194  -1.088  1.00 23.89 ? 152 LEU A CG  1 
ATOM   1144 C CD1 . LEU A 1 152 ? -2.647  -3.012  -0.283  1.00 25.10 ? 152 LEU A CD1 1 
ATOM   1145 C CD2 . LEU A 1 152 ? -0.226  -2.312  -0.437  1.00 25.92 ? 152 LEU A CD2 1 
ATOM   1146 N N   . THR A 1 153 ? -1.047  -2.773  -5.765  1.00 18.07 ? 153 THR A N   1 
ATOM   1147 C CA  . THR A 1 153 ? -0.881  -3.613  -6.946  1.00 18.49 ? 153 THR A CA  1 
ATOM   1148 C C   . THR A 1 153 ? 0.544   -3.501  -7.524  1.00 19.36 ? 153 THR A C   1 
ATOM   1149 O O   . THR A 1 153 ? 1.188   -4.501  -7.808  1.00 21.08 ? 153 THR A O   1 
ATOM   1150 C CB  . THR A 1 153 ? -1.922  -3.258  -8.016  1.00 19.83 ? 153 THR A CB  1 
ATOM   1151 O OG1 . THR A 1 153 ? -3.201  -3.707  -7.542  1.00 18.79 ? 153 THR A OG1 1 
ATOM   1152 C CG2 . THR A 1 153 ? -1.607  -3.975  -9.377  1.00 17.08 ? 153 THR A CG2 1 
ATOM   1153 N N   . VAL A 1 154 ? 1.058   -2.292  -7.665  1.00 20.83 ? 154 VAL A N   1 
ATOM   1154 C CA  . VAL A 1 154 ? 2.396   -2.107  -8.226  1.00 24.59 ? 154 VAL A CA  1 
ATOM   1155 C C   . VAL A 1 154 ? 3.498   -2.683  -7.323  1.00 24.50 ? 154 VAL A C   1 
ATOM   1156 O O   . VAL A 1 154 ? 4.489   -3.232  -7.808  1.00 20.95 ? 154 VAL A O   1 
ATOM   1157 C CB  . VAL A 1 154 ? 2.665   -0.608  -8.508  1.00 25.93 ? 154 VAL A CB  1 
ATOM   1158 C CG1 . VAL A 1 154 ? 1.879   -0.184  -9.763  1.00 29.16 ? 154 VAL A CG1 1 
ATOM   1159 C CG2 . VAL A 1 154 ? 2.259   0.214   -7.315  1.00 30.11 ? 154 VAL A CG2 1 
ATOM   1160 N N   . SER A 1 155 ? 3.319   -2.558  -6.012  1.00 24.45 ? 155 SER A N   1 
ATOM   1161 C CA  . SER A 1 155 ? 4.300   -3.112  -5.096  1.00 25.04 ? 155 SER A CA  1 
ATOM   1162 C C   . SER A 1 155 ? 4.236   -4.659  -5.141  1.00 25.54 ? 155 SER A C   1 
ATOM   1163 O O   . SER A 1 155 ? 5.215   -5.332  -4.848  1.00 25.76 ? 155 SER A O   1 
ATOM   1164 C CB  . SER A 1 155 ? 4.048   -2.614  -3.678  1.00 24.24 ? 155 SER A CB  1 
ATOM   1165 O OG  . SER A 1 155 ? 2.999   -3.347  -3.085  1.00 28.45 ? 155 SER A OG  1 
ATOM   1166 N N   . THR A 1 156 ? 3.104   -5.229  -5.539  1.00 24.82 ? 156 THR A N   1 
ATOM   1167 C CA  . THR A 1 156 ? 3.020   -6.690  -5.603  1.00 26.24 ? 156 THR A CA  1 
ATOM   1168 C C   . THR A 1 156 ? 3.793   -7.229  -6.833  1.00 28.84 ? 156 THR A C   1 
ATOM   1169 O O   . THR A 1 156 ? 4.444   -8.280  -6.762  1.00 28.34 ? 156 THR A O   1 
ATOM   1170 C CB  . THR A 1 156 ? 1.546   -7.137  -5.640  1.00 25.60 ? 156 THR A CB  1 
ATOM   1171 O OG1 . THR A 1 156 ? 0.916   -6.764  -4.399  1.00 25.44 ? 156 THR A OG1 1 
ATOM   1172 C CG2 . THR A 1 156 ? 1.453   -8.618  -5.801  1.00 25.45 ? 156 THR A CG2 1 
ATOM   1173 N N   . THR A 1 157 ? 3.719   -6.478  -7.937  1.00 28.12 ? 157 THR A N   1 
ATOM   1174 C CA  . THR A 1 157 ? 4.384   -6.772  -9.194  1.00 29.42 ? 157 THR A CA  1 
ATOM   1175 C C   . THR A 1 157 ? 5.893   -6.657  -8.976  1.00 29.80 ? 157 THR A C   1 
ATOM   1176 O O   . THR A 1 157 ? 6.676   -7.422  -9.519  1.00 29.41 ? 157 THR A O   1 
ATOM   1177 C CB  . THR A 1 157 ? 3.866   -5.781  -10.282 1.00 30.76 ? 157 THR A CB  1 
ATOM   1178 O OG1 . THR A 1 157 ? 2.486   -6.084  -10.558 1.00 30.10 ? 157 THR A OG1 1 
ATOM   1179 C CG2 . THR A 1 157 ? 4.661   -5.893  -11.565 1.00 31.06 ? 157 THR A CG2 1 
ATOM   1180 N N   . LEU A 1 158 ? 6.307   -5.710  -8.145  1.00 29.87 ? 158 LEU A N   1 
ATOM   1181 C CA  . LEU A 1 158 ? 7.713   -5.568  -7.832  1.00 28.71 ? 158 LEU A CA  1 
ATOM   1182 C C   . LEU A 1 158 ? 8.157   -6.763  -6.990  1.00 30.95 ? 158 LEU A C   1 
ATOM   1183 O O   . LEU A 1 158 ? 9.221   -7.348  -7.220  1.00 32.63 ? 158 LEU A O   1 
ATOM   1184 C CB  . LEU A 1 158 ? 7.924   -4.293  -7.031  1.00 30.26 ? 158 LEU A CB  1 
ATOM   1185 C CG  . LEU A 1 158 ? 9.336   -3.870  -6.660  1.00 32.40 ? 158 LEU A CG  1 
ATOM   1186 C CD1 . LEU A 1 158 ? 10.263  -3.976  -7.915  1.00 33.33 ? 158 LEU A CD1 1 
ATOM   1187 C CD2 . LEU A 1 158 ? 9.270   -2.435  -6.140  1.00 31.78 ? 158 LEU A CD2 1 
ATOM   1188 N N   . GLN A 1 159 ? 7.356   -7.115  -5.987  1.00 29.10 ? 159 GLN A N   1 
ATOM   1189 C CA  . GLN A 1 159 ? 7.715   -8.233  -5.134  1.00 31.30 ? 159 GLN A CA  1 
ATOM   1190 C C   . GLN A 1 159 ? 7.887   -9.502  -5.982  1.00 31.85 ? 159 GLN A C   1 
ATOM   1191 O O   . GLN A 1 159 ? 8.734   -10.334 -5.688  1.00 31.19 ? 159 GLN A O   1 
ATOM   1192 C CB  . GLN A 1 159 ? 6.657   -8.437  -4.056  1.00 27.16 ? 159 GLN A CB  1 
ATOM   1193 C CG  . GLN A 1 159 ? 6.964   -9.525  -3.060  1.00 28.71 ? 159 GLN A CG  1 
ATOM   1194 C CD  . GLN A 1 159 ? 5.952   -9.534  -1.911  1.00 27.10 ? 159 GLN A CD  1 
ATOM   1195 O OE1 . GLN A 1 159 ? 6.119   -8.834  -0.935  1.00 24.32 ? 159 GLN A OE1 1 
ATOM   1196 N NE2 . GLN A 1 159 ? 4.888   -10.310 -2.058  1.00 26.97 ? 159 GLN A NE2 1 
ATOM   1197 N N   . LYS A 1 160 ? 7.074   -9.642  -7.015  1.00 35.02 ? 160 LYS A N   1 
ATOM   1198 C CA  . LYS A 1 160 ? 7.178   -10.794 -7.920  1.00 40.72 ? 160 LYS A CA  1 
ATOM   1199 C C   . LYS A 1 160 ? 8.591   -10.830 -8.522  1.00 42.31 ? 160 LYS A C   1 
ATOM   1200 O O   . LYS A 1 160 ? 9.262   -11.842 -8.480  1.00 43.95 ? 160 LYS A O   1 
ATOM   1201 C CB  . LYS A 1 160 ? 6.155   -10.659 -9.053  1.00 42.53 ? 160 LYS A CB  1 
ATOM   1202 C CG  . LYS A 1 160 ? 5.436   -11.943 -9.481  1.00 45.50 ? 160 LYS A CG  1 
ATOM   1203 C CD  . LYS A 1 160 ? 4.280   -11.587 -10.431 1.00 48.23 ? 160 LYS A CD  1 
ATOM   1204 C CE  . LYS A 1 160 ? 3.384   -10.468 -9.833  1.00 50.61 ? 160 LYS A CE  1 
ATOM   1205 N NZ  . LYS A 1 160 ? 2.227   -10.031 -10.698 1.00 51.45 ? 160 LYS A NZ  1 
ATOM   1206 N N   . ARG A 1 161 ? 9.040   -9.706  -9.066  1.00 45.20 ? 161 ARG A N   1 
ATOM   1207 C CA  . ARG A 1 161 ? 10.365  -9.606  -9.668  1.00 46.86 ? 161 ARG A CA  1 
ATOM   1208 C C   . ARG A 1 161 ? 11.460  -10.048 -8.704  1.00 48.28 ? 161 ARG A C   1 
ATOM   1209 O O   . ARG A 1 161 ? 12.403  -10.721 -9.102  1.00 48.53 ? 161 ARG A O   1 
ATOM   1210 C CB  . ARG A 1 161 ? 10.618  -8.179  -10.113 1.00 47.55 ? 161 ARG A CB  1 
ATOM   1211 N N   . LEU A 1 162 ? 11.350  -9.644  -7.442  1.00 49.53 ? 162 LEU A N   1 
ATOM   1212 C CA  . LEU A 1 162 ? 12.322  -10.024 -6.423  1.00 50.51 ? 162 LEU A CA  1 
ATOM   1213 C C   . LEU A 1 162 ? 12.226  -11.518 -6.174  1.00 51.85 ? 162 LEU A C   1 
ATOM   1214 O O   . LEU A 1 162 ? 13.202  -12.167 -5.811  1.00 52.89 ? 162 LEU A O   1 
ATOM   1215 C CB  . LEU A 1 162 ? 12.036  -9.297  -5.108  1.00 49.51 ? 162 LEU A CB  1 
ATOM   1216 C CG  . LEU A 1 162 ? 12.575  -7.887  -4.911  1.00 49.48 ? 162 LEU A CG  1 
ATOM   1217 C CD1 . LEU A 1 162 ? 12.130  -7.358  -3.549  1.00 48.82 ? 162 LEU A CD1 1 
ATOM   1218 C CD2 . LEU A 1 162 ? 14.093  -7.918  -4.979  1.00 49.68 ? 162 LEU A CD2 1 
ATOM   1219 N N   . THR A 1 163 ? 11.020  -12.043 -6.351  1.00 52.93 ? 163 THR A N   1 
ATOM   1220 C CA  . THR A 1 163 ? 10.726  -13.455 -6.159  1.00 53.70 ? 163 THR A CA  1 
ATOM   1221 C C   . THR A 1 163 ? 11.120  -14.270 -7.385  1.00 53.92 ? 163 THR A C   1 
ATOM   1222 O O   . THR A 1 163 ? 12.049  -15.057 -7.328  1.00 53.67 ? 163 THR A O   1 
ATOM   1223 C CB  . THR A 1 163 ? 9.213   -13.654 -5.872  1.00 52.99 ? 163 THR A CB  1 
ATOM   1224 O OG1 . THR A 1 163 ? 8.937   -13.289 -4.513  1.00 53.71 ? 163 THR A OG1 1 
ATOM   1225 C CG2 . THR A 1 163 ? 8.786   -15.094 -6.125  1.00 53.80 ? 163 THR A CG2 1 
ATOM   1226 N N   . LYS A 1 164 ? 10.399  -14.099 -8.487  1.00 56.05 ? 164 LYS A N   1 
ATOM   1227 C CA  . LYS A 1 164 ? 10.712  -14.844 -9.713  1.00 57.52 ? 164 LYS A CA  1 
ATOM   1228 C C   . LYS A 1 164 ? 12.116  -14.506 -10.226 1.00 57.89 ? 164 LYS A C   1 
ATOM   1229 O O   . LYS A 1 164 ? 12.250  -14.158 -11.423 1.00 58.46 ? 164 LYS A O   1 
ATOM   1230 C CB  . LYS A 1 164 ? 9.680   -14.551 -10.815 1.00 58.67 ? 164 LYS A CB  1 
ATOM   1231 C CG  . LYS A 1 164 ? 8.355   -15.336 -10.712 1.00 61.62 ? 164 LYS A CG  1 
ATOM   1232 C CD  . LYS A 1 164 ? 7.547   -14.954 -9.465  1.00 62.65 ? 164 LYS A CD  1 
ATOM   1233 C CE  . LYS A 1 164 ? 6.172   -15.612 -9.435  1.00 62.77 ? 164 LYS A CE  1 
ATOM   1234 N NZ  . LYS A 1 164 ? 5.465   -15.330 -8.143  1.00 63.00 ? 164 LYS A NZ  1 
HETATM 1235 S S   . SO4 B 2 .   ? 2.828   -17.901 -8.152  1.00 89.92 ? 201 SO4 A S   1 
HETATM 1236 O O1  . SO4 B 2 .   ? 2.281   -16.983 -9.170  1.00 90.02 ? 201 SO4 A O1  1 
HETATM 1237 O O2  . SO4 B 2 .   ? 4.170   -18.341 -8.589  1.00 89.77 ? 201 SO4 A O2  1 
HETATM 1238 O O3  . SO4 B 2 .   ? 1.939   -19.072 -8.004  1.00 89.60 ? 201 SO4 A O3  1 
HETATM 1239 O O4  . SO4 B 2 .   ? 2.924   -17.197 -6.859  1.00 89.43 ? 201 SO4 A O4  1 
HETATM 1240 S S   . SO4 C 2 .   ? -11.456 -14.730 3.049   1.00 59.37 ? 202 SO4 A S   1 
HETATM 1241 O O1  . SO4 C 2 .   ? -10.521 -15.117 1.971   1.00 61.20 ? 202 SO4 A O1  1 
HETATM 1242 O O2  . SO4 C 2 .   ? -11.082 -13.396 3.574   1.00 58.78 ? 202 SO4 A O2  1 
HETATM 1243 O O3  . SO4 C 2 .   ? -11.425 -15.734 4.130   1.00 60.42 ? 202 SO4 A O3  1 
HETATM 1244 O O4  . SO4 C 2 .   ? -12.814 -14.705 2.491   1.00 59.39 ? 202 SO4 A O4  1 
HETATM 1245 O O   . HOH D 3 .   ? 7.532   -19.471 0.914   1.00 23.35 ? 301 HOH A O   1 
HETATM 1246 O O   . HOH D 3 .   ? -14.211 15.837  1.727   1.00 40.69 ? 302 HOH A O   1 
HETATM 1247 O O   . HOH D 3 .   ? -2.891  -11.253 4.983   1.00 41.79 ? 304 HOH A O   1 
HETATM 1248 O O   . HOH D 3 .   ? 9.342   -6.113  10.550  1.00 42.11 ? 305 HOH A O   1 
HETATM 1249 O O   . HOH D 3 .   ? 17.118  -20.219 0.610   1.00 34.04 ? 306 HOH A O   1 
HETATM 1250 O O   . HOH D 3 .   ? -3.199  -15.508 -0.194  1.00 32.35 ? 307 HOH A O   1 
HETATM 1251 O O   . HOH D 3 .   ? 5.561   -1.244  11.141  1.00 33.40 ? 308 HOH A O   1 
HETATM 1252 O O   . HOH D 3 .   ? -7.339  -12.268 7.280   1.00 43.87 ? 309 HOH A O   1 
HETATM 1253 O O   . HOH D 3 .   ? -10.890 -1.115  -5.039  1.00 44.93 ? 310 HOH A O   1 
HETATM 1254 O O   . HOH D 3 .   ? 2.515   -6.007  -2.032  1.00 26.25 ? 311 HOH A O   1 
HETATM 1255 O O   . HOH D 3 .   ? -0.506  -7.558  -8.911  1.00 34.65 ? 312 HOH A O   1 
HETATM 1256 O O   . HOH D 3 .   ? -1.016  -11.623 -7.862  1.00 44.49 ? 314 HOH A O   1 
HETATM 1257 O O   . HOH D 3 .   ? -6.643  -8.697  12.561  1.00 47.36 ? 316 HOH A O   1 
HETATM 1258 O O   . HOH D 3 .   ? 0.733   5.374   11.880  1.00 51.52 ? 402 HOH A O   1 
HETATM 1259 O O   . HOH D 3 .   ? -15.432 -5.753  9.013   1.00 41.28 ? 403 HOH A O   1 
HETATM 1260 O O   . HOH D 3 .   ? 13.494  0.733   2.571   1.00 30.77 ? 404 HOH A O   1 
HETATM 1261 O O   . HOH D 3 .   ? -13.235 9.834   8.198   1.00 31.32 ? 408 HOH A O   1 
HETATM 1262 O O   . HOH D 3 .   ? 9.014   -13.783 9.462   1.00 27.08 ? 414 HOH A O   1 
HETATM 1263 O O   . HOH D 3 .   ? -4.696  -10.705 7.869   1.00 39.17 ? 419 HOH A O   1 
HETATM 1264 O O   . HOH D 3 .   ? 6.169   -6.850  13.980  1.00 46.94 ? 423 HOH A O   1 
HETATM 1265 O O   . HOH D 3 .   ? 10.468  -0.732  9.946   1.00 49.25 ? 426 HOH A O   1 
HETATM 1266 O O   . HOH D 3 .   ? -2.566  8.341   14.245  1.00 35.25 ? 427 HOH A O   1 
HETATM 1267 O O   . HOH D 3 .   ? 2.011   10.384  9.134   1.00 52.79 ? 428 HOH A O   1 
HETATM 1268 O O   . HOH D 3 .   ? -23.027 -1.250  2.911   1.00 53.27 ? 431 HOH A O   1 
HETATM 1269 O O   . HOH D 3 .   ? 15.844  -18.342 2.792   1.00 35.26 ? 432 HOH A O   1 
HETATM 1270 O O   . HOH D 3 .   ? -14.957 0.600   -5.287  1.00 44.26 ? 437 HOH A O   1 
HETATM 1271 O O   . HOH D 3 .   ? 0.233   -10.611 4.939   1.00 33.95 ? 438 HOH A O   1 
HETATM 1272 O O   . HOH D 3 .   ? -1.155  7.433   -8.831  1.00 51.21 ? 439 HOH A O   1 
HETATM 1273 O O   . HOH D 3 .   ? -12.335 5.442   7.174   1.00 38.33 ? 440 HOH A O   1 
HETATM 1274 O O   . HOH D 3 .   ? -10.582 6.389   9.608   1.00 44.63 ? 444 HOH A O   1 
HETATM 1275 O O   . HOH D 3 .   ? -8.811  7.240   -5.949  1.00 47.06 ? 445 HOH A O   1 
HETATM 1276 O O   . HOH D 3 .   ? 10.718  -10.127 11.318  1.00 35.83 ? 450 HOH A O   1 
HETATM 1277 O O   . HOH D 3 .   ? 0.410   -5.855  0.352   1.00 27.82 ? 453 HOH A O   1 
HETATM 1278 O O   . HOH D 3 .   ? -16.562 -0.994  4.659   1.00 49.23 ? 464 HOH A O   1 
HETATM 1279 O O   . HOH D 3 .   ? 20.662  2.463   -10.448 1.00 57.42 ? 468 HOH A O   1 
HETATM 1280 O O   . HOH D 3 .   ? 13.753  -17.430 9.783   1.00 50.43 ? 470 HOH A O   1 
HETATM 1281 O O   . HOH D 3 .   ? -14.119 6.073   4.518   1.00 39.89 ? 475 HOH A O   1 
HETATM 1282 O O   . HOH D 3 .   ? 5.370   8.661   -13.715 1.00 51.05 ? 477 HOH A O   1 
HETATM 1283 O O   . HOH D 3 .   ? 0.489   7.377   -12.747 1.00 62.94 ? 479 HOH A O   1 
HETATM 1284 O O   . HOH D 3 .   ? -12.167 9.051   10.820  1.00 39.02 ? 486 HOH A O   1 
HETATM 1285 O O   . HOH D 3 .   ? 16.755  -15.515 5.297   1.00 48.69 ? 489 HOH A O   1 
HETATM 1286 O O   . HOH D 3 .   ? -19.502 10.951  3.868   1.00 47.97 ? 493 HOH A O   1 
HETATM 1287 O O   . HOH D 3 .   ? 5.504   -17.029 9.300   1.00 66.10 ? 497 HOH A O   1 
HETATM 1288 O O   . HOH D 3 .   ? 3.510   12.772  5.987   1.00 62.96 ? 502 HOH A O   1 
HETATM 1289 O O   . HOH D 3 .   ? 2.806   15.751  5.773   1.00 60.84 ? 503 HOH A O   1 
HETATM 1290 O O   . HOH D 3 .   ? -3.877  8.616   -8.877  1.00 43.84 ? 505 HOH A O   1 
HETATM 1291 O O   . HOH D 3 .   ? -1.605  16.467  -2.357  1.00 55.74 ? 508 HOH A O   1 
HETATM 1292 O O   . HOH D 3 .   ? 4.859   9.782   5.194   1.00 67.62 ? 511 HOH A O   1 
HETATM 1293 O O   . HOH D 3 .   ? -9.683  10.053  9.944   1.00 35.91 ? 515 HOH A O   1 
HETATM 1294 O O   . HOH D 3 .   ? 14.938  -6.203  11.089  1.00 55.55 ? 536 HOH A O   1 
HETATM 1295 O O   . HOH D 3 .   ? 8.394   9.740   -15.208 1.00 54.83 ? 540 HOH A O   1 
HETATM 1296 O O   . HOH D 3 .   ? 17.412  1.715   -3.140  1.00 48.07 ? 542 HOH A O   1 
HETATM 1297 O O   . HOH D 3 .   ? 13.106  12.043  0.763   1.00 61.90 ? 544 HOH A O   1 
HETATM 1298 O O   . HOH D 3 .   ? -18.292 0.321   11.364  1.00 45.61 ? 545 HOH A O   1 
HETATM 1299 O O   . HOH D 3 .   ? -6.015  -1.102  18.233  1.00 60.01 ? 548 HOH A O   1 
HETATM 1300 O O   . HOH D 3 .   ? -7.738  -3.505  17.733  1.00 67.61 ? 549 HOH A O   1 
HETATM 1301 O O   . HOH D 3 .   ? -12.081 -11.414 6.554   1.00 44.15 ? 552 HOH A O   1 
HETATM 1302 O O   . HOH D 3 .   ? -16.958 12.509  3.473   1.00 48.65 ? 556 HOH A O   1 
HETATM 1303 O O   . HOH D 3 .   ? -3.395  -16.907 -2.967  1.00 50.46 ? 560 HOH A O   1 
HETATM 1304 O O   . HOH D 3 .   ? 12.405  1.291   8.900   1.00 47.59 ? 561 HOH A O   1 
HETATM 1305 O O   . HOH D 3 .   ? -20.202 -6.846  14.978  1.00 38.38 ? 564 HOH A O   1 
HETATM 1306 O O   . HOH D 3 .   ? 18.980  -13.603 6.032   1.00 54.99 ? 565 HOH A O   1 
HETATM 1307 O O   . HOH D 3 .   ? 5.994   16.541  -7.071  1.00 55.85 ? 566 HOH A O   1 
HETATM 1308 O O   . HOH D 3 .   ? -3.086  1.624   19.087  1.00 52.89 ? 571 HOH A O   1 
HETATM 1309 O O   . HOH D 3 .   ? -15.257 18.722  0.646   1.00 56.91 ? 573 HOH A O   1 
HETATM 1310 O O   . HOH D 3 .   ? 4.282   8.228   8.929   1.00 56.67 ? 574 HOH A O   1 
HETATM 1311 O O   . HOH D 3 .   ? -3.270  -15.308 3.489   1.00 55.90 ? 575 HOH A O   1 
HETATM 1312 O O   . HOH D 3 .   ? -3.136  -1.886  17.401  1.00 62.10 ? 585 HOH A O   1 
HETATM 1313 O O   . HOH D 3 .   ? 7.191   8.184   7.595   1.00 61.41 ? 594 HOH A O   1 
HETATM 1314 O O   . HOH D 3 .   ? 2.820   6.973   12.098  1.00 58.77 ? 596 HOH A O   1 
HETATM 1315 O O   . HOH D 3 .   ? -13.214 18.257  3.515   1.00 54.70 ? 601 HOH A O   1 
HETATM 1316 O O   . HOH D 3 .   ? 16.417  -17.269 8.045   1.00 64.10 ? 626 HOH A O   1 
HETATM 1317 O O   . HOH D 3 .   ? -21.007 -1.982  4.882   1.00 50.03 ? 632 HOH A O   1 
HETATM 1318 O O   . HOH D 3 .   ? -5.949  -14.844 -0.733  1.00 42.94 ? 634 HOH A O   1 
HETATM 1319 O O   . HOH D 3 .   ? 15.358  -8.920  -12.464 1.00 52.90 ? 639 HOH A O   1 
HETATM 1320 O O   . HOH D 3 .   ? -1.852  -4.639  13.182  1.00 44.98 ? 640 HOH A O   1 
HETATM 1321 O O   . HOH D 3 .   ? -1.570  -16.342 9.654   1.00 65.91 ? 650 HOH A O   1 
HETATM 1322 O O   . HOH D 3 .   ? -18.115 0.895   7.573   1.00 60.74 ? 651 HOH A O   1 
HETATM 1323 O O   . HOH D 3 .   ? 4.291   9.523   12.789  1.00 55.03 ? 657 HOH A O   1 
HETATM 1324 O O   . HOH D 3 .   ? -1.044  -19.122 -7.502  1.00 48.06 ? 662 HOH A O   1 
HETATM 1325 O O   . HOH D 3 .   ? 11.340  7.817   -9.856  1.00 59.05 ? 664 HOH A O   1 
HETATM 1326 O O   . HOH D 3 .   ? -2.615  3.280   -12.378 1.00 50.98 ? 666 HOH A O   1 
HETATM 1327 O O   . HOH D 3 .   ? -6.112  -11.153 10.990  1.00 44.56 ? 675 HOH A O   1 
HETATM 1328 O O   . HOH D 3 .   ? -0.005  13.438  -10.979 1.00 59.81 ? 676 HOH A O   1 
HETATM 1329 O O   . HOH D 3 .   ? -4.462  -12.744 12.500  1.00 48.76 ? 684 HOH A O   1 
HETATM 1330 O O   . HOH D 3 .   ? 16.120  3.957   -10.445 1.00 55.31 ? 687 HOH A O   1 
HETATM 1331 O O   . HOH D 3 .   ? -7.996  -13.536 10.145  1.00 59.07 ? 717 HOH A O   1 
# 
